data_5Q0B
#
_entry.id   5Q0B
#
_cell.length_a   67.471
_cell.length_b   83.093
_cell.length_c   276.415
_cell.angle_alpha   90.000
_cell.angle_beta   90.000
_cell.angle_gamma   90.000
#
_symmetry.space_group_name_H-M   'P 21 21 21'
#
loop_
_entity.id
_entity.type
_entity.pdbx_description
1 polymer 'Fructose-1,6-bisphosphatase 1'
2 non-polymer N-[(4-bromo-3-methyl-1,2-thiazol-5-yl)carbamoyl]-3-methylbenzene-1-sulfonamide
3 water water
#
_entity_poly.entity_id   1
_entity_poly.type   'polypeptide(L)'
_entity_poly.pdbx_seq_one_letter_code
;MADQAPFDTDVNTLTRFVMEEGRKARGTGELTQLLNSLCTAVKAISSAVRKAGIAHLYGIAGSTNVTGDQVKKLDVLSND
LVMNMLKSSFATCVLVSEEDKHAIIVEPEKRGKYVVCFDPLDGSSNIDCLVSVGTIFGIYRKKSTDEPSEKDALQPGRNL
VAAGYALYGSATMLVLAMDCGVNCFMLDPAIGEFILVDKDVKIKKKGKIYSLNEGYAKDFDPAVTEYIQRKKFPPDNSAP
YGARYVGSMVADVHRTLVYGGIFLYPANKKSPNGKLRLLYECNPMAYVMEKAGGMATTGKEAVLDVIPTDIHQRAPVILG
SPDDVLEFLKVYEKHSAQ
;
_entity_poly.pdbx_strand_id   A,B,C,D
#
loop_
_chem_comp.id
_chem_comp.type
_chem_comp.name
_chem_comp.formula
96J non-polymer N-[(4-bromo-3-methyl-1,2-thiazol-5-yl)carbamoyl]-3-methylbenzene-1-sulfonamide 'C12 H12 Br N3 O3 S2'
#
# COMPACT_ATOMS: atom_id res chain seq x y z
N ASP A 10 5.70 25.70 -0.08
CA ASP A 10 6.18 24.56 0.70
C ASP A 10 5.10 23.49 0.93
N VAL A 11 5.48 22.22 0.79
CA VAL A 11 4.56 21.14 1.13
C VAL A 11 4.19 21.23 2.60
N ASN A 12 2.96 20.88 2.91
CA ASN A 12 2.50 20.92 4.29
C ASN A 12 1.67 19.67 4.57
N THR A 13 1.92 19.07 5.72
CA THR A 13 1.18 17.89 6.16
C THR A 13 0.24 18.28 7.30
N LEU A 14 -0.76 17.42 7.52
CA LEU A 14 -1.66 17.62 8.64
C LEU A 14 -0.90 17.70 9.97
N THR A 15 0.06 16.80 10.18
CA THR A 15 0.84 16.80 11.41
C THR A 15 1.56 18.13 11.60
N ARG A 16 2.28 18.57 10.57
CA ARG A 16 3.02 19.83 10.68
C ARG A 16 2.06 21.02 10.83
N PHE A 17 0.96 21.01 10.08
CA PHE A 17 -0.01 22.10 10.13
C PHE A 17 -0.63 22.23 11.52
N VAL A 18 -1.09 21.12 12.09
CA VAL A 18 -1.75 21.17 13.38
C VAL A 18 -0.77 21.64 14.44
N MET A 19 0.46 21.12 14.40
CA MET A 19 1.47 21.49 15.37
C MET A 19 1.78 22.98 15.27
N GLU A 20 1.77 23.53 14.04
CA GLU A 20 2.04 24.95 13.89
C GLU A 20 0.88 25.81 14.42
N GLU A 21 -0.38 25.39 14.22
CA GLU A 21 -1.48 26.11 14.85
C GLU A 21 -1.38 26.03 16.37
N GLY A 22 -0.95 24.87 16.90
CA GLY A 22 -0.80 24.74 18.34
C GLY A 22 0.29 25.64 18.89
N ARG A 23 1.45 25.70 18.23
CA ARG A 23 2.54 26.57 18.67
C ARG A 23 2.10 28.02 18.72
N LYS A 24 1.36 28.48 17.70
CA LYS A 24 0.93 29.88 17.67
C LYS A 24 -0.03 30.17 18.82
N ALA A 25 -0.90 29.22 19.17
CA ALA A 25 -1.86 29.42 20.24
C ALA A 25 -1.28 29.21 21.63
N ARG A 26 -0.15 28.51 21.74
CA ARG A 26 0.51 28.26 23.02
C ARG A 26 -0.41 27.52 23.99
N GLY A 27 -1.16 26.54 23.48
CA GLY A 27 -1.94 25.67 24.33
C GLY A 27 -1.08 24.60 24.98
N THR A 28 -1.75 23.73 25.75
CA THR A 28 -1.09 22.63 26.46
C THR A 28 -0.64 21.49 25.55
N GLY A 29 -1.02 21.50 24.27
CA GLY A 29 -0.68 20.40 23.39
C GLY A 29 -1.67 19.26 23.37
N GLU A 30 -2.67 19.25 24.25
CA GLU A 30 -3.63 18.15 24.26
C GLU A 30 -4.43 18.12 22.96
N LEU A 31 -4.93 19.27 22.51
CA LEU A 31 -5.69 19.29 21.27
C LEU A 31 -4.87 18.75 20.10
N THR A 32 -3.57 19.09 20.05
CA THR A 32 -2.71 18.56 18.99
C THR A 32 -2.58 17.04 19.08
N GLN A 33 -2.40 16.52 20.30
CA GLN A 33 -2.33 15.07 20.46
C GLN A 33 -3.66 14.41 20.10
N LEU A 34 -4.78 15.04 20.45
CA LEU A 34 -6.07 14.49 20.05
C LEU A 34 -6.17 14.38 18.54
N LEU A 35 -5.79 15.45 17.83
CA LEU A 35 -5.90 15.46 16.38
C LEU A 35 -4.92 14.50 15.71
N ASN A 36 -3.71 14.32 16.29
CA ASN A 36 -2.79 13.29 15.80
C ASN A 36 -3.40 11.89 15.94
N SER A 37 -4.01 11.61 17.10
CA SER A 37 -4.62 10.30 17.31
C SER A 37 -5.75 10.05 16.33
N LEU A 38 -6.59 11.05 16.12
CA LEU A 38 -7.68 10.93 15.18
C LEU A 38 -7.15 10.68 13.78
N CYS A 39 -6.13 11.44 13.38
CA CYS A 39 -5.54 11.25 12.07
C CYS A 39 -5.07 9.80 11.89
N THR A 40 -4.43 9.23 12.91
CA THR A 40 -4.01 7.84 12.83
C THR A 40 -5.20 6.92 12.64
N ALA A 41 -6.27 7.15 13.41
CA ALA A 41 -7.47 6.32 13.31
C ALA A 41 -8.08 6.38 11.91
N VAL A 42 -8.14 7.58 11.32
CA VAL A 42 -8.70 7.75 9.98
C VAL A 42 -7.87 6.99 8.95
N LYS A 43 -6.55 7.04 9.05
CA LYS A 43 -5.73 6.26 8.14
C LYS A 43 -6.01 4.77 8.26
N ALA A 44 -6.23 4.28 9.48
CA ALA A 44 -6.54 2.86 9.65
C ALA A 44 -7.93 2.52 9.13
N ILE A 45 -8.88 3.43 9.32
CA ILE A 45 -10.21 3.19 8.79
C ILE A 45 -10.15 3.13 7.27
N SER A 46 -9.44 4.08 6.67
CA SER A 46 -9.29 4.13 5.21
C SER A 46 -8.71 2.84 4.68
N SER A 47 -7.63 2.36 5.31
CA SER A 47 -7.03 1.11 4.90
C SER A 47 -8.04 -0.03 4.96
N ALA A 48 -8.83 -0.11 6.04
CA ALA A 48 -9.82 -1.19 6.14
C ALA A 48 -10.96 -1.00 5.15
N VAL A 49 -11.42 0.24 4.99
CA VAL A 49 -12.51 0.53 4.04
C VAL A 49 -12.11 0.18 2.61
N ARG A 50 -10.86 0.47 2.23
CA ARG A 50 -10.35 0.07 0.92
C ARG A 50 -10.10 -1.45 0.82
N LYS A 51 -10.36 -2.20 1.89
CA LYS A 51 -10.34 -3.66 1.90
C LYS A 51 -8.92 -4.23 1.89
N ALA A 52 -7.96 -3.51 2.47
CA ALA A 52 -6.64 -4.09 2.69
C ALA A 52 -6.76 -5.37 3.50
N GLY A 53 -6.20 -6.47 2.99
CA GLY A 53 -6.23 -7.74 3.70
C GLY A 53 -7.48 -8.57 3.49
N ILE A 54 -8.39 -8.16 2.61
CA ILE A 54 -9.61 -8.91 2.40
C ILE A 54 -9.34 -10.32 1.85
N ALA A 55 -8.20 -10.52 1.18
CA ALA A 55 -7.87 -11.86 0.70
C ALA A 55 -7.82 -12.86 1.86
N HIS A 56 -7.35 -12.43 3.03
CA HIS A 56 -7.29 -13.34 4.18
C HIS A 56 -8.67 -13.78 4.64
N LEU A 57 -9.67 -12.90 4.54
CA LEU A 57 -11.03 -13.30 4.87
C LEU A 57 -11.55 -14.34 3.92
N TYR A 58 -11.03 -14.36 2.69
CA TYR A 58 -11.51 -15.27 1.68
C TYR A 58 -10.62 -16.47 1.54
N GLY A 59 -9.74 -16.70 2.50
CA GLY A 59 -9.05 -17.96 2.62
C GLY A 59 -7.71 -18.09 1.94
N ILE A 60 -7.05 -16.97 1.60
CA ILE A 60 -5.76 -17.07 0.91
C ILE A 60 -4.73 -17.83 1.73
N ALA A 61 -4.82 -17.76 3.07
CA ALA A 61 -3.91 -18.51 3.92
C ALA A 61 -4.58 -19.69 4.58
N GLY A 62 -5.69 -20.16 4.04
CA GLY A 62 -6.43 -21.24 4.66
C GLY A 62 -7.48 -20.73 5.63
N SER A 63 -8.26 -21.67 6.16
CA SER A 63 -9.31 -21.35 7.14
C SER A 63 -8.75 -21.41 8.56
N THR A 64 -7.71 -20.61 8.78
CA THR A 64 -7.02 -20.55 10.07
C THR A 64 -6.50 -19.15 10.34
N ASN A 65 -5.87 -18.54 9.34
CA ASN A 65 -5.17 -17.28 9.53
C ASN A 65 -6.07 -16.12 9.12
N VAL A 66 -7.12 -15.95 9.91
CA VAL A 66 -7.92 -14.72 9.93
C VAL A 66 -7.94 -14.22 11.37
N THR A 67 -7.69 -12.93 11.55
CA THR A 67 -7.52 -12.35 12.88
C THR A 67 -8.84 -11.77 13.40
N GLY A 68 -8.81 -11.36 14.67
CA GLY A 68 -10.01 -10.81 15.30
C GLY A 68 -10.49 -9.55 14.63
N ASP A 69 -9.58 -8.61 14.38
CA ASP A 69 -9.96 -7.35 13.75
C ASP A 69 -10.44 -7.55 12.31
N GLN A 70 -9.90 -8.56 11.61
CA GLN A 70 -10.25 -8.76 10.21
C GLN A 70 -11.68 -9.29 10.06
N VAL A 71 -12.19 -10.02 11.05
CA VAL A 71 -13.56 -10.52 10.94
C VAL A 71 -14.60 -9.48 11.32
N LYS A 72 -14.22 -8.41 12.03
CA LYS A 72 -15.19 -7.43 12.49
C LYS A 72 -15.77 -6.66 11.32
N LYS A 73 -17.08 -6.42 11.37
CA LYS A 73 -17.69 -5.50 10.42
C LYS A 73 -17.03 -4.12 10.54
N LEU A 74 -17.06 -3.38 9.42
CA LEU A 74 -16.27 -2.15 9.34
C LEU A 74 -16.73 -1.07 10.30
N ASP A 75 -18.03 -0.99 10.60
CA ASP A 75 -18.47 0.07 11.48
C ASP A 75 -18.10 -0.21 12.93
N VAL A 76 -18.01 -1.50 13.30
CA VAL A 76 -17.50 -1.88 14.60
C VAL A 76 -16.01 -1.59 14.70
N LEU A 77 -15.25 -2.00 13.67
CA LEU A 77 -13.81 -1.76 13.64
C LEU A 77 -13.50 -0.27 13.69
N SER A 78 -14.20 0.52 12.88
CA SER A 78 -13.99 1.98 12.87
C SER A 78 -14.26 2.57 14.25
N ASN A 79 -15.34 2.14 14.89
CA ASN A 79 -15.63 2.62 16.23
C ASN A 79 -14.51 2.26 17.20
N ASP A 80 -14.01 1.03 17.10
CA ASP A 80 -12.91 0.59 17.96
C ASP A 80 -11.65 1.41 17.72
N LEU A 81 -11.33 1.69 16.44
CA LEU A 81 -10.16 2.52 16.12
C LEU A 81 -10.29 3.91 16.71
N VAL A 82 -11.41 4.59 16.44
CA VAL A 82 -11.57 5.96 16.95
C VAL A 82 -11.56 5.96 18.47
N MET A 83 -12.36 5.07 19.08
CA MET A 83 -12.40 4.98 20.54
C MET A 83 -11.02 4.81 21.14
N ASN A 84 -10.27 3.81 20.65
CA ASN A 84 -8.99 3.50 21.28
C ASN A 84 -7.96 4.58 21.03
N MET A 85 -7.93 5.15 19.82
CA MET A 85 -6.95 6.20 19.53
C MET A 85 -7.25 7.46 20.36
N LEU A 86 -8.53 7.81 20.52
CA LEU A 86 -8.85 8.98 21.35
C LEU A 86 -8.52 8.73 22.82
N LYS A 87 -8.89 7.56 23.35
CA LYS A 87 -8.55 7.24 24.74
C LYS A 87 -7.06 7.38 24.98
N SER A 88 -6.25 6.80 24.08
CA SER A 88 -4.81 6.80 24.28
C SER A 88 -4.16 8.15 23.99
N SER A 89 -4.92 9.14 23.50
CA SER A 89 -4.34 10.47 23.29
C SER A 89 -4.11 11.20 24.60
N PHE A 90 -4.75 10.76 25.68
CA PHE A 90 -4.76 11.44 26.98
C PHE A 90 -5.34 12.84 26.91
N ALA A 91 -6.16 13.13 25.89
CA ALA A 91 -6.71 14.48 25.69
C ALA A 91 -8.22 14.53 25.87
N THR A 92 -8.87 13.39 26.15
CA THR A 92 -10.32 13.33 26.19
C THR A 92 -10.82 12.79 27.53
N CYS A 93 -12.08 13.12 27.85
CA CYS A 93 -12.68 12.65 29.09
C CYS A 93 -14.05 12.06 28.84
N VAL A 94 -14.73 12.48 27.78
CA VAL A 94 -16.06 11.99 27.43
C VAL A 94 -16.13 11.77 25.92
N LEU A 95 -16.57 10.58 25.51
CA LEU A 95 -16.64 10.19 24.11
C LEU A 95 -18.05 9.76 23.78
N VAL A 96 -18.63 10.38 22.75
CA VAL A 96 -19.95 10.04 22.26
C VAL A 96 -19.81 9.50 20.84
N SER A 97 -20.33 8.31 20.63
CA SER A 97 -20.29 7.68 19.32
C SER A 97 -21.70 7.30 18.89
N GLU A 98 -21.96 7.38 17.59
CA GLU A 98 -23.18 6.84 17.02
C GLU A 98 -23.40 5.37 17.40
N GLU A 99 -22.34 4.65 17.71
CA GLU A 99 -22.45 3.22 17.98
C GLU A 99 -22.83 2.88 19.42
N ASP A 100 -22.81 3.83 20.34
CA ASP A 100 -22.95 3.52 21.76
C ASP A 100 -24.10 4.31 22.36
N LYS A 101 -25.02 3.61 23.03
CA LYS A 101 -26.17 4.26 23.63
C LYS A 101 -25.75 5.33 24.64
N HIS A 102 -24.77 5.01 25.48
CA HIS A 102 -24.31 5.91 26.52
C HIS A 102 -22.93 6.46 26.17
N ALA A 103 -22.63 7.64 26.69
CA ALA A 103 -21.31 8.22 26.53
C ALA A 103 -20.26 7.37 27.23
N ILE A 104 -19.08 7.30 26.63
CA ILE A 104 -17.93 6.65 27.26
C ILE A 104 -17.20 7.70 28.09
N ILE A 105 -16.98 7.37 29.35
CA ILE A 105 -16.19 8.21 30.25
C ILE A 105 -14.79 7.64 30.26
N VAL A 106 -13.81 8.44 29.85
CA VAL A 106 -12.44 7.95 29.80
C VAL A 106 -11.94 7.68 31.21
N GLU A 107 -11.21 6.58 31.37
CA GLU A 107 -10.71 6.20 32.68
C GLU A 107 -9.77 7.28 33.21
N PRO A 108 -9.72 7.47 34.54
CA PRO A 108 -9.05 8.66 35.10
C PRO A 108 -7.61 8.86 34.65
N GLU A 109 -6.82 7.81 34.59
CA GLU A 109 -5.41 8.02 34.27
C GLU A 109 -5.17 8.40 32.81
N LYS A 110 -6.19 8.41 31.96
CA LYS A 110 -6.03 8.78 30.56
C LYS A 110 -6.83 10.00 30.18
N ARG A 111 -7.36 10.74 31.16
CA ARG A 111 -8.30 11.82 30.89
C ARG A 111 -7.61 13.11 30.46
N GLY A 112 -8.20 13.78 29.49
CA GLY A 112 -7.84 15.13 29.12
C GLY A 112 -9.09 15.99 29.17
N LYS A 113 -9.04 17.19 28.62
CA LYS A 113 -10.10 18.15 28.83
C LYS A 113 -11.15 18.17 27.72
N TYR A 114 -11.01 17.36 26.68
CA TYR A 114 -11.87 17.49 25.52
C TYR A 114 -12.96 16.42 25.50
N VAL A 115 -14.12 16.84 24.99
CA VAL A 115 -15.25 15.97 24.72
C VAL A 115 -15.32 15.81 23.21
N VAL A 116 -15.41 14.56 22.73
CA VAL A 116 -15.46 14.29 21.29
C VAL A 116 -16.73 13.51 20.97
N CYS A 117 -17.50 14.02 20.01
CA CYS A 117 -18.67 13.35 19.46
C CYS A 117 -18.33 12.95 18.04
N PHE A 118 -18.56 11.68 17.70
CA PHE A 118 -18.13 11.24 16.38
C PHE A 118 -19.05 10.17 15.80
N ASP A 119 -19.10 10.15 14.47
CA ASP A 119 -19.75 9.07 13.77
C ASP A 119 -18.64 8.29 13.10
N PRO A 120 -18.28 7.09 13.61
CA PRO A 120 -17.03 6.46 13.16
C PRO A 120 -17.04 6.03 11.70
N LEU A 121 -18.17 5.58 11.18
CA LEU A 121 -18.24 5.19 9.77
C LEU A 121 -19.64 5.54 9.26
N ASP A 122 -19.81 6.83 8.98
CA ASP A 122 -21.10 7.31 8.51
C ASP A 122 -21.36 6.78 7.11
N GLY A 123 -22.61 6.36 6.87
CA GLY A 123 -22.99 5.77 5.60
C GLY A 123 -22.72 4.29 5.45
N SER A 124 -22.20 3.60 6.48
CA SER A 124 -21.75 2.22 6.31
C SER A 124 -22.89 1.23 6.06
N SER A 125 -24.14 1.61 6.29
CA SER A 125 -25.24 0.68 6.03
C SER A 125 -25.24 0.25 4.57
N ASN A 126 -24.86 1.15 3.67
CA ASN A 126 -24.82 0.88 2.24
C ASN A 126 -23.40 0.66 1.72
N ILE A 127 -22.46 0.30 2.60
CA ILE A 127 -21.09 0.07 2.14
C ILE A 127 -21.01 -1.14 1.22
N ASP A 128 -22.03 -1.99 1.21
CA ASP A 128 -22.08 -3.16 0.34
C ASP A 128 -22.17 -2.78 -1.14
N CYS A 129 -22.58 -1.56 -1.46
CA CYS A 129 -22.49 -1.10 -2.84
C CYS A 129 -21.25 -0.24 -3.07
N LEU A 130 -20.34 -0.20 -2.09
CA LEU A 130 -19.07 0.53 -2.19
C LEU A 130 -19.30 2.03 -2.30
N VAL A 131 -20.46 2.48 -1.80
CA VAL A 131 -20.73 3.90 -1.69
C VAL A 131 -19.63 4.57 -0.86
N SER A 132 -19.31 5.81 -1.22
CA SER A 132 -18.50 6.64 -0.35
C SER A 132 -19.02 6.60 1.07
N VAL A 133 -18.11 6.44 2.01
CA VAL A 133 -18.43 6.52 3.43
C VAL A 133 -17.48 7.52 4.06
N GLY A 134 -17.70 7.81 5.34
CA GLY A 134 -16.87 8.80 6.01
C GLY A 134 -16.93 8.71 7.51
N THR A 135 -16.04 9.46 8.14
CA THR A 135 -15.98 9.62 9.59
C THR A 135 -16.25 11.09 9.91
N ILE A 136 -17.15 11.36 10.84
CA ILE A 136 -17.51 12.72 11.23
C ILE A 136 -17.13 12.92 12.68
N PHE A 137 -16.58 14.10 13.01
CA PHE A 137 -16.18 14.33 14.39
C PHE A 137 -16.40 15.79 14.79
N GLY A 138 -16.75 15.98 16.06
CA GLY A 138 -16.84 17.31 16.65
C GLY A 138 -16.19 17.29 18.03
N ILE A 139 -15.39 18.32 18.33
CA ILE A 139 -14.57 18.36 19.53
C ILE A 139 -15.00 19.54 20.40
N TYR A 140 -15.33 19.27 21.65
CA TYR A 140 -15.69 20.30 22.61
C TYR A 140 -14.69 20.30 23.75
N ARG A 141 -14.53 21.46 24.39
CA ARG A 141 -13.85 21.55 25.67
C ARG A 141 -14.88 21.29 26.77
N LYS A 142 -14.55 20.41 27.72
CA LYS A 142 -15.41 20.24 28.88
C LYS A 142 -15.49 21.53 29.69
N LYS A 143 -16.72 21.94 30.00
CA LYS A 143 -17.02 23.23 30.62
C LYS A 143 -17.18 23.17 32.12
N SER A 144 -17.76 22.10 32.66
CA SER A 144 -18.11 22.10 34.07
C SER A 144 -16.98 21.54 34.91
N THR A 145 -17.04 21.82 36.22
CA THR A 145 -16.10 21.28 37.19
C THR A 145 -16.55 19.96 37.79
N ASP A 146 -17.74 19.48 37.44
CA ASP A 146 -18.19 18.17 37.89
C ASP A 146 -17.29 17.07 37.33
N GLU A 147 -17.41 15.89 37.93
CA GLU A 147 -16.80 14.70 37.37
C GLU A 147 -17.34 14.48 35.95
N PRO A 148 -16.50 14.06 35.00
CA PRO A 148 -16.98 14.00 33.61
C PRO A 148 -18.13 13.02 33.48
N SER A 149 -19.09 13.38 32.64
CA SER A 149 -20.30 12.58 32.47
C SER A 149 -20.93 12.95 31.14
N GLU A 150 -21.97 12.19 30.79
CA GLU A 150 -22.67 12.36 29.53
C GLU A 150 -23.12 13.80 29.30
N LYS A 151 -23.46 14.51 30.38
CA LYS A 151 -23.94 15.88 30.27
C LYS A 151 -22.90 16.80 29.65
N ASP A 152 -21.62 16.44 29.74
CA ASP A 152 -20.56 17.27 29.16
C ASP A 152 -20.62 17.32 27.65
N ALA A 153 -21.30 16.38 27.02
CA ALA A 153 -21.47 16.43 25.57
C ALA A 153 -22.72 17.20 25.15
N LEU A 154 -23.57 17.59 26.11
CA LEU A 154 -24.82 18.28 25.78
C LEU A 154 -24.55 19.78 25.62
N GLN A 155 -23.71 20.09 24.66
CA GLN A 155 -23.34 21.47 24.38
C GLN A 155 -23.82 21.86 22.97
N PRO A 156 -24.22 23.11 22.78
CA PRO A 156 -24.57 23.58 21.44
C PRO A 156 -23.36 23.61 20.54
N GLY A 157 -23.61 23.43 19.24
CA GLY A 157 -22.54 23.44 18.26
C GLY A 157 -21.69 24.70 18.26
N ARG A 158 -22.24 25.82 18.77
N ARG A 158 -22.23 25.82 18.76
CA ARG A 158 -21.46 27.04 18.89
CA ARG A 158 -21.41 27.02 18.83
C ARG A 158 -20.22 26.84 19.75
C ARG A 158 -20.26 26.91 19.83
N ASN A 159 -20.25 25.89 20.67
CA ASN A 159 -19.14 25.66 21.59
C ASN A 159 -18.01 24.82 20.99
N LEU A 160 -18.14 24.39 19.74
CA LEU A 160 -17.16 23.49 19.14
C LEU A 160 -15.80 24.16 19.04
N VAL A 161 -14.75 23.42 19.42
CA VAL A 161 -13.38 23.87 19.26
C VAL A 161 -12.86 23.53 17.87
N ALA A 162 -13.30 22.41 17.32
CA ALA A 162 -12.87 21.92 16.01
C ALA A 162 -13.86 20.83 15.60
N ALA A 163 -14.00 20.65 14.30
CA ALA A 163 -14.86 19.61 13.76
C ALA A 163 -14.43 19.34 12.34
N GLY A 164 -14.96 18.25 11.79
CA GLY A 164 -14.68 17.96 10.41
C GLY A 164 -15.03 16.53 10.10
N TYR A 165 -14.48 16.05 9.00
CA TYR A 165 -14.81 14.71 8.57
C TYR A 165 -13.68 14.19 7.71
N ALA A 166 -13.61 12.87 7.61
CA ALA A 166 -12.80 12.22 6.60
C ALA A 166 -13.77 11.58 5.62
N LEU A 167 -13.50 11.75 4.33
CA LEU A 167 -14.31 11.15 3.27
C LEU A 167 -13.50 10.04 2.60
N TYR A 168 -14.01 8.81 2.63
CA TYR A 168 -13.38 7.69 1.93
C TYR A 168 -14.09 7.53 0.59
N GLY A 169 -13.76 8.42 -0.34
CA GLY A 169 -14.34 8.41 -1.66
C GLY A 169 -13.39 7.80 -2.67
N SER A 170 -13.34 8.37 -3.87
CA SER A 170 -12.36 7.91 -4.86
C SER A 170 -10.95 8.04 -4.29
N ALA A 171 -10.71 9.05 -3.46
CA ALA A 171 -9.54 9.17 -2.62
C ALA A 171 -9.99 9.49 -1.20
N THR A 172 -9.08 9.43 -0.24
CA THR A 172 -9.40 9.74 1.13
C THR A 172 -8.97 11.16 1.46
N MET A 173 -9.90 11.96 1.98
CA MET A 173 -9.62 13.34 2.32
C MET A 173 -10.12 13.65 3.71
N LEU A 174 -9.31 14.39 4.46
CA LEU A 174 -9.71 14.91 5.75
C LEU A 174 -9.97 16.41 5.60
N VAL A 175 -11.18 16.82 5.96
CA VAL A 175 -11.57 18.22 5.99
C VAL A 175 -11.61 18.63 7.46
N LEU A 176 -10.78 19.62 7.82
CA LEU A 176 -10.63 20.03 9.21
C LEU A 176 -11.02 21.50 9.35
N ALA A 177 -12.00 21.77 10.21
CA ALA A 177 -12.47 23.11 10.48
C ALA A 177 -12.08 23.50 11.90
N MET A 178 -11.45 24.66 12.04
CA MET A 178 -11.18 25.27 13.34
C MET A 178 -11.49 26.76 13.23
N ASP A 179 -11.15 27.53 14.27
CA ASP A 179 -11.35 28.97 14.19
C ASP A 179 -10.62 29.58 13.00
N CYS A 180 -9.45 29.04 12.64
CA CYS A 180 -8.72 29.56 11.49
C CYS A 180 -9.38 29.24 10.15
N GLY A 181 -10.50 28.52 10.12
CA GLY A 181 -11.15 28.19 8.87
C GLY A 181 -11.09 26.71 8.53
N VAL A 182 -11.33 26.41 7.27
CA VAL A 182 -11.47 25.03 6.77
C VAL A 182 -10.29 24.70 5.89
N ASN A 183 -9.68 23.56 6.14
CA ASN A 183 -8.55 23.11 5.34
C ASN A 183 -8.75 21.65 4.95
N CYS A 184 -8.36 21.32 3.73
CA CYS A 184 -8.59 20.00 3.15
C CYS A 184 -7.26 19.32 2.91
N PHE A 185 -7.15 18.09 3.39
CA PHE A 185 -5.93 17.31 3.33
C PHE A 185 -6.20 16.00 2.59
N MET A 186 -5.38 15.74 1.58
CA MET A 186 -5.51 14.52 0.81
C MET A 186 -4.61 13.46 1.42
N LEU A 187 -5.16 12.27 1.67
CA LEU A 187 -4.35 11.17 2.17
C LEU A 187 -3.53 10.61 1.02
N ASP A 188 -2.20 10.64 1.16
CA ASP A 188 -1.31 9.95 0.23
C ASP A 188 -1.06 8.56 0.80
N PRO A 189 -1.73 7.53 0.28
CA PRO A 189 -1.59 6.19 0.87
C PRO A 189 -0.23 5.54 0.66
N ALA A 190 0.58 5.99 -0.31
CA ALA A 190 1.92 5.43 -0.48
C ALA A 190 2.80 5.70 0.73
N ILE A 191 2.52 6.77 1.45
CA ILE A 191 3.35 7.19 2.58
C ILE A 191 2.52 7.46 3.84
N GLY A 192 1.20 7.29 3.79
CA GLY A 192 0.38 7.56 4.96
C GLY A 192 0.53 8.96 5.52
N GLU A 193 0.48 9.98 4.66
CA GLU A 193 0.51 11.36 5.09
C GLU A 193 -0.70 12.08 4.51
N PHE A 194 -1.32 12.92 5.33
CA PHE A 194 -2.35 13.83 4.84
C PHE A 194 -1.67 15.10 4.33
N ILE A 195 -1.83 15.38 3.04
CA ILE A 195 -1.19 16.49 2.39
C ILE A 195 -2.20 17.61 2.25
N LEU A 196 -1.87 18.80 2.76
CA LEU A 196 -2.74 19.96 2.62
C LEU A 196 -2.83 20.34 1.15
N VAL A 197 -4.05 20.33 0.60
CA VAL A 197 -4.23 20.59 -0.82
C VAL A 197 -5.16 21.78 -1.09
N ASP A 198 -5.97 22.22 -0.13
CA ASP A 198 -6.84 23.38 -0.31
C ASP A 198 -6.92 24.13 1.00
N LYS A 199 -6.43 25.37 1.01
CA LYS A 199 -6.32 26.17 2.22
C LYS A 199 -7.50 27.13 2.35
N ASP A 200 -7.97 27.30 3.57
CA ASP A 200 -8.95 28.34 3.92
C ASP A 200 -10.14 28.30 2.96
N VAL A 201 -10.75 27.12 2.84
CA VAL A 201 -11.75 26.86 1.82
C VAL A 201 -13.02 27.65 2.15
N LYS A 202 -13.66 28.19 1.11
CA LYS A 202 -14.91 28.95 1.21
C LYS A 202 -15.91 28.42 0.18
N ILE A 203 -17.18 28.28 0.59
CA ILE A 203 -18.20 27.76 -0.31
C ILE A 203 -18.68 28.86 -1.25
N LYS A 204 -19.09 28.46 -2.46
CA LYS A 204 -19.73 29.39 -3.39
C LYS A 204 -20.91 30.08 -2.70
N LYS A 205 -21.11 31.35 -3.04
CA LYS A 205 -22.27 32.08 -2.52
C LYS A 205 -23.57 31.40 -2.94
N LYS A 206 -23.62 30.87 -4.16
CA LYS A 206 -24.82 30.21 -4.66
C LYS A 206 -24.41 29.12 -5.64
N GLY A 207 -25.03 27.94 -5.52
CA GLY A 207 -24.72 26.80 -6.33
C GLY A 207 -25.81 26.49 -7.34
N LYS A 208 -25.67 25.31 -7.96
CA LYS A 208 -26.56 24.83 -9.01
C LYS A 208 -26.95 23.38 -8.80
N ILE A 209 -26.85 22.87 -7.58
CA ILE A 209 -27.17 21.49 -7.25
C ILE A 209 -28.01 21.46 -5.97
N TYR A 210 -29.08 20.67 -5.97
CA TYR A 210 -29.82 20.40 -4.75
C TYR A 210 -29.74 18.90 -4.46
N SER A 211 -29.76 18.55 -3.18
CA SER A 211 -29.48 17.18 -2.76
C SER A 211 -30.41 16.76 -1.63
N LEU A 212 -31.34 15.84 -1.93
CA LEU A 212 -32.20 15.25 -0.91
C LEU A 212 -32.84 14.00 -1.51
N ASN A 213 -33.38 13.15 -0.62
CA ASN A 213 -34.08 11.93 -1.05
C ASN A 213 -35.50 12.31 -1.48
N GLU A 214 -35.70 12.46 -2.80
CA GLU A 214 -37.02 12.82 -3.32
C GLU A 214 -37.97 11.64 -3.42
N GLY A 215 -37.52 10.41 -3.18
CA GLY A 215 -38.43 9.29 -3.19
C GLY A 215 -39.50 9.38 -2.13
N TYR A 216 -39.20 10.08 -1.03
CA TYR A 216 -40.14 10.28 0.05
C TYR A 216 -40.92 11.58 -0.10
N ALA A 217 -41.11 12.03 -1.35
CA ALA A 217 -41.78 13.31 -1.61
C ALA A 217 -43.20 13.35 -1.06
N LYS A 218 -43.90 12.20 -1.00
CA LYS A 218 -45.27 12.23 -0.50
C LYS A 218 -45.33 12.72 0.95
N ASP A 219 -44.23 12.66 1.68
CA ASP A 219 -44.17 13.06 3.08
C ASP A 219 -43.53 14.42 3.30
N PHE A 220 -43.10 15.11 2.24
CA PHE A 220 -42.41 16.38 2.39
C PHE A 220 -43.25 17.41 3.15
N ASP A 221 -42.57 18.22 3.95
CA ASP A 221 -43.16 19.47 4.41
C ASP A 221 -43.54 20.31 3.19
N PRO A 222 -44.68 21.01 3.22
CA PRO A 222 -45.07 21.83 2.06
C PRO A 222 -44.01 22.84 1.63
N ALA A 223 -43.22 23.36 2.56
CA ALA A 223 -42.14 24.27 2.19
C ALA A 223 -41.06 23.57 1.38
N VAL A 224 -40.73 22.34 1.74
CA VAL A 224 -39.76 21.57 0.97
C VAL A 224 -40.29 21.29 -0.43
N THR A 225 -41.56 20.89 -0.52
CA THR A 225 -42.16 20.65 -1.83
C THR A 225 -42.05 21.88 -2.72
N GLU A 226 -42.35 23.06 -2.16
CA GLU A 226 -42.31 24.28 -2.96
C GLU A 226 -40.88 24.64 -3.35
N TYR A 227 -39.96 24.57 -2.39
CA TYR A 227 -38.57 24.92 -2.70
C TYR A 227 -38.01 24.00 -3.79
N ILE A 228 -38.24 22.69 -3.67
CA ILE A 228 -37.74 21.77 -4.69
C ILE A 228 -38.38 22.06 -6.04
N GLN A 229 -39.67 22.42 -6.04
CA GLN A 229 -40.33 22.79 -7.28
C GLN A 229 -39.67 24.02 -7.91
N ARG A 230 -39.24 24.98 -7.09
CA ARG A 230 -38.51 26.13 -7.61
C ARG A 230 -37.16 25.74 -8.20
N LYS A 231 -36.53 24.68 -7.67
CA LYS A 231 -35.25 24.26 -8.23
C LYS A 231 -35.43 23.55 -9.56
N LYS A 232 -36.53 22.83 -9.73
CA LYS A 232 -36.79 22.09 -10.96
C LYS A 232 -37.55 22.91 -12.01
N PHE A 233 -38.39 23.84 -11.58
CA PHE A 233 -39.17 24.70 -12.48
C PHE A 233 -38.98 26.14 -12.05
N PRO A 234 -37.82 26.73 -12.35
CA PRO A 234 -37.53 28.07 -11.85
C PRO A 234 -38.54 29.08 -12.36
N PRO A 235 -38.99 29.99 -11.51
CA PRO A 235 -39.97 30.99 -11.96
C PRO A 235 -39.37 32.11 -12.81
N ASP A 236 -38.05 32.35 -12.74
CA ASP A 236 -37.42 33.41 -13.50
C ASP A 236 -36.81 32.92 -14.81
N ASN A 237 -37.15 31.72 -15.25
CA ASN A 237 -36.67 31.18 -16.52
C ASN A 237 -35.14 31.03 -16.53
N SER A 238 -34.54 30.76 -15.36
CA SER A 238 -33.14 30.40 -15.30
C SER A 238 -33.02 28.88 -15.42
N ALA A 239 -31.80 28.37 -15.46
CA ALA A 239 -31.61 26.94 -15.65
C ALA A 239 -32.03 26.16 -14.40
N PRO A 240 -32.75 25.06 -14.56
CA PRO A 240 -33.06 24.20 -13.40
C PRO A 240 -31.78 23.71 -12.73
N TYR A 241 -31.83 23.54 -11.42
CA TYR A 241 -30.73 22.95 -10.69
C TYR A 241 -30.58 21.48 -11.09
N GLY A 242 -29.34 20.99 -11.06
CA GLY A 242 -29.13 19.57 -11.12
C GLY A 242 -29.39 18.93 -9.76
N ALA A 243 -29.70 17.64 -9.78
CA ALA A 243 -29.93 16.89 -8.54
C ALA A 243 -28.84 15.84 -8.36
N ARG A 244 -28.40 15.67 -7.11
CA ARG A 244 -27.48 14.60 -6.72
C ARG A 244 -27.88 14.13 -5.34
N TYR A 245 -27.91 12.81 -5.14
CA TYR A 245 -28.13 12.31 -3.80
C TYR A 245 -27.43 10.96 -3.68
N VAL A 246 -26.26 10.97 -3.04
CA VAL A 246 -25.51 9.75 -2.81
C VAL A 246 -26.17 8.89 -1.74
N GLY A 247 -26.80 9.52 -0.76
CA GLY A 247 -27.31 8.82 0.41
C GLY A 247 -26.29 8.70 1.53
N SER A 248 -25.09 9.20 1.34
CA SER A 248 -24.06 9.17 2.38
C SER A 248 -23.72 10.61 2.70
N MET A 249 -23.98 11.01 3.94
CA MET A 249 -23.98 12.44 4.26
C MET A 249 -22.64 13.09 3.98
N VAL A 250 -21.53 12.41 4.33
CA VAL A 250 -20.22 13.02 4.12
C VAL A 250 -19.99 13.30 2.65
N ALA A 251 -20.39 12.37 1.78
CA ALA A 251 -20.22 12.58 0.35
C ALA A 251 -21.08 13.74 -0.14
N ASP A 252 -22.35 13.77 0.26
CA ASP A 252 -23.23 14.83 -0.23
C ASP A 252 -22.82 16.18 0.33
N VAL A 253 -22.41 16.24 1.59
CA VAL A 253 -21.98 17.50 2.17
C VAL A 253 -20.66 17.95 1.56
N HIS A 254 -19.72 17.01 1.34
CA HIS A 254 -18.44 17.42 0.76
C HIS A 254 -18.61 17.95 -0.66
N ARG A 255 -19.45 17.30 -1.47
CA ARG A 255 -19.76 17.84 -2.78
C ARG A 255 -20.37 19.24 -2.65
N THR A 256 -21.25 19.42 -1.66
CA THR A 256 -21.83 20.75 -1.45
C THR A 256 -20.75 21.78 -1.14
N LEU A 257 -19.78 21.42 -0.29
CA LEU A 257 -18.69 22.32 0.03
C LEU A 257 -17.85 22.66 -1.19
N VAL A 258 -17.54 21.66 -2.02
CA VAL A 258 -16.62 21.89 -3.12
C VAL A 258 -17.32 22.55 -4.31
N TYR A 259 -18.55 22.14 -4.61
CA TYR A 259 -19.25 22.62 -5.78
C TYR A 259 -20.35 23.62 -5.48
N GLY A 260 -20.69 23.82 -4.21
CA GLY A 260 -21.81 24.69 -3.88
C GLY A 260 -23.13 24.00 -4.07
N GLY A 261 -24.19 24.71 -3.66
CA GLY A 261 -25.52 24.17 -3.71
C GLY A 261 -26.10 24.02 -2.32
N ILE A 262 -27.03 23.07 -2.19
CA ILE A 262 -27.81 22.92 -0.97
C ILE A 262 -28.06 21.43 -0.72
N PHE A 263 -27.95 21.03 0.53
CA PHE A 263 -28.24 19.68 0.99
C PHE A 263 -29.34 19.75 2.04
N LEU A 264 -30.35 18.90 1.92
CA LEU A 264 -31.49 18.94 2.83
C LEU A 264 -31.74 17.56 3.43
N TYR A 265 -31.94 17.53 4.73
CA TYR A 265 -32.57 16.39 5.40
C TYR A 265 -33.57 16.99 6.37
N PRO A 266 -34.71 17.46 5.85
CA PRO A 266 -35.64 18.25 6.67
C PRO A 266 -36.59 17.39 7.50
N ALA A 267 -37.34 18.09 8.35
CA ALA A 267 -38.41 17.51 9.15
C ALA A 267 -39.66 17.32 8.31
N ASN A 268 -40.53 16.41 8.76
CA ASN A 268 -41.89 16.30 8.24
C ASN A 268 -42.81 15.87 9.39
N LYS A 269 -44.08 15.60 9.07
CA LYS A 269 -45.01 15.19 10.12
C LYS A 269 -44.63 13.85 10.72
N LYS A 270 -44.12 12.93 9.88
CA LYS A 270 -43.70 11.63 10.40
C LYS A 270 -42.41 11.71 11.21
N SER A 271 -41.50 12.63 10.88
CA SER A 271 -40.20 12.77 11.54
C SER A 271 -40.01 14.24 11.87
N PRO A 272 -40.72 14.74 12.88
CA PRO A 272 -40.71 16.18 13.14
C PRO A 272 -39.37 16.73 13.56
N ASN A 273 -38.44 15.88 14.01
CA ASN A 273 -37.09 16.33 14.33
C ASN A 273 -36.05 15.87 13.33
N GLY A 274 -36.45 15.49 12.13
CA GLY A 274 -35.49 14.98 11.18
C GLY A 274 -35.06 13.56 11.47
N LYS A 275 -34.06 13.12 10.72
CA LYS A 275 -33.51 11.78 10.84
C LYS A 275 -32.06 11.80 11.28
N LEU A 276 -31.26 12.75 10.80
CA LEU A 276 -29.85 12.80 11.15
C LEU A 276 -29.65 13.23 12.60
N ARG A 277 -28.51 12.81 13.16
CA ARG A 277 -28.20 13.03 14.57
C ARG A 277 -27.48 14.35 14.77
N LEU A 278 -27.93 15.13 15.76
CA LEU A 278 -27.40 16.46 15.99
C LEU A 278 -25.93 16.45 16.41
N LEU A 279 -25.58 15.58 17.36
CA LEU A 279 -24.30 15.71 18.06
C LEU A 279 -23.12 15.39 17.15
N TYR A 280 -23.23 14.35 16.33
CA TYR A 280 -22.08 13.85 15.59
C TYR A 280 -22.34 13.79 14.09
N GLU A 281 -23.45 14.35 13.62
CA GLU A 281 -23.64 14.53 12.19
C GLU A 281 -23.94 15.99 11.87
N CYS A 282 -25.04 16.53 12.40
CA CYS A 282 -25.47 17.86 12.01
C CYS A 282 -24.51 18.94 12.51
N ASN A 283 -24.16 18.93 13.81
CA ASN A 283 -23.32 19.99 14.36
C ASN A 283 -21.96 20.07 13.68
N PRO A 284 -21.17 18.98 13.56
CA PRO A 284 -19.89 19.12 12.85
C PRO A 284 -20.05 19.62 11.43
N MET A 285 -21.05 19.12 10.69
CA MET A 285 -21.25 19.60 9.33
C MET A 285 -21.66 21.06 9.31
N ALA A 286 -22.48 21.49 10.28
CA ALA A 286 -22.86 22.89 10.37
C ALA A 286 -21.66 23.77 10.71
N TYR A 287 -20.78 23.26 11.58
CA TYR A 287 -19.59 24.03 11.93
C TYR A 287 -18.68 24.21 10.73
N VAL A 288 -18.46 23.13 9.96
CA VAL A 288 -17.62 23.24 8.76
C VAL A 288 -18.24 24.22 7.77
N MET A 289 -19.54 24.09 7.55
CA MET A 289 -20.24 24.97 6.61
C MET A 289 -20.08 26.44 7.03
N GLU A 290 -20.31 26.74 8.32
CA GLU A 290 -20.21 28.13 8.74
C GLU A 290 -18.79 28.66 8.63
N LYS A 291 -17.79 27.83 8.95
CA LYS A 291 -16.39 28.26 8.78
C LYS A 291 -16.02 28.43 7.32
N ALA A 292 -16.77 27.82 6.40
CA ALA A 292 -16.57 27.97 4.96
C ALA A 292 -17.45 29.07 4.36
N GLY A 293 -18.12 29.86 5.19
CA GLY A 293 -19.00 30.88 4.68
C GLY A 293 -20.35 30.37 4.22
N GLY A 294 -20.72 29.14 4.60
CA GLY A 294 -22.03 28.62 4.31
C GLY A 294 -22.97 28.74 5.49
N MET A 295 -24.13 28.10 5.36
CA MET A 295 -25.16 28.17 6.38
C MET A 295 -25.70 26.78 6.67
N ALA A 296 -26.25 26.61 7.86
CA ALA A 296 -26.87 25.35 8.26
C ALA A 296 -28.01 25.65 9.21
N THR A 297 -29.23 25.29 8.81
CA THR A 297 -30.42 25.62 9.59
C THR A 297 -31.27 24.37 9.78
N THR A 298 -32.03 24.37 10.88
CA THR A 298 -33.07 23.36 11.05
C THR A 298 -34.35 23.74 10.32
N GLY A 299 -34.41 24.94 9.75
CA GLY A 299 -35.65 25.52 9.30
C GLY A 299 -36.10 26.60 10.27
N LYS A 300 -35.96 26.32 11.57
CA LYS A 300 -36.38 27.23 12.64
C LYS A 300 -35.22 28.00 13.26
N GLU A 301 -34.01 27.44 13.27
CA GLU A 301 -32.86 28.10 13.88
C GLU A 301 -31.59 27.55 13.26
N ALA A 302 -30.47 28.20 13.56
CA ALA A 302 -29.17 27.66 13.19
C ALA A 302 -28.92 26.36 13.95
N VAL A 303 -28.42 25.36 13.23
CA VAL A 303 -28.09 24.07 13.82
C VAL A 303 -27.20 24.23 15.04
N LEU A 304 -26.18 25.10 14.92
CA LEU A 304 -25.20 25.29 15.98
C LEU A 304 -25.79 25.93 17.23
N ASP A 305 -27.02 26.48 17.16
CA ASP A 305 -27.67 27.08 18.31
C ASP A 305 -28.58 26.13 19.07
N VAL A 306 -28.91 24.96 18.51
CA VAL A 306 -29.73 24.01 19.25
C VAL A 306 -28.96 23.53 20.46
N ILE A 307 -29.58 23.61 21.63
CA ILE A 307 -28.99 23.10 22.86
C ILE A 307 -29.53 21.70 23.07
N PRO A 308 -28.72 20.66 23.02
CA PRO A 308 -29.26 19.30 23.09
C PRO A 308 -29.63 18.91 24.51
N THR A 309 -30.63 18.02 24.61
CA THR A 309 -30.95 17.38 25.87
C THR A 309 -30.64 15.89 25.86
N ASP A 310 -30.38 15.30 24.70
CA ASP A 310 -30.11 13.87 24.57
C ASP A 310 -28.98 13.71 23.55
N ILE A 311 -27.98 12.89 23.88
CA ILE A 311 -26.81 12.82 23.02
C ILE A 311 -27.14 12.22 21.67
N HIS A 312 -28.24 11.48 21.55
CA HIS A 312 -28.65 10.88 20.29
C HIS A 312 -29.88 11.55 19.69
N GLN A 313 -30.18 12.77 20.11
CA GLN A 313 -31.36 13.42 19.56
C GLN A 313 -31.11 13.77 18.10
N ARG A 314 -32.18 13.75 17.31
CA ARG A 314 -32.10 14.04 15.89
C ARG A 314 -32.35 15.52 15.63
N ALA A 315 -31.93 15.96 14.45
CA ALA A 315 -32.18 17.35 14.09
C ALA A 315 -32.37 17.42 12.57
N PRO A 316 -33.31 18.23 12.10
CA PRO A 316 -33.38 18.49 10.66
C PRO A 316 -32.22 19.37 10.28
N VAL A 317 -31.74 19.23 9.05
CA VAL A 317 -30.61 20.02 8.61
C VAL A 317 -30.82 20.43 7.15
N ILE A 318 -30.63 21.72 6.88
CA ILE A 318 -30.57 22.29 5.55
C ILE A 318 -29.31 23.15 5.52
N LEU A 319 -28.36 22.80 4.64
CA LEU A 319 -27.07 23.47 4.67
C LEU A 319 -26.54 23.62 3.24
N GLY A 320 -25.52 24.46 3.13
CA GLY A 320 -24.87 24.72 1.85
C GLY A 320 -24.62 26.19 1.59
N SER A 321 -24.68 26.58 0.32
CA SER A 321 -24.40 27.94 -0.07
C SER A 321 -25.39 28.89 0.60
N PRO A 322 -24.92 30.05 1.08
CA PRO A 322 -25.81 30.94 1.84
C PRO A 322 -27.01 31.43 1.03
N ASP A 323 -26.81 31.81 -0.23
CA ASP A 323 -27.94 32.24 -1.06
C ASP A 323 -28.98 31.13 -1.17
N ASP A 324 -28.53 29.89 -1.33
CA ASP A 324 -29.47 28.78 -1.48
C ASP A 324 -30.23 28.55 -0.17
N VAL A 325 -29.51 28.53 0.95
CA VAL A 325 -30.18 28.28 2.22
C VAL A 325 -31.12 29.44 2.56
N LEU A 326 -30.70 30.68 2.29
CA LEU A 326 -31.57 31.83 2.53
C LEU A 326 -32.85 31.76 1.68
N GLU A 327 -32.71 31.38 0.42
CA GLU A 327 -33.90 31.20 -0.42
C GLU A 327 -34.80 30.13 0.17
N PHE A 328 -34.22 29.03 0.66
CA PHE A 328 -35.04 28.00 1.29
C PHE A 328 -35.78 28.56 2.51
N LEU A 329 -35.07 29.31 3.34
CA LEU A 329 -35.67 29.85 4.55
C LEU A 329 -36.81 30.81 4.23
N LYS A 330 -36.66 31.60 3.14
CA LYS A 330 -37.75 32.47 2.72
C LYS A 330 -39.00 31.66 2.41
N VAL A 331 -38.86 30.54 1.71
CA VAL A 331 -39.99 29.68 1.41
C VAL A 331 -40.57 29.09 2.69
N TYR A 332 -39.71 28.67 3.61
CA TYR A 332 -40.15 28.11 4.88
C TYR A 332 -40.94 29.13 5.69
N GLU A 333 -40.47 30.38 5.72
CA GLU A 333 -41.17 31.43 6.45
C GLU A 333 -42.52 31.72 5.83
N LYS A 334 -42.60 31.68 4.49
CA LYS A 334 -43.88 31.88 3.80
C LYS A 334 -44.94 30.88 4.26
N HIS A 335 -44.53 29.65 4.55
CA HIS A 335 -45.42 28.65 5.10
C HIS A 335 -45.49 28.72 6.63
N SER A 336 -45.00 29.83 7.21
CA SER A 336 -44.94 30.05 8.65
C SER A 336 -44.42 28.85 9.40
N ASP B 10 -12.74 -22.25 -1.44
CA ASP B 10 -11.38 -21.96 -1.89
C ASP B 10 -11.23 -20.56 -2.45
N VAL B 11 -10.18 -19.86 -2.04
CA VAL B 11 -9.90 -18.53 -2.57
C VAL B 11 -9.64 -18.64 -4.09
N ASN B 12 -10.09 -17.64 -4.81
CA ASN B 12 -9.91 -17.57 -6.25
C ASN B 12 -9.58 -16.13 -6.62
N THR B 13 -8.65 -15.96 -7.55
CA THR B 13 -8.24 -14.66 -8.05
C THR B 13 -8.79 -14.45 -9.46
N LEU B 14 -8.79 -13.18 -9.87
CA LEU B 14 -9.20 -12.86 -11.23
C LEU B 14 -8.34 -13.58 -12.25
N THR B 15 -7.02 -13.57 -12.02
CA THR B 15 -6.09 -14.24 -12.93
C THR B 15 -6.39 -15.73 -13.06
N ARG B 16 -6.52 -16.42 -11.93
CA ARG B 16 -6.80 -17.85 -11.96
C ARG B 16 -8.17 -18.12 -12.56
N PHE B 17 -9.15 -17.28 -12.23
CA PHE B 17 -10.51 -17.47 -12.72
C PHE B 17 -10.56 -17.35 -14.24
N VAL B 18 -9.94 -16.30 -14.78
CA VAL B 18 -10.00 -16.05 -16.22
C VAL B 18 -9.31 -17.18 -16.97
N MET B 19 -8.15 -17.59 -16.48
CA MET B 19 -7.36 -18.63 -17.14
C MET B 19 -8.12 -19.96 -17.16
N GLU B 20 -8.85 -20.26 -16.09
CA GLU B 20 -9.63 -21.50 -16.07
C GLU B 20 -10.79 -21.47 -17.06
N GLU B 21 -11.46 -20.31 -17.20
CA GLU B 21 -12.47 -20.20 -18.24
C GLU B 21 -11.86 -20.39 -19.61
N GLY B 22 -10.65 -19.84 -19.80
CA GLY B 22 -9.97 -20.01 -21.08
C GLY B 22 -9.59 -21.45 -21.36
N ARG B 23 -9.06 -22.15 -20.35
CA ARG B 23 -8.73 -23.57 -20.52
C ARG B 23 -9.94 -24.38 -20.92
N LYS B 24 -11.09 -24.12 -20.28
CA LYS B 24 -12.29 -24.89 -20.60
C LYS B 24 -12.77 -24.61 -22.02
N ALA B 25 -12.65 -23.36 -22.48
CA ALA B 25 -13.12 -23.02 -23.82
C ALA B 25 -12.12 -23.40 -24.90
N ARG B 26 -10.85 -23.57 -24.54
CA ARG B 26 -9.79 -23.96 -25.46
C ARG B 26 -9.61 -22.92 -26.57
N GLY B 27 -9.72 -21.64 -26.24
CA GLY B 27 -9.46 -20.59 -27.20
C GLY B 27 -7.97 -20.40 -27.42
N THR B 28 -7.63 -19.41 -28.24
CA THR B 28 -6.22 -19.12 -28.54
C THR B 28 -5.47 -18.48 -27.40
N GLY B 29 -6.14 -18.06 -26.33
CA GLY B 29 -5.48 -17.37 -25.22
C GLY B 29 -5.44 -15.87 -25.32
N GLU B 30 -5.84 -15.30 -26.45
CA GLU B 30 -5.78 -13.85 -26.62
C GLU B 30 -6.71 -13.14 -25.65
N LEU B 31 -7.96 -13.63 -25.53
CA LEU B 31 -8.90 -13.02 -24.61
C LEU B 31 -8.38 -13.05 -23.17
N THR B 32 -7.70 -14.13 -22.79
CA THR B 32 -7.11 -14.20 -21.45
C THR B 32 -6.01 -13.15 -21.27
N GLN B 33 -5.11 -13.02 -22.27
CA GLN B 33 -4.04 -12.02 -22.19
C GLN B 33 -4.61 -10.61 -22.18
N LEU B 34 -5.66 -10.39 -22.96
CA LEU B 34 -6.33 -9.10 -22.94
C LEU B 34 -6.89 -8.80 -21.55
N LEU B 35 -7.54 -9.78 -20.93
CA LEU B 35 -8.16 -9.54 -19.64
C LEU B 35 -7.09 -9.33 -18.56
N ASN B 36 -5.97 -10.05 -18.64
CA ASN B 36 -4.87 -9.80 -17.70
C ASN B 36 -4.35 -8.38 -17.86
N SER B 37 -4.16 -7.94 -19.10
CA SER B 37 -3.65 -6.60 -19.32
C SER B 37 -4.62 -5.55 -18.79
N LEU B 38 -5.91 -5.75 -19.01
CA LEU B 38 -6.91 -4.82 -18.51
C LEU B 38 -6.86 -4.76 -16.99
N CYS B 39 -6.79 -5.92 -16.35
CA CYS B 39 -6.72 -6.03 -14.90
C CYS B 39 -5.54 -5.23 -14.36
N THR B 40 -4.38 -5.35 -15.01
CA THR B 40 -3.22 -4.56 -14.62
C THR B 40 -3.49 -3.06 -14.77
N ALA B 41 -4.08 -2.65 -15.90
CA ALA B 41 -4.40 -1.25 -16.08
C ALA B 41 -5.32 -0.74 -14.99
N VAL B 42 -6.30 -1.56 -14.60
CA VAL B 42 -7.27 -1.15 -13.56
C VAL B 42 -6.59 -0.95 -12.22
N LYS B 43 -5.67 -1.84 -11.85
CA LYS B 43 -4.94 -1.66 -10.61
C LYS B 43 -4.12 -0.37 -10.62
N ALA B 44 -3.54 -0.03 -11.78
CA ALA B 44 -2.76 1.22 -11.86
C ALA B 44 -3.67 2.43 -11.80
N ILE B 45 -4.85 2.36 -12.43
CA ILE B 45 -5.79 3.47 -12.33
C ILE B 45 -6.24 3.65 -10.89
N SER B 46 -6.57 2.54 -10.23
CA SER B 46 -6.98 2.61 -8.83
C SER B 46 -5.92 3.29 -7.97
N SER B 47 -4.67 2.88 -8.13
CA SER B 47 -3.59 3.50 -7.35
C SER B 47 -3.54 5.00 -7.59
N ALA B 48 -3.66 5.44 -8.85
CA ALA B 48 -3.66 6.88 -9.12
C ALA B 48 -4.93 7.57 -8.61
N VAL B 49 -6.09 6.92 -8.73
CA VAL B 49 -7.34 7.53 -8.28
C VAL B 49 -7.29 7.77 -6.77
N ARG B 50 -6.74 6.82 -6.02
CA ARG B 50 -6.55 6.95 -4.58
C ARG B 50 -5.41 7.91 -4.21
N LYS B 51 -4.76 8.51 -5.22
CA LYS B 51 -3.80 9.60 -5.03
C LYS B 51 -2.48 9.14 -4.43
N ALA B 52 -2.11 7.88 -4.66
CA ALA B 52 -0.78 7.41 -4.31
C ALA B 52 0.26 8.30 -4.97
N GLY B 53 1.20 8.82 -4.18
CA GLY B 53 2.22 9.68 -4.75
C GLY B 53 1.81 11.15 -4.90
N ILE B 54 0.63 11.54 -4.43
CA ILE B 54 0.21 12.94 -4.58
C ILE B 54 1.16 13.90 -3.85
N ALA B 55 1.84 13.42 -2.79
CA ALA B 55 2.77 14.27 -2.06
C ALA B 55 3.90 14.79 -2.96
N HIS B 56 4.36 13.96 -3.91
CA HIS B 56 5.39 14.42 -4.84
C HIS B 56 4.87 15.53 -5.73
N LEU B 57 3.58 15.51 -6.07
CA LEU B 57 3.00 16.60 -6.84
C LEU B 57 3.01 17.90 -6.06
N TYR B 58 2.95 17.84 -4.71
CA TYR B 58 2.88 19.03 -3.88
C TYR B 58 4.22 19.41 -3.26
N GLY B 59 5.32 18.86 -3.78
CA GLY B 59 6.64 19.37 -3.45
C GLY B 59 7.37 18.68 -2.32
N ILE B 60 7.00 17.44 -1.99
CA ILE B 60 7.67 16.75 -0.89
C ILE B 60 9.16 16.59 -1.18
N ALA B 61 9.53 16.49 -2.46
CA ALA B 61 10.94 16.38 -2.84
C ALA B 61 11.47 17.66 -3.43
N GLY B 62 10.85 18.79 -3.12
CA GLY B 62 11.22 20.08 -3.69
C GLY B 62 10.39 20.56 -4.88
N LYS B 73 -5.88 15.50 -15.77
CA LYS B 73 -4.75 14.61 -16.05
C LYS B 73 -5.05 13.16 -15.67
N LEU B 74 -5.91 12.96 -14.66
CA LEU B 74 -6.18 11.61 -14.19
C LEU B 74 -6.86 10.79 -15.29
N ASP B 75 -7.74 11.41 -16.06
CA ASP B 75 -8.41 10.66 -17.11
C ASP B 75 -7.52 10.44 -18.33
N VAL B 76 -6.57 11.34 -18.57
CA VAL B 76 -5.57 11.13 -19.62
C VAL B 76 -4.65 9.97 -19.25
N LEU B 77 -4.15 9.98 -18.01
CA LEU B 77 -3.34 8.87 -17.52
C LEU B 77 -4.12 7.55 -17.56
N SER B 78 -5.39 7.58 -17.14
CA SER B 78 -6.20 6.36 -17.19
C SER B 78 -6.32 5.87 -18.62
N ASN B 79 -6.58 6.80 -19.56
CA ASN B 79 -6.65 6.44 -20.97
C ASN B 79 -5.32 5.85 -21.46
N ASP B 80 -4.19 6.47 -21.07
CA ASP B 80 -2.88 5.97 -21.48
C ASP B 80 -2.61 4.59 -20.91
N LEU B 81 -2.97 4.37 -19.64
CA LEU B 81 -2.80 3.05 -19.03
C LEU B 81 -3.58 1.99 -19.80
N VAL B 82 -4.87 2.24 -20.05
CA VAL B 82 -5.68 1.26 -20.77
C VAL B 82 -5.13 1.05 -22.18
N MET B 83 -4.88 2.16 -22.90
CA MET B 83 -4.35 2.07 -24.25
C MET B 83 -3.07 1.25 -24.31
N ASN B 84 -2.12 1.55 -23.44
CA ASN B 84 -0.84 0.87 -23.57
C ASN B 84 -0.92 -0.58 -23.14
N MET B 85 -1.67 -0.88 -22.08
CA MET B 85 -1.81 -2.27 -21.67
C MET B 85 -2.56 -3.10 -22.71
N LEU B 86 -3.60 -2.54 -23.34
CA LEU B 86 -4.31 -3.31 -24.36
C LEU B 86 -3.46 -3.52 -25.61
N LYS B 87 -2.78 -2.46 -26.09
CA LYS B 87 -1.87 -2.60 -27.22
C LYS B 87 -0.83 -3.69 -26.96
N SER B 88 -0.23 -3.68 -25.77
CA SER B 88 0.84 -4.62 -25.46
C SER B 88 0.33 -6.02 -25.16
N SER B 89 -0.99 -6.21 -25.06
CA SER B 89 -1.54 -7.55 -24.87
C SER B 89 -1.39 -8.44 -26.10
N PHE B 90 -1.12 -7.83 -27.27
CA PHE B 90 -1.10 -8.51 -28.57
C PHE B 90 -2.44 -9.16 -28.88
N ALA B 91 -3.51 -8.69 -28.23
CA ALA B 91 -4.84 -9.28 -28.37
C ALA B 91 -5.84 -8.36 -29.06
N THR B 92 -5.48 -7.12 -29.38
CA THR B 92 -6.45 -6.14 -29.87
C THR B 92 -6.03 -5.60 -31.23
N CYS B 93 -7.02 -5.10 -31.97
CA CYS B 93 -6.75 -4.51 -33.28
C CYS B 93 -7.42 -3.14 -33.43
N VAL B 94 -8.54 -2.93 -32.73
CA VAL B 94 -9.28 -1.67 -32.79
C VAL B 94 -9.68 -1.27 -31.37
N LEU B 95 -9.38 -0.02 -30.99
CA LEU B 95 -9.63 0.47 -29.64
C LEU B 95 -10.41 1.76 -29.72
N VAL B 96 -11.57 1.79 -29.06
CA VAL B 96 -12.41 2.99 -29.02
C VAL B 96 -12.47 3.47 -27.58
N SER B 97 -12.08 4.72 -27.36
CA SER B 97 -12.09 5.32 -26.03
C SER B 97 -12.93 6.58 -26.04
N GLU B 98 -13.59 6.84 -24.90
CA GLU B 98 -14.27 8.11 -24.69
C GLU B 98 -13.34 9.31 -24.88
N GLU B 99 -12.04 9.12 -24.68
CA GLU B 99 -11.07 10.22 -24.72
C GLU B 99 -10.57 10.53 -26.12
N ASP B 100 -10.88 9.69 -27.11
CA ASP B 100 -10.28 9.80 -28.44
C ASP B 100 -11.38 9.98 -29.46
N LYS B 101 -11.26 11.01 -30.29
CA LYS B 101 -12.26 11.29 -31.31
C LYS B 101 -12.44 10.12 -32.27
N HIS B 102 -11.34 9.53 -32.72
CA HIS B 102 -11.37 8.43 -33.68
C HIS B 102 -10.90 7.14 -33.01
N ALA B 103 -11.28 6.02 -33.60
CA ALA B 103 -10.79 4.73 -33.15
C ALA B 103 -9.28 4.65 -33.33
N ILE B 104 -8.61 4.02 -32.39
CA ILE B 104 -7.19 3.78 -32.50
C ILE B 104 -7.02 2.43 -33.16
N ILE B 105 -6.24 2.39 -34.25
CA ILE B 105 -5.91 1.15 -34.94
C ILE B 105 -4.56 0.67 -34.43
N VAL B 106 -4.54 -0.53 -33.85
CA VAL B 106 -3.28 -1.07 -33.32
C VAL B 106 -2.36 -1.43 -34.48
N GLU B 107 -1.09 -1.09 -34.34
CA GLU B 107 -0.11 -1.37 -35.38
C GLU B 107 0.07 -2.87 -35.58
N PRO B 108 0.41 -3.30 -36.81
CA PRO B 108 0.36 -4.73 -37.14
C PRO B 108 1.16 -5.65 -36.23
N GLU B 109 2.36 -5.28 -35.81
CA GLU B 109 3.12 -6.25 -35.02
C GLU B 109 2.54 -6.52 -33.65
N LYS B 110 1.49 -5.80 -33.25
CA LYS B 110 0.85 -6.02 -31.95
C LYS B 110 -0.61 -6.43 -32.06
N ARG B 111 -1.09 -6.75 -33.26
CA ARG B 111 -2.52 -6.96 -33.48
C ARG B 111 -3.01 -8.33 -33.05
N GLY B 112 -4.19 -8.34 -32.42
CA GLY B 112 -4.92 -9.55 -32.16
C GLY B 112 -6.31 -9.36 -32.70
N LYS B 113 -7.24 -10.25 -32.36
CA LYS B 113 -8.54 -10.28 -33.03
C LYS B 113 -9.64 -9.49 -32.32
N TYR B 114 -9.37 -8.85 -31.19
CA TYR B 114 -10.45 -8.25 -30.40
C TYR B 114 -10.52 -6.74 -30.56
N VAL B 115 -11.75 -6.23 -30.53
CA VAL B 115 -12.05 -4.82 -30.51
C VAL B 115 -12.51 -4.49 -29.10
N VAL B 116 -11.95 -3.43 -28.51
CA VAL B 116 -12.30 -2.99 -27.16
C VAL B 116 -12.81 -1.55 -27.20
N CYS B 117 -13.99 -1.33 -26.63
CA CYS B 117 -14.55 -0.01 -26.43
C CYS B 117 -14.56 0.25 -24.93
N PHE B 118 -14.02 1.40 -24.52
CA PHE B 118 -13.88 1.61 -23.08
C PHE B 118 -14.02 3.09 -22.73
N ASP B 119 -14.46 3.33 -21.50
CA ASP B 119 -14.41 4.63 -20.88
C ASP B 119 -13.40 4.54 -19.75
N PRO B 120 -12.19 5.09 -19.91
CA PRO B 120 -11.13 4.81 -18.93
C PRO B 120 -11.39 5.36 -17.56
N LEU B 121 -12.09 6.49 -17.43
CA LEU B 121 -12.34 7.03 -16.09
C LEU B 121 -13.71 7.71 -16.13
N ASP B 122 -14.75 6.89 -16.05
CA ASP B 122 -16.11 7.42 -16.12
C ASP B 122 -16.46 8.17 -14.85
N GLY B 123 -17.12 9.31 -15.02
CA GLY B 123 -17.47 10.20 -13.94
C GLY B 123 -16.40 11.18 -13.53
N SER B 124 -15.25 11.21 -14.23
CA SER B 124 -14.13 12.00 -13.76
C SER B 124 -14.39 13.52 -13.79
N SER B 125 -15.44 13.98 -14.46
CA SER B 125 -15.73 15.42 -14.45
C SER B 125 -15.92 15.94 -13.02
N ASN B 126 -16.52 15.12 -12.15
CA ASN B 126 -16.75 15.50 -10.76
C ASN B 126 -15.75 14.86 -9.79
N ILE B 127 -14.58 14.42 -10.28
CA ILE B 127 -13.63 13.79 -9.38
C ILE B 127 -13.08 14.78 -8.35
N ASP B 128 -13.23 16.09 -8.60
CA ASP B 128 -12.80 17.11 -7.64
C ASP B 128 -13.62 17.07 -6.35
N CYS B 129 -14.80 16.46 -6.36
CA CYS B 129 -15.51 16.23 -5.11
C CYS B 129 -15.30 14.81 -4.59
N LEU B 130 -14.36 14.07 -5.19
CA LEU B 130 -13.98 12.72 -4.78
C LEU B 130 -15.14 11.74 -4.93
N VAL B 131 -16.08 12.04 -5.83
CA VAL B 131 -17.12 11.10 -6.20
C VAL B 131 -16.48 9.81 -6.74
N SER B 132 -17.12 8.68 -6.45
CA SER B 132 -16.75 7.41 -7.08
C SER B 132 -16.62 7.57 -8.58
N VAL B 133 -15.57 7.00 -9.15
CA VAL B 133 -15.39 6.93 -10.59
C VAL B 133 -15.14 5.46 -10.97
N GLY B 134 -15.06 5.21 -12.25
CA GLY B 134 -14.90 3.83 -12.66
C GLY B 134 -14.38 3.73 -14.07
N THR B 135 -14.04 2.50 -14.45
CA THR B 135 -13.63 2.16 -15.80
C THR B 135 -14.65 1.18 -16.37
N ILE B 136 -15.11 1.46 -17.59
CA ILE B 136 -16.11 0.64 -18.29
C ILE B 136 -15.49 0.09 -19.56
N PHE B 137 -15.75 -1.19 -19.86
CA PHE B 137 -15.18 -1.78 -21.06
C PHE B 137 -16.14 -2.79 -21.69
N GLY B 138 -16.05 -2.90 -23.00
CA GLY B 138 -16.76 -3.90 -23.76
C GLY B 138 -15.84 -4.47 -24.82
N ILE B 139 -15.84 -5.78 -24.98
CA ILE B 139 -14.91 -6.48 -25.84
C ILE B 139 -15.68 -7.22 -26.92
N TYR B 140 -15.33 -6.98 -28.18
CA TYR B 140 -15.91 -7.66 -29.34
C TYR B 140 -14.83 -8.42 -30.09
N ARG B 141 -15.24 -9.51 -30.77
CA ARG B 141 -14.36 -10.17 -31.72
C ARG B 141 -14.52 -9.55 -33.10
N LYS B 142 -13.40 -9.17 -33.73
CA LYS B 142 -13.40 -8.76 -35.12
C LYS B 142 -13.70 -9.96 -36.00
N LYS B 143 -14.64 -9.80 -36.92
CA LYS B 143 -15.15 -10.96 -37.67
C LYS B 143 -14.44 -11.18 -39.00
N SER B 144 -14.10 -10.13 -39.72
CA SER B 144 -13.61 -10.25 -41.09
C SER B 144 -12.10 -10.36 -41.15
N THR B 145 -11.61 -10.73 -42.33
CA THR B 145 -10.18 -10.77 -42.63
C THR B 145 -9.66 -9.44 -43.17
N ASP B 146 -10.53 -8.45 -43.31
CA ASP B 146 -10.15 -7.12 -43.79
C ASP B 146 -9.15 -6.48 -42.86
N GLU B 147 -8.45 -5.47 -43.38
CA GLU B 147 -7.61 -4.65 -42.53
C GLU B 147 -8.47 -3.98 -41.45
N PRO B 148 -8.03 -3.96 -40.20
CA PRO B 148 -8.87 -3.42 -39.11
C PRO B 148 -9.13 -1.92 -39.28
N SER B 149 -10.31 -1.49 -38.84
CA SER B 149 -10.71 -0.09 -39.02
C SER B 149 -11.80 0.26 -38.01
N GLU B 150 -12.13 1.56 -37.97
CA GLU B 150 -13.12 2.09 -37.03
C GLU B 150 -14.45 1.36 -37.15
N LYS B 151 -14.83 0.99 -38.37
CA LYS B 151 -16.12 0.32 -38.59
C LYS B 151 -16.20 -1.01 -37.89
N ASP B 152 -15.06 -1.60 -37.51
CA ASP B 152 -15.09 -2.85 -36.79
C ASP B 152 -15.70 -2.72 -35.39
N ALA B 153 -15.75 -1.51 -34.83
CA ALA B 153 -16.38 -1.30 -33.53
C ALA B 153 -17.87 -1.00 -33.64
N LEU B 154 -18.39 -0.87 -34.85
CA LEU B 154 -19.81 -0.60 -35.07
C LEU B 154 -20.60 -1.91 -35.06
N GLN B 155 -20.62 -2.53 -33.87
CA GLN B 155 -21.35 -3.77 -33.66
C GLN B 155 -22.44 -3.59 -32.60
N PRO B 156 -23.57 -4.26 -32.74
CA PRO B 156 -24.57 -4.26 -31.66
C PRO B 156 -24.02 -4.94 -30.42
N GLY B 157 -24.52 -4.51 -29.26
CA GLY B 157 -24.05 -5.07 -27.99
C GLY B 157 -24.20 -6.57 -27.90
N ARG B 158 -25.21 -7.14 -28.58
N ARG B 158 -25.20 -7.14 -28.59
CA ARG B 158 -25.39 -8.59 -28.60
CA ARG B 158 -25.39 -8.58 -28.59
C ARG B 158 -24.13 -9.33 -29.02
C ARG B 158 -24.17 -9.35 -29.09
N ASN B 159 -23.23 -8.67 -29.75
CA ASN B 159 -22.00 -9.29 -30.20
C ASN B 159 -20.91 -9.26 -29.14
N LEU B 160 -21.18 -8.71 -27.95
CA LEU B 160 -20.13 -8.58 -26.95
C LEU B 160 -19.66 -9.97 -26.53
N VAL B 161 -18.35 -10.12 -26.48
CA VAL B 161 -17.73 -11.33 -25.97
C VAL B 161 -17.57 -11.27 -24.44
N ALA B 162 -17.36 -10.08 -23.91
CA ALA B 162 -17.13 -9.84 -22.50
C ALA B 162 -17.31 -8.35 -22.27
N ALA B 163 -17.70 -8.00 -21.05
CA ALA B 163 -17.87 -6.60 -20.70
C ALA B 163 -17.83 -6.50 -19.18
N GLY B 164 -17.69 -5.27 -18.70
CA GLY B 164 -17.73 -5.07 -17.27
C GLY B 164 -17.22 -3.71 -16.90
N TYR B 165 -16.88 -3.57 -15.64
CA TYR B 165 -16.44 -2.28 -15.16
C TYR B 165 -15.62 -2.49 -13.91
N ALA B 166 -14.78 -1.50 -13.63
CA ALA B 166 -14.13 -1.37 -12.34
C ALA B 166 -14.73 -0.16 -11.63
N LEU B 167 -15.08 -0.33 -10.35
CA LEU B 167 -15.59 0.79 -9.57
C LEU B 167 -14.53 1.19 -8.57
N TYR B 168 -14.08 2.46 -8.64
CA TYR B 168 -13.17 3.01 -7.63
C TYR B 168 -14.02 3.78 -6.61
N GLY B 169 -14.66 3.03 -5.73
CA GLY B 169 -15.48 3.59 -4.66
C GLY B 169 -14.76 3.55 -3.33
N SER B 170 -15.52 3.29 -2.25
CA SER B 170 -14.91 3.10 -0.94
C SER B 170 -13.89 1.98 -1.01
N ALA B 171 -14.13 0.98 -1.83
CA ALA B 171 -13.11 0.02 -2.22
C ALA B 171 -13.15 -0.10 -3.74
N THR B 172 -12.17 -0.81 -4.30
CA THR B 172 -12.10 -1.01 -5.74
C THR B 172 -12.58 -2.42 -6.10
N MET B 173 -13.55 -2.50 -7.00
CA MET B 173 -14.14 -3.76 -7.42
C MET B 173 -14.25 -3.81 -8.93
N LEU B 174 -13.89 -4.97 -9.48
CA LEU B 174 -14.05 -5.27 -10.88
C LEU B 174 -15.22 -6.25 -11.05
N VAL B 175 -16.18 -5.86 -11.86
CA VAL B 175 -17.31 -6.70 -12.22
C VAL B 175 -17.10 -7.14 -13.67
N LEU B 176 -17.02 -8.45 -13.88
CA LEU B 176 -16.73 -9.02 -15.19
C LEU B 176 -17.89 -9.92 -15.61
N ALA B 177 -18.49 -9.61 -16.75
CA ALA B 177 -19.59 -10.37 -17.31
C ALA B 177 -19.09 -11.10 -18.55
N MET B 178 -19.33 -12.41 -18.60
CA MET B 178 -19.09 -13.19 -19.80
C MET B 178 -20.29 -14.10 -20.05
N ASP B 179 -20.22 -14.98 -21.03
CA ASP B 179 -21.32 -15.90 -21.27
C ASP B 179 -21.65 -16.73 -20.03
N CYS B 180 -20.64 -17.08 -19.22
CA CYS B 180 -20.81 -17.83 -17.98
C CYS B 180 -21.46 -17.04 -16.84
N GLY B 181 -21.83 -15.77 -17.03
CA GLY B 181 -22.45 -14.98 -15.98
C GLY B 181 -21.55 -13.86 -15.49
N VAL B 182 -21.94 -13.29 -14.35
CA VAL B 182 -21.31 -12.09 -13.82
C VAL B 182 -20.60 -12.44 -12.53
N ASN B 183 -19.35 -12.02 -12.40
CA ASN B 183 -18.54 -12.29 -11.21
C ASN B 183 -17.86 -11.01 -10.74
N CYS B 184 -17.79 -10.83 -9.42
CA CYS B 184 -17.32 -9.58 -8.81
C CYS B 184 -16.04 -9.85 -8.03
N PHE B 185 -15.03 -9.04 -8.27
CA PHE B 185 -13.72 -9.24 -7.67
C PHE B 185 -13.32 -7.99 -6.91
N MET B 186 -12.96 -8.16 -5.64
CA MET B 186 -12.52 -7.06 -4.83
C MET B 186 -11.00 -6.94 -4.93
N LEU B 187 -10.52 -5.73 -5.22
CA LEU B 187 -9.08 -5.51 -5.23
C LEU B 187 -8.59 -5.43 -3.78
N ASP B 188 -7.71 -6.35 -3.42
CA ASP B 188 -7.02 -6.27 -2.13
C ASP B 188 -5.77 -5.44 -2.32
N PRO B 189 -5.76 -4.17 -1.90
CA PRO B 189 -4.60 -3.32 -2.17
C PRO B 189 -3.34 -3.73 -1.45
N ALA B 190 -3.43 -4.52 -0.38
CA ALA B 190 -2.23 -4.95 0.31
C ALA B 190 -1.36 -5.84 -0.59
N ILE B 191 -1.99 -6.54 -1.54
CA ILE B 191 -1.28 -7.48 -2.39
C ILE B 191 -1.56 -7.27 -3.87
N GLY B 192 -2.35 -6.24 -4.22
CA GLY B 192 -2.64 -5.95 -5.61
C GLY B 192 -3.24 -7.14 -6.33
N GLU B 193 -4.23 -7.77 -5.72
CA GLU B 193 -4.90 -8.91 -6.29
C GLU B 193 -6.41 -8.72 -6.26
N PHE B 194 -7.07 -9.08 -7.35
CA PHE B 194 -8.54 -9.11 -7.40
C PHE B 194 -9.01 -10.45 -6.86
N ILE B 195 -9.78 -10.41 -5.77
CA ILE B 195 -10.28 -11.60 -5.09
C ILE B 195 -11.73 -11.81 -5.46
N LEU B 196 -12.07 -13.01 -5.92
CA LEU B 196 -13.48 -13.30 -6.23
C LEU B 196 -14.29 -13.30 -4.94
N VAL B 197 -15.29 -12.43 -4.85
CA VAL B 197 -16.09 -12.31 -3.65
C VAL B 197 -17.57 -12.59 -3.89
N ASP B 198 -18.06 -12.54 -5.14
CA ASP B 198 -19.45 -12.84 -5.46
C ASP B 198 -19.48 -13.58 -6.78
N LYS B 199 -19.94 -14.83 -6.76
CA LYS B 199 -19.95 -15.64 -7.96
C LYS B 199 -21.33 -15.64 -8.62
N ASP B 200 -21.33 -15.58 -9.95
CA ASP B 200 -22.52 -15.81 -10.76
C ASP B 200 -23.67 -14.92 -10.29
N VAL B 201 -23.40 -13.62 -10.26
CA VAL B 201 -24.29 -12.67 -9.62
C VAL B 201 -25.59 -12.55 -10.38
N LYS B 202 -26.70 -12.45 -9.64
CA LYS B 202 -28.02 -12.23 -10.22
C LYS B 202 -28.68 -11.06 -9.48
N ILE B 203 -29.30 -10.18 -10.25
CA ILE B 203 -29.95 -9.00 -9.68
C ILE B 203 -31.31 -9.40 -9.12
N LYS B 204 -31.74 -8.71 -8.07
CA LYS B 204 -33.10 -8.87 -7.55
C LYS B 204 -34.13 -8.72 -8.68
N LYS B 205 -35.19 -9.52 -8.59
CA LYS B 205 -36.29 -9.44 -9.56
C LYS B 205 -36.93 -8.06 -9.54
N LYS B 206 -37.01 -7.44 -8.37
CA LYS B 206 -37.57 -6.11 -8.23
C LYS B 206 -36.88 -5.39 -7.08
N GLY B 207 -36.56 -4.12 -7.29
CA GLY B 207 -35.87 -3.33 -6.31
C GLY B 207 -36.79 -2.33 -5.62
N LYS B 208 -36.17 -1.43 -4.86
CA LYS B 208 -36.88 -0.40 -4.10
C LYS B 208 -36.19 0.97 -4.21
N ILE B 209 -35.34 1.15 -5.21
CA ILE B 209 -34.62 2.40 -5.44
C ILE B 209 -34.71 2.74 -6.92
N TYR B 210 -34.96 4.01 -7.22
CA TYR B 210 -34.87 4.51 -8.58
C TYR B 210 -33.77 5.57 -8.61
N SER B 211 -33.10 5.70 -9.76
CA SER B 211 -31.89 6.50 -9.85
C SER B 211 -31.90 7.29 -11.16
N LEU B 212 -32.08 8.60 -11.06
CA LEU B 212 -31.94 9.49 -12.21
C LEU B 212 -31.80 10.92 -11.71
N ASN B 213 -31.29 11.78 -12.59
CA ASN B 213 -31.15 13.20 -12.28
C ASN B 213 -32.52 13.87 -12.48
N GLU B 214 -33.23 14.11 -11.37
CA GLU B 214 -34.55 14.72 -11.40
C GLU B 214 -34.50 16.24 -11.62
N GLY B 215 -33.30 16.83 -11.67
CA GLY B 215 -33.19 18.23 -12.05
C GLY B 215 -33.68 18.53 -13.45
N TYR B 216 -33.70 17.53 -14.33
CA TYR B 216 -34.24 17.64 -15.68
C TYR B 216 -35.73 17.35 -15.76
N ALA B 217 -36.46 17.50 -14.65
CA ALA B 217 -37.88 17.15 -14.67
C ALA B 217 -38.66 17.96 -15.69
N LYS B 218 -38.25 19.22 -15.93
CA LYS B 218 -38.94 20.07 -16.89
C LYS B 218 -38.89 19.50 -18.31
N ASP B 219 -37.88 18.68 -18.61
CA ASP B 219 -37.68 18.14 -19.96
C ASP B 219 -38.12 16.70 -20.11
N PHE B 220 -38.56 16.06 -19.04
CA PHE B 220 -38.85 14.63 -19.09
C PHE B 220 -39.94 14.31 -20.11
N ASP B 221 -39.77 13.17 -20.79
CA ASP B 221 -40.87 12.56 -21.51
C ASP B 221 -42.00 12.28 -20.51
N PRO B 222 -43.27 12.46 -20.91
CA PRO B 222 -44.38 12.14 -20.00
C PRO B 222 -44.31 10.74 -19.39
N ALA B 223 -43.76 9.78 -20.14
CA ALA B 223 -43.63 8.43 -19.61
C ALA B 223 -42.67 8.39 -18.42
N VAL B 224 -41.54 9.10 -18.51
CA VAL B 224 -40.62 9.16 -17.38
C VAL B 224 -41.29 9.87 -16.22
N THR B 225 -41.94 11.00 -16.49
CA THR B 225 -42.64 11.73 -15.44
C THR B 225 -43.66 10.85 -14.74
N GLU B 226 -44.45 10.09 -15.50
CA GLU B 226 -45.44 9.24 -14.86
C GLU B 226 -44.76 8.12 -14.09
N TYR B 227 -43.73 7.51 -14.69
CA TYR B 227 -43.08 6.40 -13.99
C TYR B 227 -42.52 6.86 -12.65
N ILE B 228 -41.89 8.02 -12.62
CA ILE B 228 -41.33 8.52 -11.36
C ILE B 228 -42.44 8.79 -10.37
N GLN B 229 -43.58 9.34 -10.83
CA GLN B 229 -44.71 9.59 -9.95
C GLN B 229 -45.20 8.29 -9.32
N ARG B 230 -45.16 7.20 -10.08
CA ARG B 230 -45.50 5.89 -9.53
C ARG B 230 -44.52 5.46 -8.45
N LYS B 231 -43.26 5.93 -8.52
CA LYS B 231 -42.28 5.56 -7.51
C LYS B 231 -42.53 6.31 -6.21
N LYS B 232 -43.06 7.52 -6.31
CA LYS B 232 -43.31 8.34 -5.13
C LYS B 232 -44.71 8.12 -4.55
N PHE B 233 -45.67 7.78 -5.40
CA PHE B 233 -47.08 7.57 -5.01
C PHE B 233 -47.52 6.26 -5.61
N PRO B 234 -47.14 5.13 -4.99
CA PRO B 234 -47.35 3.80 -5.61
C PRO B 234 -48.82 3.50 -5.82
N PRO B 235 -49.19 2.90 -6.97
CA PRO B 235 -50.61 2.58 -7.22
C PRO B 235 -51.10 1.31 -6.53
N ASP B 236 -50.21 0.41 -6.12
CA ASP B 236 -50.58 -0.82 -5.42
C ASP B 236 -50.42 -0.72 -3.91
N ASN B 237 -50.36 0.49 -3.34
CA ASN B 237 -50.31 0.69 -1.88
C ASN B 237 -49.05 0.09 -1.25
N SER B 238 -47.94 0.06 -1.98
CA SER B 238 -46.66 -0.32 -1.40
C SER B 238 -45.92 0.92 -0.91
N ALA B 239 -44.75 0.70 -0.30
CA ALA B 239 -43.94 1.81 0.19
C ALA B 239 -43.28 2.54 -0.98
N PRO B 240 -43.21 3.87 -0.94
CA PRO B 240 -42.47 4.60 -1.99
C PRO B 240 -41.02 4.14 -2.08
N TYR B 241 -40.50 4.18 -3.30
CA TYR B 241 -39.09 3.88 -3.53
C TYR B 241 -38.21 4.98 -2.94
N GLY B 242 -37.01 4.59 -2.48
CA GLY B 242 -36.01 5.58 -2.18
C GLY B 242 -35.34 6.07 -3.45
N ALA B 243 -34.76 7.26 -3.37
CA ALA B 243 -34.03 7.80 -4.51
C ALA B 243 -32.55 7.86 -4.17
N ARG B 244 -31.72 7.50 -5.14
CA ARG B 244 -30.28 7.64 -5.03
C ARG B 244 -29.76 8.02 -6.41
N TYR B 245 -28.88 9.02 -6.46
CA TYR B 245 -28.26 9.38 -7.72
C TYR B 245 -26.86 9.95 -7.43
N VAL B 246 -25.84 9.13 -7.59
CA VAL B 246 -24.49 9.60 -7.39
C VAL B 246 -24.07 10.54 -8.51
N GLY B 247 -24.58 10.32 -9.71
CA GLY B 247 -24.15 11.12 -10.85
C GLY B 247 -22.94 10.55 -11.55
N SER B 248 -22.44 9.43 -11.09
CA SER B 248 -21.35 8.69 -11.71
C SER B 248 -21.94 7.37 -12.12
N MET B 249 -21.93 7.09 -13.42
CA MET B 249 -22.71 5.97 -13.92
C MET B 249 -22.29 4.65 -13.29
N VAL B 250 -20.97 4.43 -13.12
CA VAL B 250 -20.53 3.14 -12.59
C VAL B 250 -21.04 2.94 -11.17
N ALA B 251 -21.02 3.99 -10.36
CA ALA B 251 -21.50 3.86 -8.99
C ALA B 251 -22.99 3.56 -8.98
N ASP B 252 -23.76 4.30 -9.79
CA ASP B 252 -25.21 4.14 -9.82
C ASP B 252 -25.60 2.78 -10.38
N VAL B 253 -24.92 2.32 -11.43
CA VAL B 253 -25.22 1.02 -11.99
C VAL B 253 -24.83 -0.08 -11.02
N HIS B 254 -23.67 0.04 -10.37
CA HIS B 254 -23.24 -0.99 -9.45
C HIS B 254 -24.19 -1.15 -8.26
N ARG B 255 -24.66 -0.03 -7.68
CA ARG B 255 -25.68 -0.12 -6.64
C ARG B 255 -26.94 -0.81 -7.18
N THR B 256 -27.33 -0.49 -8.42
CA THR B 256 -28.49 -1.13 -9.02
C THR B 256 -28.29 -2.65 -9.10
N LEU B 257 -27.09 -3.08 -9.46
CA LEU B 257 -26.77 -4.50 -9.49
C LEU B 257 -26.83 -5.12 -8.10
N VAL B 258 -26.32 -4.42 -7.09
CA VAL B 258 -26.15 -5.01 -5.76
C VAL B 258 -27.45 -5.00 -4.96
N TYR B 259 -28.22 -3.93 -5.05
CA TYR B 259 -29.43 -3.78 -4.25
C TYR B 259 -30.70 -3.95 -5.08
N GLY B 260 -30.60 -4.00 -6.40
CA GLY B 260 -31.76 -4.00 -7.25
C GLY B 260 -32.32 -2.59 -7.39
N GLY B 261 -33.33 -2.47 -8.24
CA GLY B 261 -33.92 -1.18 -8.52
C GLY B 261 -33.71 -0.82 -9.97
N ILE B 262 -33.74 0.48 -10.29
CA ILE B 262 -33.76 0.93 -11.67
C ILE B 262 -32.92 2.18 -11.80
N PHE B 263 -32.18 2.26 -12.90
CA PHE B 263 -31.36 3.41 -13.26
C PHE B 263 -31.87 3.96 -14.60
N LEU B 264 -32.01 5.29 -14.69
CA LEU B 264 -32.53 5.93 -15.89
C LEU B 264 -31.60 7.05 -16.32
N TYR B 265 -31.30 7.08 -17.61
CA TYR B 265 -30.79 8.29 -18.26
C TYR B 265 -31.57 8.46 -19.56
N PRO B 266 -32.78 8.99 -19.48
CA PRO B 266 -33.65 9.12 -20.65
C PRO B 266 -33.24 10.36 -21.41
N ALA B 267 -33.93 10.62 -22.52
CA ALA B 267 -33.64 11.84 -23.27
C ALA B 267 -34.10 13.10 -22.53
N ASN B 268 -33.45 14.22 -22.84
CA ASN B 268 -33.92 15.53 -22.41
C ASN B 268 -33.58 16.52 -23.53
N LYS B 269 -33.81 17.81 -23.27
CA LYS B 269 -33.61 18.82 -24.30
C LYS B 269 -32.14 18.95 -24.69
N LYS B 270 -31.23 18.87 -23.72
CA LYS B 270 -29.80 18.90 -24.04
C LYS B 270 -29.35 17.62 -24.72
N SER B 271 -30.05 16.52 -24.46
CA SER B 271 -29.65 15.19 -24.91
C SER B 271 -30.85 14.46 -25.50
N PRO B 272 -31.29 14.84 -26.71
CA PRO B 272 -32.49 14.22 -27.29
C PRO B 272 -32.32 12.74 -27.65
N ASN B 273 -31.09 12.25 -27.77
CA ASN B 273 -30.80 10.81 -27.89
C ASN B 273 -30.23 10.26 -26.59
N GLY B 274 -30.49 10.93 -25.48
CA GLY B 274 -29.87 10.62 -24.21
C GLY B 274 -28.49 11.22 -24.15
N LYS B 275 -27.80 10.97 -23.05
CA LYS B 275 -26.47 11.53 -22.85
C LYS B 275 -25.39 10.47 -22.85
N LEU B 276 -25.68 9.29 -22.31
CA LEU B 276 -24.67 8.27 -22.17
C LEU B 276 -24.29 7.70 -23.53
N ARG B 277 -23.05 7.21 -23.63
CA ARG B 277 -22.50 6.74 -24.89
C ARG B 277 -22.79 5.26 -25.09
N LEU B 278 -23.26 4.93 -26.29
CA LEU B 278 -23.75 3.58 -26.56
C LEU B 278 -22.63 2.55 -26.44
N LEU B 279 -21.48 2.84 -27.05
CA LEU B 279 -20.46 1.81 -27.28
C LEU B 279 -19.74 1.41 -25.99
N TYR B 280 -19.42 2.39 -25.13
CA TYR B 280 -18.55 2.15 -23.98
C TYR B 280 -19.17 2.58 -22.66
N GLU B 281 -20.46 2.95 -22.65
CA GLU B 281 -21.21 3.10 -21.41
C GLU B 281 -22.44 2.22 -21.41
N CYS B 282 -23.35 2.43 -22.37
CA CYS B 282 -24.64 1.73 -22.35
C CYS B 282 -24.48 0.24 -22.63
N ASN B 283 -23.78 -0.13 -23.70
CA ASN B 283 -23.69 -1.54 -24.07
C ASN B 283 -23.04 -2.41 -23.01
N PRO B 284 -21.84 -2.09 -22.47
CA PRO B 284 -21.28 -2.94 -21.42
C PRO B 284 -22.19 -3.05 -20.19
N MET B 285 -22.79 -1.93 -19.76
CA MET B 285 -23.70 -2.01 -18.62
C MET B 285 -24.93 -2.81 -18.98
N ALA B 286 -25.41 -2.69 -20.22
CA ALA B 286 -26.57 -3.49 -20.63
C ALA B 286 -26.22 -4.97 -20.63
N TYR B 287 -25.00 -5.32 -21.07
CA TYR B 287 -24.55 -6.70 -21.10
C TYR B 287 -24.37 -7.27 -19.70
N VAL B 288 -23.76 -6.49 -18.77
CA VAL B 288 -23.66 -6.93 -17.38
C VAL B 288 -25.06 -7.19 -16.81
N MET B 289 -25.98 -6.25 -17.03
CA MET B 289 -27.33 -6.39 -16.51
C MET B 289 -27.99 -7.66 -17.02
N GLU B 290 -27.91 -7.90 -18.33
CA GLU B 290 -28.60 -9.05 -18.89
C GLU B 290 -27.98 -10.36 -18.43
N LYS B 291 -26.65 -10.43 -18.34
CA LYS B 291 -26.04 -11.65 -17.83
C LYS B 291 -26.37 -11.86 -16.36
N ALA B 292 -26.78 -10.81 -15.66
CA ALA B 292 -27.23 -10.89 -14.28
C ALA B 292 -28.73 -11.06 -14.16
N GLY B 293 -29.44 -11.29 -15.27
CA GLY B 293 -30.88 -11.44 -15.22
C GLY B 293 -31.66 -10.15 -15.11
N GLY B 294 -31.04 -9.01 -15.39
CA GLY B 294 -31.74 -7.74 -15.46
C GLY B 294 -32.04 -7.36 -16.90
N MET B 295 -32.44 -6.11 -17.08
CA MET B 295 -32.85 -5.61 -18.38
C MET B 295 -32.23 -4.25 -18.65
N ALA B 296 -32.14 -3.91 -19.94
CA ALA B 296 -31.60 -2.62 -20.36
C ALA B 296 -32.25 -2.22 -21.68
N THR B 297 -33.00 -1.12 -21.67
CA THR B 297 -33.79 -0.73 -22.82
C THR B 297 -33.55 0.75 -23.09
N THR B 298 -33.72 1.13 -24.36
CA THR B 298 -33.80 2.55 -24.72
C THR B 298 -35.20 3.12 -24.51
N GLY B 299 -36.17 2.29 -24.16
CA GLY B 299 -37.55 2.69 -24.23
C GLY B 299 -38.20 2.03 -25.44
N LYS B 300 -37.49 2.02 -26.55
CA LYS B 300 -38.00 1.46 -27.80
C LYS B 300 -37.47 0.07 -28.09
N GLU B 301 -36.26 -0.25 -27.64
CA GLU B 301 -35.63 -1.53 -27.94
C GLU B 301 -34.61 -1.86 -26.86
N ALA B 302 -34.12 -3.10 -26.89
CA ALA B 302 -33.03 -3.48 -26.02
C ALA B 302 -31.76 -2.74 -26.43
N VAL B 303 -31.04 -2.20 -25.45
CA VAL B 303 -29.77 -1.52 -25.71
C VAL B 303 -28.86 -2.38 -26.56
N LEU B 304 -28.77 -3.68 -26.24
CA LEU B 304 -27.87 -4.58 -26.95
C LEU B 304 -28.27 -4.81 -28.40
N ASP B 305 -29.48 -4.44 -28.82
CA ASP B 305 -29.91 -4.59 -30.19
C ASP B 305 -29.69 -3.35 -31.06
N VAL B 306 -29.37 -2.20 -30.46
CA VAL B 306 -29.10 -1.01 -31.27
C VAL B 306 -27.85 -1.25 -32.10
N ILE B 307 -27.95 -1.02 -33.40
CA ILE B 307 -26.80 -1.12 -34.29
C ILE B 307 -26.23 0.28 -34.46
N PRO B 308 -25.02 0.55 -33.97
CA PRO B 308 -24.48 1.90 -34.03
C PRO B 308 -23.96 2.24 -35.41
N THR B 309 -24.03 3.53 -35.73
CA THR B 309 -23.41 4.07 -36.94
C THR B 309 -22.27 5.02 -36.65
N ASP B 310 -22.06 5.39 -35.38
CA ASP B 310 -21.01 6.30 -34.95
C ASP B 310 -20.48 5.81 -33.61
N ILE B 311 -19.16 5.78 -33.45
CA ILE B 311 -18.57 5.19 -32.24
C ILE B 311 -18.89 6.01 -31.00
N HIS B 312 -19.24 7.29 -31.13
CA HIS B 312 -19.59 8.15 -30.01
C HIS B 312 -21.07 8.45 -29.94
N GLN B 313 -21.90 7.68 -30.63
CA GLN B 313 -23.32 8.01 -30.58
C GLN B 313 -23.86 7.69 -29.20
N ARG B 314 -24.86 8.47 -28.81
CA ARG B 314 -25.50 8.38 -27.52
C ARG B 314 -26.76 7.53 -27.60
N ALA B 315 -27.19 7.06 -26.44
CA ALA B 315 -28.40 6.28 -26.36
C ALA B 315 -29.10 6.56 -25.04
N PRO B 316 -30.42 6.62 -25.03
CA PRO B 316 -31.13 6.60 -23.76
C PRO B 316 -31.01 5.21 -23.16
N VAL B 317 -31.04 5.16 -21.83
CA VAL B 317 -30.85 3.89 -21.13
C VAL B 317 -31.72 3.87 -19.87
N ILE B 318 -32.46 2.78 -19.72
CA ILE B 318 -33.23 2.43 -18.51
C ILE B 318 -32.87 0.99 -18.20
N LEU B 319 -32.29 0.73 -17.03
CA LEU B 319 -31.80 -0.61 -16.75
C LEU B 319 -31.99 -0.96 -15.28
N GLY B 320 -31.82 -2.24 -14.98
CA GLY B 320 -31.91 -2.70 -13.61
C GLY B 320 -32.77 -3.94 -13.47
N SER B 321 -33.46 -4.06 -12.33
CA SER B 321 -34.26 -5.23 -12.05
C SER B 321 -35.34 -5.42 -13.12
N PRO B 322 -35.61 -6.66 -13.52
CA PRO B 322 -36.58 -6.87 -14.61
C PRO B 322 -37.97 -6.36 -14.30
N ASP B 323 -38.50 -6.59 -13.09
CA ASP B 323 -39.83 -6.07 -12.78
C ASP B 323 -39.89 -4.54 -12.85
N ASP B 324 -38.82 -3.87 -12.42
CA ASP B 324 -38.82 -2.42 -12.50
C ASP B 324 -38.77 -1.93 -13.95
N VAL B 325 -37.91 -2.53 -14.77
CA VAL B 325 -37.80 -2.09 -16.16
C VAL B 325 -39.08 -2.40 -16.91
N LEU B 326 -39.68 -3.56 -16.66
CA LEU B 326 -40.94 -3.92 -17.31
C LEU B 326 -42.04 -2.93 -16.93
N GLU B 327 -42.07 -2.51 -15.66
CA GLU B 327 -43.03 -1.50 -15.24
C GLU B 327 -42.82 -0.19 -15.99
N PHE B 328 -41.57 0.24 -16.15
CA PHE B 328 -41.32 1.44 -16.94
C PHE B 328 -41.79 1.25 -18.37
N LEU B 329 -41.52 0.09 -18.96
CA LEU B 329 -41.89 -0.16 -20.35
C LEU B 329 -43.41 -0.17 -20.52
N LYS B 330 -44.13 -0.72 -19.54
CA LYS B 330 -45.59 -0.67 -19.58
C LYS B 330 -46.07 0.78 -19.59
N VAL B 331 -45.46 1.64 -18.77
CA VAL B 331 -45.82 3.06 -18.82
C VAL B 331 -45.41 3.66 -20.16
N TYR B 332 -44.23 3.28 -20.67
CA TYR B 332 -43.77 3.81 -21.95
C TYR B 332 -44.74 3.46 -23.07
N GLU B 333 -45.19 2.21 -23.10
CA GLU B 333 -46.14 1.80 -24.13
C GLU B 333 -47.49 2.47 -23.94
N LYS B 334 -47.91 2.67 -22.69
CA LYS B 334 -49.16 3.41 -22.42
C LYS B 334 -49.12 4.79 -23.06
N HIS B 335 -47.97 5.43 -23.08
CA HIS B 335 -47.83 6.70 -23.75
C HIS B 335 -47.58 6.54 -25.24
N SER B 336 -47.94 5.38 -25.77
CA SER B 336 -47.83 5.05 -27.20
C SER B 336 -46.39 5.11 -27.67
N ASP C 10 -0.83 0.36 25.79
CA ASP C 10 -1.37 1.34 24.87
C ASP C 10 -0.51 1.47 23.61
N VAL C 11 -1.14 1.47 22.44
CA VAL C 11 -0.40 1.69 21.21
C VAL C 11 0.21 3.08 21.24
N ASN C 12 1.43 3.19 20.70
CA ASN C 12 2.14 4.46 20.66
C ASN C 12 2.78 4.62 19.30
N THR C 13 2.65 5.81 18.72
CA THR C 13 3.24 6.12 17.42
C THR C 13 4.42 7.05 17.61
N LEU C 14 5.28 7.12 16.58
CA LEU C 14 6.40 8.05 16.63
C LEU C 14 5.92 9.48 16.86
N THR C 15 4.88 9.88 16.13
CA THR C 15 4.33 11.23 16.27
C THR C 15 3.93 11.51 17.72
N ARG C 16 3.13 10.63 18.31
CA ARG C 16 2.69 10.80 19.68
C ARG C 16 3.86 10.74 20.65
N PHE C 17 4.80 9.83 20.41
CA PHE C 17 5.94 9.67 21.31
C PHE C 17 6.79 10.92 21.34
N VAL C 18 7.14 11.45 20.16
CA VAL C 18 8.02 12.60 20.09
C VAL C 18 7.33 13.80 20.72
N MET C 19 6.05 14.00 20.41
CA MET C 19 5.31 15.14 20.94
C MET C 19 5.24 15.08 22.46
N GLU C 20 5.10 13.87 23.00
CA GLU C 20 5.05 13.71 24.45
C GLU C 20 6.41 13.98 25.08
N GLU C 21 7.49 13.57 24.43
CA GLU C 21 8.82 13.94 24.93
C GLU C 21 9.00 15.46 24.92
N GLY C 22 8.47 16.12 23.89
CA GLY C 22 8.60 17.56 23.80
C GLY C 22 7.82 18.28 24.87
N ARG C 23 6.59 17.83 25.14
CA ARG C 23 5.78 18.44 26.20
C ARG C 23 6.49 18.39 27.53
N LYS C 24 7.10 17.24 27.86
CA LYS C 24 7.80 17.11 29.13
C LYS C 24 9.01 18.03 29.21
N ALA C 25 9.72 18.21 28.10
CA ALA C 25 10.92 19.05 28.11
C ALA C 25 10.60 20.55 28.05
N ARG C 26 9.40 20.93 27.62
CA ARG C 26 8.99 22.33 27.51
C ARG C 26 9.89 23.11 26.57
N GLY C 27 10.33 22.48 25.49
CA GLY C 27 11.07 23.20 24.47
C GLY C 27 10.16 24.01 23.55
N THR C 28 10.80 24.69 22.59
CA THR C 28 10.08 25.54 21.65
C THR C 28 9.30 24.76 20.59
N GLY C 29 9.46 23.44 20.50
CA GLY C 29 8.77 22.68 19.48
C GLY C 29 9.52 22.47 18.18
N GLU C 30 10.69 23.10 18.00
CA GLU C 30 11.42 22.96 16.74
C GLU C 30 11.93 21.54 16.55
N LEU C 31 12.49 20.94 17.59
CA LEU C 31 12.98 19.56 17.47
C LEU C 31 11.85 18.61 17.11
N THR C 32 10.66 18.84 17.67
CA THR C 32 9.51 18.02 17.33
C THR C 32 9.14 18.19 15.85
N GLN C 33 9.12 19.43 15.37
CA GLN C 33 8.83 19.65 13.96
C GLN C 33 9.92 19.07 13.07
N LEU C 34 11.18 19.17 13.49
CA LEU C 34 12.24 18.55 12.72
C LEU C 34 12.03 17.04 12.59
N LEU C 35 11.73 16.38 13.71
CA LEU C 35 11.56 14.94 13.72
C LEU C 35 10.31 14.51 12.95
N ASN C 36 9.23 15.31 13.01
CA ASN C 36 8.07 15.03 12.17
C ASN C 36 8.43 15.05 10.70
N SER C 37 9.23 16.04 10.31
CA SER C 37 9.65 16.15 8.91
C SER C 37 10.52 14.98 8.50
N LEU C 38 11.44 14.58 9.37
CA LEU C 38 12.31 13.45 9.09
C LEU C 38 11.50 12.18 8.92
N CYS C 39 10.54 11.95 9.81
CA CYS C 39 9.66 10.78 9.73
C CYS C 39 8.92 10.74 8.40
N THR C 40 8.39 11.88 7.96
CA THR C 40 7.73 11.96 6.67
C THR C 40 8.67 11.62 5.54
N ALA C 41 9.87 12.20 5.55
CA ALA C 41 10.85 11.92 4.51
C ALA C 41 11.19 10.43 4.48
N VAL C 42 11.33 9.81 5.65
CA VAL C 42 11.70 8.40 5.72
C VAL C 42 10.61 7.51 5.11
N LYS C 43 9.34 7.81 5.41
CA LYS C 43 8.23 7.05 4.81
C LYS C 43 8.27 7.21 3.29
N ALA C 44 8.61 8.40 2.81
CA ALA C 44 8.71 8.61 1.37
C ALA C 44 9.90 7.86 0.79
N ILE C 45 11.01 7.80 1.54
CA ILE C 45 12.16 7.02 1.08
C ILE C 45 11.80 5.53 1.03
N SER C 46 11.19 5.02 2.10
CA SER C 46 10.80 3.61 2.15
C SER C 46 9.95 3.23 0.94
N SER C 47 8.93 4.04 0.65
CA SER C 47 8.05 3.77 -0.50
C SER C 47 8.84 3.70 -1.81
N ALA C 48 9.77 4.62 -2.04
CA ALA C 48 10.55 4.59 -3.27
C ALA C 48 11.53 3.42 -3.29
N VAL C 49 12.15 3.13 -2.13
CA VAL C 49 13.10 2.01 -2.05
C VAL C 49 12.41 0.68 -2.35
N ARG C 50 11.18 0.49 -1.82
CA ARG C 50 10.38 -0.69 -2.11
C ARG C 50 9.81 -0.68 -3.53
N LYS C 51 10.12 0.35 -4.32
CA LYS C 51 9.84 0.44 -5.73
C LYS C 51 8.37 0.70 -6.04
N ALA C 52 7.66 1.39 -5.15
CA ALA C 52 6.31 1.83 -5.52
C ALA C 52 6.39 2.69 -6.78
N GLY C 53 5.59 2.35 -7.78
CA GLY C 53 5.57 3.07 -9.03
C GLY C 53 6.59 2.66 -10.07
N ILE C 54 7.39 1.62 -9.81
CA ILE C 54 8.42 1.24 -10.78
C ILE C 54 7.81 0.85 -12.13
N ALA C 55 6.55 0.38 -12.16
CA ALA C 55 5.91 0.02 -13.43
C ALA C 55 5.79 1.22 -14.37
N HIS C 56 5.56 2.42 -13.83
CA HIS C 56 5.54 3.60 -14.70
C HIS C 56 6.90 3.83 -15.34
N LEU C 57 7.98 3.55 -14.61
CA LEU C 57 9.31 3.67 -15.21
C LEU C 57 9.52 2.68 -16.34
N TYR C 58 8.83 1.54 -16.31
CA TYR C 58 9.00 0.53 -17.35
C TYR C 58 7.90 0.58 -18.39
N GLY C 59 7.16 1.70 -18.46
CA GLY C 59 6.30 1.96 -19.59
C GLY C 59 4.86 1.49 -19.47
N ILE C 60 4.35 1.30 -18.25
CA ILE C 60 2.97 0.82 -18.10
C ILE C 60 1.99 1.81 -18.74
N ALA C 61 2.33 3.10 -18.76
CA ALA C 61 1.48 4.13 -19.35
C ALA C 61 1.99 4.59 -20.72
N GLY C 62 2.76 3.74 -21.40
CA GLY C 62 3.38 4.07 -22.67
C GLY C 62 4.84 4.49 -22.57
N LYS C 73 17.47 8.86 -9.77
CA LYS C 73 18.31 7.91 -9.06
C LYS C 73 17.86 7.90 -7.60
N LEU C 74 17.87 6.72 -6.99
CA LEU C 74 17.23 6.55 -5.68
C LEU C 74 17.93 7.37 -4.60
N ASP C 75 19.24 7.50 -4.66
CA ASP C 75 19.91 8.25 -3.59
C ASP C 75 19.78 9.75 -3.79
N VAL C 76 19.62 10.21 -5.02
CA VAL C 76 19.35 11.63 -5.24
C VAL C 76 17.95 11.99 -4.74
N LEU C 77 16.95 11.18 -5.12
CA LEU C 77 15.58 11.42 -4.65
C LEU C 77 15.53 11.40 -3.13
N SER C 78 16.23 10.43 -2.51
CA SER C 78 16.27 10.33 -1.05
C SER C 78 16.89 11.58 -0.45
N ASN C 79 17.99 12.06 -1.04
CA ASN C 79 18.60 13.29 -0.57
C ASN C 79 17.64 14.47 -0.70
N ASP C 80 16.91 14.55 -1.82
CA ASP C 80 15.96 15.64 -2.02
C ASP C 80 14.82 15.59 -1.01
N LEU C 81 14.32 14.39 -0.71
CA LEU C 81 13.26 14.27 0.28
C LEU C 81 13.71 14.79 1.64
N VAL C 82 14.86 14.32 2.12
CA VAL C 82 15.36 14.76 3.41
C VAL C 82 15.64 16.25 3.40
N MET C 83 16.38 16.71 2.39
CA MET C 83 16.70 18.13 2.27
C MET C 83 15.44 18.98 2.32
N ASN C 84 14.45 18.64 1.48
CA ASN C 84 13.26 19.48 1.39
C ASN C 84 12.41 19.38 2.64
N MET C 85 12.27 18.18 3.22
CA MET C 85 11.48 18.08 4.45
C MET C 85 12.16 18.83 5.60
N LEU C 86 13.50 18.75 5.68
CA LEU C 86 14.22 19.45 6.74
C LEU C 86 14.16 20.96 6.57
N LYS C 87 14.41 21.46 5.35
CA LYS C 87 14.33 22.90 5.08
C LYS C 87 12.96 23.45 5.48
N SER C 88 11.90 22.75 5.07
CA SER C 88 10.56 23.26 5.28
C SER C 88 10.07 23.08 6.71
N SER C 89 10.84 22.40 7.56
CA SER C 89 10.47 22.28 8.97
C SER C 89 10.69 23.58 9.75
N PHE C 90 11.45 24.52 9.19
CA PHE C 90 11.85 25.76 9.87
C PHE C 90 12.63 25.48 11.15
N ALA C 91 13.26 24.32 11.25
CA ALA C 91 13.98 23.96 12.47
C ALA C 91 15.48 23.82 12.27
N THR C 92 15.97 23.97 11.03
CA THR C 92 17.36 23.70 10.70
C THR C 92 18.01 24.93 10.06
N CYS C 93 19.34 24.98 10.14
CA CYS C 93 20.07 26.06 9.49
C CYS C 93 21.23 25.56 8.65
N VAL C 94 21.78 24.39 9.00
CA VAL C 94 22.91 23.80 8.26
C VAL C 94 22.61 22.31 8.09
N LEU C 95 22.75 21.81 6.85
CA LEU C 95 22.47 20.42 6.52
C LEU C 95 23.68 19.84 5.83
N VAL C 96 24.20 18.75 6.35
CA VAL C 96 25.31 18.03 5.75
C VAL C 96 24.81 16.65 5.35
N SER C 97 24.95 16.34 4.08
CA SER C 97 24.52 15.06 3.52
C SER C 97 25.71 14.39 2.84
N GLU C 98 25.73 13.06 2.91
CA GLU C 98 26.68 12.31 2.12
C GLU C 98 26.61 12.68 0.65
N GLU C 99 25.45 13.17 0.18
CA GLU C 99 25.28 13.43 -1.25
C GLU C 99 25.80 14.77 -1.69
N ASP C 100 26.21 15.64 -0.78
CA ASP C 100 26.56 17.01 -1.12
C ASP C 100 28.00 17.32 -0.70
N LYS C 101 28.78 17.83 -1.65
CA LYS C 101 30.18 18.12 -1.38
C LYS C 101 30.30 19.12 -0.23
N HIS C 102 29.47 20.16 -0.25
CA HIS C 102 29.50 21.18 0.79
C HIS C 102 28.24 21.18 1.64
N ALA C 103 28.37 21.73 2.84
CA ALA C 103 27.21 21.91 3.70
C ALA C 103 26.20 22.80 3.00
N ILE C 104 24.94 22.48 3.20
CA ILE C 104 23.84 23.27 2.69
C ILE C 104 23.42 24.24 3.78
N ILE C 105 23.39 25.53 3.45
CA ILE C 105 22.95 26.56 4.36
C ILE C 105 21.50 26.89 4.03
N VAL C 106 20.62 26.72 5.01
CA VAL C 106 19.20 26.97 4.80
C VAL C 106 18.98 28.47 4.64
N GLU C 107 18.09 28.84 3.72
CA GLU C 107 17.82 30.25 3.46
C GLU C 107 17.30 30.94 4.71
N PRO C 108 17.55 32.25 4.84
CA PRO C 108 17.22 32.94 6.10
C PRO C 108 15.78 32.76 6.54
N GLU C 109 14.84 32.82 5.61
CA GLU C 109 13.44 32.77 6.01
C GLU C 109 12.98 31.41 6.53
N LYS C 110 13.82 30.36 6.45
CA LYS C 110 13.42 29.06 6.97
C LYS C 110 14.35 28.56 8.07
N ARG C 111 15.25 29.40 8.58
CA ARG C 111 16.32 28.93 9.44
C ARG C 111 15.80 28.65 10.85
N GLY C 112 16.25 27.54 11.41
CA GLY C 112 16.02 27.19 12.81
C GLY C 112 17.34 26.91 13.50
N LYS C 113 17.31 26.34 14.70
CA LYS C 113 18.53 26.28 15.51
C LYS C 113 19.33 24.99 15.35
N TYR C 114 18.88 24.04 14.55
CA TYR C 114 19.51 22.73 14.51
C TYR C 114 20.33 22.53 13.25
N VAL C 115 21.41 21.78 13.42
CA VAL C 115 22.28 21.27 12.36
C VAL C 115 22.02 19.77 12.23
N VAL C 116 21.80 19.30 11.01
CA VAL C 116 21.54 17.88 10.75
C VAL C 116 22.57 17.33 9.77
N CYS C 117 23.23 16.26 10.17
CA CYS C 117 24.15 15.50 9.34
C CYS C 117 23.50 14.17 9.02
N PHE C 118 23.45 13.81 7.75
CA PHE C 118 22.72 12.60 7.40
C PHE C 118 23.32 11.95 6.17
N ASP C 119 23.10 10.64 6.10
CA ASP C 119 23.32 9.84 4.91
C ASP C 119 21.94 9.42 4.41
N PRO C 120 21.41 10.02 3.35
CA PRO C 120 20.01 9.77 3.00
C PRO C 120 19.74 8.33 2.57
N LEU C 121 20.70 7.65 1.93
CA LEU C 121 20.46 6.27 1.50
C LEU C 121 21.78 5.52 1.61
N ASP C 122 22.12 5.13 2.84
CA ASP C 122 23.35 4.40 3.11
C ASP C 122 23.27 2.98 2.59
N GLY C 123 24.38 2.52 2.02
CA GLY C 123 24.47 1.20 1.44
C GLY C 123 23.93 1.09 0.03
N SER C 124 23.47 2.19 -0.56
CA SER C 124 22.81 2.14 -1.85
C SER C 124 23.74 1.77 -3.01
N SER C 125 25.07 1.80 -2.83
CA SER C 125 25.94 1.39 -3.92
C SER C 125 25.64 -0.03 -4.38
N ASN C 126 25.28 -0.91 -3.43
CA ASN C 126 24.93 -2.29 -3.73
C ASN C 126 23.42 -2.53 -3.73
N ILE C 127 22.61 -1.48 -3.87
CA ILE C 127 21.16 -1.67 -3.88
C ILE C 127 20.71 -2.49 -5.09
N ASP C 128 21.57 -2.64 -6.11
CA ASP C 128 21.27 -3.45 -7.28
C ASP C 128 21.13 -4.93 -6.95
N CYS C 129 21.66 -5.38 -5.82
CA CYS C 129 21.35 -6.73 -5.37
C CYS C 129 20.27 -6.72 -4.30
N LEU C 130 19.61 -5.57 -4.07
CA LEU C 130 18.50 -5.42 -3.14
C LEU C 130 18.89 -5.66 -1.69
N VAL C 131 20.18 -5.48 -1.41
CA VAL C 131 20.67 -5.46 -0.05
C VAL C 131 19.93 -4.39 0.75
N SER C 132 19.74 -4.65 2.04
CA SER C 132 19.22 -3.64 2.96
C SER C 132 19.94 -2.31 2.77
N VAL C 133 19.16 -1.24 2.78
CA VAL C 133 19.70 0.12 2.76
C VAL C 133 19.08 0.87 3.92
N GLY C 134 19.57 2.07 4.16
CA GLY C 134 19.06 2.83 5.30
C GLY C 134 19.36 4.31 5.18
N THR C 135 18.76 5.06 6.09
CA THR C 135 18.97 6.50 6.27
C THR C 135 19.57 6.69 7.65
N ILE C 136 20.65 7.45 7.75
CA ILE C 136 21.30 7.71 9.03
C ILE C 136 21.26 9.22 9.26
N PHE C 137 20.99 9.62 10.51
CA PHE C 137 20.91 11.04 10.81
C PHE C 137 21.45 11.31 12.21
N GLY C 138 22.03 12.50 12.37
CA GLY C 138 22.46 13.04 13.64
C GLY C 138 22.06 14.50 13.70
N ILE C 139 21.55 14.94 14.86
CA ILE C 139 20.99 16.28 15.05
C ILE C 139 21.79 17.01 16.12
N TYR C 140 22.29 18.20 15.81
CA TYR C 140 23.01 19.04 16.76
C TYR C 140 22.31 20.38 16.93
N ARG C 141 22.48 20.97 18.10
CA ARG C 141 22.11 22.38 18.22
C ARG C 141 23.28 23.19 17.65
N LYS C 142 22.95 24.17 16.81
CA LYS C 142 24.00 25.06 16.34
C LYS C 142 24.63 25.70 17.55
N LYS C 143 25.96 25.62 17.63
CA LYS C 143 26.65 26.03 18.84
C LYS C 143 27.19 27.45 18.77
N SER C 144 27.68 27.90 17.63
CA SER C 144 28.25 29.24 17.61
C SER C 144 27.19 30.25 17.21
N THR C 145 27.43 31.51 17.55
CA THR C 145 26.55 32.60 17.15
C THR C 145 26.93 33.21 15.81
N ASP C 146 27.97 32.71 15.16
CA ASP C 146 28.31 33.20 13.84
C ASP C 146 27.21 32.90 12.83
N GLU C 147 27.29 33.58 11.70
CA GLU C 147 26.41 33.28 10.59
C GLU C 147 26.57 31.80 10.23
N PRO C 148 25.49 31.10 9.93
CA PRO C 148 25.59 29.65 9.73
C PRO C 148 26.50 29.29 8.56
N SER C 149 27.27 28.22 8.75
CA SER C 149 28.27 27.81 7.79
C SER C 149 28.64 26.35 8.06
N GLU C 150 29.47 25.81 7.19
CA GLU C 150 29.92 24.42 7.29
C GLU C 150 30.52 24.09 8.66
N LYS C 151 31.18 25.06 9.31
CA LYS C 151 31.79 24.82 10.61
C LYS C 151 30.78 24.45 11.69
N ASP C 152 29.51 24.80 11.51
CA ASP C 152 28.51 24.47 12.53
C ASP C 152 28.28 22.98 12.65
N ALA C 153 28.65 22.22 11.63
CA ALA C 153 28.54 20.77 11.65
C ALA C 153 29.79 20.10 12.21
N LEU C 154 30.84 20.88 12.50
CA LEU C 154 32.10 20.30 12.99
C LEU C 154 32.10 20.18 14.51
N GLN C 155 31.12 19.45 15.02
CA GLN C 155 30.99 19.25 16.46
C GLN C 155 31.26 17.80 16.80
N PRO C 156 31.86 17.52 17.96
CA PRO C 156 32.03 16.13 18.37
C PRO C 156 30.67 15.49 18.63
N GLY C 157 30.61 14.17 18.39
CA GLY C 157 29.36 13.43 18.54
C GLY C 157 28.72 13.53 19.92
N ARG C 158 29.53 13.76 20.96
N ARG C 158 29.53 13.75 20.95
CA ARG C 158 28.98 13.92 22.31
CA ARG C 158 28.99 13.93 22.30
C ARG C 158 28.01 15.09 22.42
C ARG C 158 27.99 15.06 22.39
N ASN C 159 28.01 16.01 21.44
CA ASN C 159 27.09 17.15 21.45
C ASN C 159 25.73 16.83 20.84
N LEU C 160 25.53 15.59 20.40
CA LEU C 160 24.30 15.25 19.69
C LEU C 160 23.09 15.39 20.61
N VAL C 161 22.04 15.98 20.06
CA VAL C 161 20.76 16.09 20.76
C VAL C 161 19.91 14.85 20.52
N ALA C 162 20.03 14.25 19.35
CA ALA C 162 19.25 13.10 18.93
C ALA C 162 19.94 12.51 17.71
N ALA C 163 19.78 11.21 17.53
CA ALA C 163 20.35 10.54 16.38
C ALA C 163 19.64 9.21 16.21
N GLY C 164 19.84 8.63 15.03
CA GLY C 164 19.29 7.32 14.76
C GLY C 164 19.32 7.00 13.28
N TYR C 165 18.49 6.04 12.92
CA TYR C 165 18.50 5.57 11.54
C TYR C 165 17.17 4.91 11.22
N ALA C 166 16.89 4.86 9.93
CA ALA C 166 15.84 4.04 9.38
C ALA C 166 16.48 2.93 8.56
N LEU C 167 16.03 1.70 8.79
CA LEU C 167 16.51 0.54 8.08
C LEU C 167 15.40 0.10 7.15
N TYR C 168 15.70 0.08 5.85
CA TYR C 168 14.80 -0.48 4.85
C TYR C 168 15.27 -1.91 4.56
N GLY C 169 14.95 -2.79 5.49
CA GLY C 169 15.26 -4.20 5.40
C GLY C 169 14.04 -5.00 4.99
N SER C 170 13.87 -6.18 5.59
CA SER C 170 12.67 -6.96 5.32
C SER C 170 11.41 -6.17 5.68
N ALA C 171 11.48 -5.34 6.71
CA ALA C 171 10.49 -4.31 7.00
C ALA C 171 11.26 -3.02 7.25
N THR C 172 10.54 -1.91 7.36
CA THR C 172 11.16 -0.61 7.61
C THR C 172 10.99 -0.24 9.08
N MET C 173 12.12 0.06 9.72
CA MET C 173 12.14 0.38 11.13
C MET C 173 12.95 1.65 11.36
N LEU C 174 12.45 2.51 12.24
CA LEU C 174 13.17 3.69 12.66
C LEU C 174 13.67 3.49 14.09
N VAL C 175 14.98 3.65 14.28
CA VAL C 175 15.60 3.61 15.60
C VAL C 175 15.95 5.06 15.96
N LEU C 176 15.38 5.55 17.06
CA LEU C 176 15.60 6.93 17.49
C LEU C 176 16.22 6.92 18.88
N ALA C 177 17.38 7.55 19.01
CA ALA C 177 18.08 7.66 20.28
C ALA C 177 18.06 9.11 20.73
N MET C 178 17.64 9.34 21.97
CA MET C 178 17.71 10.65 22.59
C MET C 178 18.25 10.47 24.00
N ASP C 179 18.26 11.56 24.76
CA ASP C 179 18.68 11.45 26.16
C ASP C 179 17.83 10.45 26.93
N CYS C 180 16.54 10.33 26.59
CA CYS C 180 15.69 9.34 27.26
C CYS C 180 16.00 7.89 26.88
N GLY C 181 16.95 7.64 25.99
CA GLY C 181 17.28 6.30 25.55
C GLY C 181 16.95 6.04 24.08
N VAL C 182 16.90 4.76 23.73
CA VAL C 182 16.75 4.30 22.35
C VAL C 182 15.39 3.62 22.22
N ASN C 183 14.65 4.01 21.19
CA ASN C 183 13.34 3.42 20.95
C ASN C 183 13.20 3.04 19.48
N CYS C 184 12.56 1.89 19.23
CA CYS C 184 12.43 1.29 17.91
C CYS C 184 10.98 1.30 17.46
N PHE C 185 10.76 1.79 16.26
CA PHE C 185 9.43 1.96 15.68
C PHE C 185 9.35 1.22 14.37
N MET C 186 8.34 0.38 14.22
CA MET C 186 8.13 -0.35 12.98
C MET C 186 7.17 0.45 12.11
N LEU C 187 7.54 0.66 10.84
CA LEU C 187 6.63 1.30 9.90
C LEU C 187 5.56 0.31 9.49
N ASP C 188 4.30 0.64 9.77
CA ASP C 188 3.17 -0.09 9.22
C ASP C 188 2.79 0.54 7.89
N PRO C 189 3.16 -0.08 6.77
CA PRO C 189 2.91 0.55 5.46
C PRO C 189 1.44 0.63 5.09
N ALA C 190 0.56 -0.15 5.73
CA ALA C 190 -0.87 -0.05 5.42
C ALA C 190 -1.45 1.30 5.80
N ILE C 191 -0.86 1.95 6.80
CA ILE C 191 -1.37 3.22 7.31
C ILE C 191 -0.30 4.30 7.40
N GLY C 192 0.94 4.00 7.02
CA GLY C 192 2.01 4.97 7.09
C GLY C 192 2.21 5.50 8.50
N GLU C 193 2.28 4.62 9.48
CA GLU C 193 2.49 5.05 10.85
C GLU C 193 3.65 4.26 11.43
N PHE C 194 4.56 4.96 12.11
CA PHE C 194 5.62 4.28 12.86
C PHE C 194 5.08 3.89 14.22
N ILE C 195 5.06 2.60 14.49
CA ILE C 195 4.49 2.04 15.71
C ILE C 195 5.64 1.69 16.64
N LEU C 196 5.57 2.18 17.86
CA LEU C 196 6.55 1.83 18.87
C LEU C 196 6.45 0.34 19.21
N VAL C 197 7.53 -0.40 18.98
CA VAL C 197 7.55 -1.84 19.23
C VAL C 197 8.64 -2.28 20.21
N ASP C 198 9.65 -1.46 20.49
CA ASP C 198 10.68 -1.82 21.46
C ASP C 198 11.08 -0.56 22.19
N LYS C 199 10.80 -0.48 23.49
CA LYS C 199 11.06 0.71 24.27
C LYS C 199 12.36 0.59 25.03
N ASP C 200 13.10 1.69 25.11
CA ASP C 200 14.27 1.79 25.99
C ASP C 200 15.21 0.62 25.79
N VAL C 201 15.60 0.41 24.54
CA VAL C 201 16.34 -0.78 24.15
C VAL C 201 17.75 -0.75 24.72
N LYS C 202 18.23 -1.90 25.18
CA LYS C 202 19.59 -2.05 25.69
C LYS C 202 20.26 -3.22 24.98
N ILE C 203 21.49 -3.03 24.60
CA ILE C 203 22.22 -4.06 23.86
C ILE C 203 22.71 -5.11 24.85
N LYS C 204 22.81 -6.37 24.40
CA LYS C 204 23.40 -7.40 25.25
C LYS C 204 24.78 -6.98 25.72
N LYS C 205 25.09 -7.32 26.98
CA LYS C 205 26.43 -7.07 27.52
C LYS C 205 27.50 -7.76 26.69
N LYS C 206 27.20 -8.94 26.16
CA LYS C 206 28.17 -9.65 25.34
C LYS C 206 27.41 -10.46 24.31
N GLY C 207 27.88 -10.42 23.06
CA GLY C 207 27.25 -11.11 21.97
C GLY C 207 28.05 -12.32 21.51
N LYS C 208 27.63 -12.86 20.35
CA LYS C 208 28.25 -14.06 19.79
C LYS C 208 28.44 -13.93 18.29
N ILE C 209 28.43 -12.72 17.76
CA ILE C 209 28.58 -12.45 16.34
C ILE C 209 29.61 -11.34 16.20
N TYR C 210 30.54 -11.50 15.25
CA TYR C 210 31.42 -10.42 14.85
C TYR C 210 31.15 -10.11 13.40
N SER C 211 31.36 -8.85 13.02
CA SER C 211 30.94 -8.33 11.72
C SER C 211 32.01 -7.42 11.15
N LEU C 212 32.70 -7.87 10.11
CA LEU C 212 33.63 -7.01 9.40
C LEU C 212 33.93 -7.65 8.06
N ASN C 213 34.42 -6.83 7.13
CA ASN C 213 34.83 -7.30 5.81
C ASN C 213 36.21 -7.94 5.94
N GLU C 214 36.24 -9.27 6.00
CA GLU C 214 37.49 -10.01 6.18
C GLU C 214 38.32 -10.10 4.92
N GLY C 215 37.81 -9.60 3.79
CA GLY C 215 38.62 -9.48 2.59
C GLY C 215 39.83 -8.57 2.75
N TYR C 216 39.80 -7.66 3.71
CA TYR C 216 40.94 -6.81 3.98
C TYR C 216 41.91 -7.42 4.98
N ALA C 217 41.86 -8.75 5.16
CA ALA C 217 42.70 -9.37 6.19
C ALA C 217 44.17 -9.08 5.95
N LYS C 218 44.59 -8.97 4.68
CA LYS C 218 45.98 -8.69 4.38
C LYS C 218 46.40 -7.31 4.88
N ASP C 219 45.46 -6.38 5.11
CA ASP C 219 45.81 -5.03 5.53
C ASP C 219 45.56 -4.76 7.02
N PHE C 220 44.98 -5.71 7.76
CA PHE C 220 44.65 -5.47 9.16
C PHE C 220 45.89 -5.17 10.00
N ASP C 221 45.76 -4.21 10.91
CA ASP C 221 46.71 -4.06 12.01
C ASP C 221 46.71 -5.31 12.90
N PRO C 222 47.84 -5.61 13.55
CA PRO C 222 47.92 -6.81 14.40
C PRO C 222 46.84 -6.94 15.47
N ALA C 223 46.34 -5.83 16.03
CA ALA C 223 45.30 -5.93 17.05
C ALA C 223 43.99 -6.48 16.46
N VAL C 224 43.61 -5.99 15.28
CA VAL C 224 42.42 -6.52 14.61
C VAL C 224 42.63 -8.00 14.28
N THR C 225 43.78 -8.33 13.70
CA THR C 225 44.07 -9.72 13.34
C THR C 225 43.96 -10.64 14.55
N GLU C 226 44.55 -10.23 15.67
CA GLU C 226 44.50 -11.07 16.85
C GLU C 226 43.10 -11.20 17.40
N TYR C 227 42.36 -10.09 17.44
CA TYR C 227 41.00 -10.12 17.98
C TYR C 227 40.13 -11.08 17.20
N ILE C 228 40.17 -11.01 15.87
CA ILE C 228 39.35 -11.89 15.04
C ILE C 228 39.77 -13.34 15.25
N GLN C 229 41.08 -13.57 15.39
CA GLN C 229 41.57 -14.92 15.65
C GLN C 229 41.03 -15.47 16.98
N ARG C 230 40.88 -14.60 17.99
CA ARG C 230 40.24 -15.02 19.24
C ARG C 230 38.76 -15.34 19.04
N LYS C 231 38.10 -14.69 18.08
CA LYS C 231 36.68 -15.00 17.86
C LYS C 231 36.49 -16.34 17.18
N LYS C 232 37.44 -16.75 16.31
CA LYS C 232 37.36 -18.01 15.59
C LYS C 232 37.97 -19.18 16.36
N PHE C 233 39.01 -18.91 17.15
CA PHE C 233 39.72 -19.92 17.93
C PHE C 233 39.82 -19.45 19.36
N PRO C 234 38.73 -19.52 20.12
CA PRO C 234 38.73 -18.94 21.48
C PRO C 234 39.76 -19.61 22.37
N PRO C 235 40.53 -18.83 23.13
CA PRO C 235 41.55 -19.44 23.99
C PRO C 235 40.96 -20.15 25.19
N ASP C 236 39.70 -19.89 25.55
CA ASP C 236 39.05 -20.60 26.64
C ASP C 236 38.27 -21.82 26.15
N ASN C 237 38.30 -22.09 24.84
CA ASN C 237 37.64 -23.25 24.25
C ASN C 237 36.12 -23.18 24.40
N SER C 238 35.58 -21.98 24.35
CA SER C 238 34.15 -21.80 24.23
C SER C 238 33.80 -21.81 22.75
N ALA C 239 32.52 -21.70 22.43
CA ALA C 239 32.10 -21.79 21.04
C ALA C 239 32.59 -20.57 20.25
N PRO C 240 33.08 -20.79 19.04
CA PRO C 240 33.43 -19.67 18.16
C PRO C 240 32.23 -18.77 17.89
N TYR C 241 32.53 -17.48 17.69
CA TYR C 241 31.51 -16.54 17.25
C TYR C 241 31.09 -16.87 15.82
N GLY C 242 29.83 -16.63 15.50
CA GLY C 242 29.44 -16.61 14.11
C GLY C 242 29.85 -15.31 13.44
N ALA C 243 29.95 -15.33 12.12
CA ALA C 243 30.29 -14.14 11.35
C ALA C 243 29.10 -13.71 10.50
N ARG C 244 28.89 -12.41 10.43
CA ARG C 244 27.87 -11.82 9.57
C ARG C 244 28.42 -10.52 9.03
N TYR C 245 28.28 -10.31 7.72
CA TYR C 245 28.68 -9.02 7.17
C TYR C 245 27.82 -8.75 5.95
N VAL C 246 26.81 -7.87 6.12
CA VAL C 246 25.93 -7.53 5.01
C VAL C 246 26.64 -6.61 4.02
N GLY C 247 27.52 -5.75 4.50
CA GLY C 247 28.13 -4.74 3.67
C GLY C 247 27.35 -3.43 3.63
N SER C 248 26.24 -3.37 4.36
CA SER C 248 25.44 -2.17 4.49
C SER C 248 25.43 -1.81 5.97
N MET C 249 26.00 -0.65 6.30
CA MET C 249 26.29 -0.34 7.70
C MET C 249 25.04 -0.36 8.55
N VAL C 250 23.94 0.20 8.04
CA VAL C 250 22.73 0.26 8.86
C VAL C 250 22.25 -1.14 9.21
N ALA C 251 22.32 -2.08 8.25
CA ALA C 251 21.88 -3.44 8.54
C ALA C 251 22.80 -4.12 9.56
N ASP C 252 24.12 -3.98 9.39
CA ASP C 252 25.07 -4.64 10.29
C ASP C 252 25.00 -4.07 11.69
N VAL C 253 24.82 -2.75 11.82
CA VAL C 253 24.72 -2.13 13.14
C VAL C 253 23.39 -2.47 13.79
N HIS C 254 22.31 -2.48 13.03
CA HIS C 254 21.04 -2.86 13.64
C HIS C 254 21.04 -4.30 14.16
N ARG C 255 21.58 -5.25 13.39
CA ARG C 255 21.74 -6.61 13.91
C ARG C 255 22.60 -6.62 15.17
N THR C 256 23.66 -5.81 15.18
CA THR C 256 24.52 -5.74 16.37
C THR C 256 23.71 -5.25 17.57
N LEU C 257 22.87 -4.24 17.38
CA LEU C 257 22.04 -3.74 18.47
C LEU C 257 21.05 -4.79 18.95
N VAL C 258 20.42 -5.49 18.02
CA VAL C 258 19.32 -6.39 18.37
C VAL C 258 19.83 -7.70 18.95
N TYR C 259 20.94 -8.23 18.42
CA TYR C 259 21.46 -9.51 18.86
C TYR C 259 22.72 -9.41 19.69
N GLY C 260 23.33 -8.23 19.79
CA GLY C 260 24.61 -8.10 20.46
C GLY C 260 25.76 -8.52 19.57
N GLY C 261 26.96 -8.31 20.09
CA GLY C 261 28.14 -8.64 19.34
C GLY C 261 28.94 -7.40 19.01
N ILE C 262 29.71 -7.46 17.93
CA ILE C 262 30.66 -6.41 17.62
C ILE C 262 30.68 -6.19 16.12
N PHE C 263 30.78 -4.92 15.72
CA PHE C 263 30.93 -4.49 14.33
C PHE C 263 32.22 -3.69 14.22
N LEU C 264 33.02 -3.98 13.18
CA LEU C 264 34.31 -3.33 13.00
C LEU C 264 34.43 -2.86 11.57
N TYR C 265 34.88 -1.61 11.40
CA TYR C 265 35.42 -1.15 10.12
C TYR C 265 36.70 -0.38 10.38
N PRO C 266 37.81 -1.08 10.53
CA PRO C 266 39.07 -0.45 10.90
C PRO C 266 39.74 0.11 9.65
N ALA C 267 40.88 0.77 9.84
CA ALA C 267 41.61 1.30 8.70
C ALA C 267 42.23 0.17 7.89
N ASN C 268 42.46 0.43 6.60
CA ASN C 268 43.22 -0.46 5.73
C ASN C 268 44.02 0.40 4.75
N LYS C 269 44.72 -0.25 3.79
CA LYS C 269 45.58 0.48 2.86
C LYS C 269 44.79 1.41 1.94
N LYS C 270 43.60 0.98 1.50
CA LYS C 270 42.75 1.89 0.73
C LYS C 270 42.18 3.01 1.61
N SER C 271 42.00 2.74 2.90
CA SER C 271 41.27 3.65 3.79
C SER C 271 42.08 3.88 5.06
N PRO C 272 43.21 4.59 4.97
CA PRO C 272 44.10 4.72 6.13
C PRO C 272 43.51 5.52 7.30
N ASN C 273 42.50 6.35 7.07
CA ASN C 273 41.77 7.00 8.16
C ASN C 273 40.43 6.32 8.41
N GLY C 274 40.32 5.06 8.02
CA GLY C 274 39.07 4.35 8.02
C GLY C 274 38.27 4.64 6.75
N LYS C 275 37.10 4.02 6.68
CA LYS C 275 36.22 4.12 5.52
C LYS C 275 34.92 4.84 5.81
N LEU C 276 34.30 4.56 6.94
CA LEU C 276 33.02 5.15 7.25
C LEU C 276 33.17 6.62 7.60
N ARG C 277 32.11 7.38 7.36
CA ARG C 277 32.17 8.82 7.57
C ARG C 277 31.82 9.15 9.01
N LEU C 278 32.62 10.02 9.62
CA LEU C 278 32.45 10.35 11.02
C LEU C 278 31.11 11.05 11.25
N LEU C 279 30.77 12.01 10.41
CA LEU C 279 29.69 12.95 10.74
C LEU C 279 28.33 12.26 10.70
N TYR C 280 28.09 11.44 9.68
CA TYR C 280 26.75 10.92 9.42
C TYR C 280 26.69 9.41 9.33
N GLU C 281 27.77 8.71 9.69
CA GLU C 281 27.73 7.27 9.89
C GLU C 281 28.20 6.90 11.30
N CYS C 282 29.45 7.23 11.65
CA CYS C 282 30.00 6.78 12.92
C CYS C 282 29.32 7.48 14.11
N ASN C 283 29.22 8.80 14.09
CA ASN C 283 28.67 9.51 15.25
C ASN C 283 27.22 9.09 15.54
N PRO C 284 26.29 9.08 14.58
CA PRO C 284 24.94 8.63 14.91
C PRO C 284 24.90 7.19 15.42
N MET C 285 25.65 6.28 14.81
CA MET C 285 25.67 4.91 15.32
C MET C 285 26.33 4.81 16.69
N ALA C 286 27.39 5.60 16.91
CA ALA C 286 28.04 5.59 18.23
C ALA C 286 27.09 6.11 19.30
N TYR C 287 26.31 7.12 18.95
CA TYR C 287 25.36 7.69 19.91
C TYR C 287 24.27 6.68 20.23
N VAL C 288 23.73 6.01 19.20
CA VAL C 288 22.74 4.94 19.45
C VAL C 288 23.36 3.88 20.34
N MET C 289 24.57 3.45 19.99
CA MET C 289 25.23 2.41 20.79
C MET C 289 25.35 2.85 22.25
N GLU C 290 25.87 4.06 22.50
CA GLU C 290 26.09 4.46 23.89
C GLU C 290 24.78 4.62 24.65
N LYS C 291 23.75 5.21 24.02
CA LYS C 291 22.46 5.30 24.71
C LYS C 291 21.85 3.94 24.99
N ALA C 292 22.26 2.90 24.26
CA ALA C 292 21.78 1.54 24.49
C ALA C 292 22.69 0.74 25.43
N GLY C 293 23.66 1.39 26.07
CA GLY C 293 24.61 0.69 26.91
C GLY C 293 25.73 0.00 26.16
N GLY C 294 25.93 0.33 24.89
CA GLY C 294 27.05 -0.19 24.13
C GLY C 294 28.22 0.78 24.09
N MET C 295 29.19 0.44 23.26
CA MET C 295 30.41 1.23 23.14
C MET C 295 30.76 1.42 21.67
N ALA C 296 31.50 2.49 21.39
CA ALA C 296 31.94 2.77 20.03
C ALA C 296 33.27 3.49 20.09
N THR C 297 34.32 2.88 19.51
CA THR C 297 35.67 3.41 19.61
C THR C 297 36.33 3.45 18.24
N THR C 298 37.29 4.36 18.06
CA THR C 298 38.19 4.31 16.92
C THR C 298 39.37 3.38 17.14
N GLY C 299 39.51 2.83 18.35
CA GLY C 299 40.75 2.19 18.74
C GLY C 299 41.55 3.08 19.69
N LYS C 300 41.62 4.37 19.38
CA LYS C 300 42.36 5.33 20.19
C LYS C 300 41.48 6.14 21.12
N GLU C 301 40.23 6.40 20.74
CA GLU C 301 39.31 7.19 21.53
C GLU C 301 37.89 6.79 21.18
N ALA C 302 36.94 7.21 22.02
CA ALA C 302 35.54 7.02 21.70
C ALA C 302 35.20 7.86 20.49
N VAL C 303 34.42 7.26 19.57
CA VAL C 303 34.00 7.96 18.37
C VAL C 303 33.40 9.32 18.71
N LEU C 304 32.55 9.38 19.73
CA LEU C 304 31.86 10.61 20.08
C LEU C 304 32.78 11.69 20.59
N ASP C 305 34.05 11.37 20.92
CA ASP C 305 35.00 12.38 21.38
C ASP C 305 35.88 12.92 20.25
N VAL C 306 35.89 12.30 19.07
CA VAL C 306 36.64 12.86 17.96
C VAL C 306 36.08 14.22 17.57
N ILE C 307 36.95 15.20 17.46
CA ILE C 307 36.56 16.54 17.03
C ILE C 307 36.84 16.64 15.52
N PRO C 308 35.82 16.79 14.68
CA PRO C 308 36.04 16.79 13.24
C PRO C 308 36.61 18.11 12.73
N THR C 309 37.34 18.01 11.61
CA THR C 309 37.83 19.18 10.91
C THR C 309 37.25 19.32 9.51
N ASP C 310 36.61 18.27 9.00
CA ASP C 310 36.10 18.18 7.63
C ASP C 310 34.80 17.39 7.66
N ILE C 311 33.77 17.89 6.97
CA ILE C 311 32.46 17.29 7.11
C ILE C 311 32.38 15.87 6.53
N HIS C 312 33.27 15.52 5.59
CA HIS C 312 33.24 14.20 5.00
C HIS C 312 34.41 13.34 5.46
N GLN C 313 35.06 13.70 6.56
CA GLN C 313 36.21 12.92 6.99
C GLN C 313 35.78 11.56 7.50
N ARG C 314 36.66 10.59 7.33
CA ARG C 314 36.40 9.21 7.70
C ARG C 314 36.96 8.89 9.07
N ALA C 315 36.47 7.79 9.65
CA ALA C 315 36.97 7.32 10.93
C ALA C 315 36.88 5.80 10.99
N PRO C 316 37.87 5.14 11.60
CA PRO C 316 37.72 3.71 11.89
C PRO C 316 36.72 3.57 13.02
N VAL C 317 36.01 2.44 13.06
CA VAL C 317 35.00 2.27 14.09
C VAL C 317 34.97 0.82 14.53
N ILE C 318 34.90 0.61 15.85
CA ILE C 318 34.63 -0.68 16.47
C ILE C 318 33.53 -0.42 17.48
N LEU C 319 32.39 -1.10 17.32
CA LEU C 319 31.24 -0.78 18.14
C LEU C 319 30.43 -2.03 18.43
N GLY C 320 29.54 -1.94 19.41
CA GLY C 320 28.69 -3.05 19.78
C GLY C 320 28.61 -3.31 21.26
N SER C 321 28.49 -4.59 21.62
CA SER C 321 28.34 -4.98 23.01
C SER C 321 29.55 -4.54 23.84
N PRO C 322 29.35 -4.03 25.05
CA PRO C 322 30.49 -3.47 25.81
C PRO C 322 31.57 -4.49 26.14
N ASP C 323 31.20 -5.70 26.57
CA ASP C 323 32.22 -6.72 26.82
C ASP C 323 33.03 -7.01 25.57
N ASP C 324 32.37 -7.04 24.41
CA ASP C 324 33.07 -7.30 23.16
C ASP C 324 34.02 -6.15 22.79
N VAL C 325 33.55 -4.91 22.86
CA VAL C 325 34.43 -3.79 22.52
C VAL C 325 35.57 -3.68 23.54
N LEU C 326 35.27 -3.91 24.83
CA LEU C 326 36.31 -3.87 25.85
C LEU C 326 37.35 -4.94 25.61
N GLU C 327 36.93 -6.15 25.21
CA GLU C 327 37.90 -7.17 24.86
C GLU C 327 38.77 -6.71 23.70
N PHE C 328 38.15 -6.10 22.67
CA PHE C 328 38.96 -5.60 21.58
C PHE C 328 39.98 -4.59 22.07
N LEU C 329 39.56 -3.67 22.95
CA LEU C 329 40.47 -2.65 23.44
C LEU C 329 41.62 -3.23 24.25
N LYS C 330 41.37 -4.31 25.01
CA LYS C 330 42.49 -4.99 25.69
C LYS C 330 43.51 -5.49 24.68
N VAL C 331 43.04 -6.07 23.57
CA VAL C 331 43.94 -6.51 22.53
C VAL C 331 44.64 -5.32 21.90
N TYR C 332 43.89 -4.23 21.66
CA TYR C 332 44.49 -3.05 21.09
C TYR C 332 45.61 -2.52 21.96
N GLU C 333 45.38 -2.47 23.28
CA GLU C 333 46.39 -1.99 24.21
C GLU C 333 47.59 -2.95 24.29
N LYS C 334 47.34 -4.26 24.23
CA LYS C 334 48.45 -5.21 24.26
C LYS C 334 49.44 -4.94 23.13
N HIS C 335 48.93 -4.53 21.97
CA HIS C 335 49.77 -4.12 20.85
C HIS C 335 50.10 -2.64 20.90
N SER C 336 49.97 -2.01 22.07
CA SER C 336 50.26 -0.60 22.30
C SER C 336 49.32 0.28 21.48
N ASP D 10 8.28 -2.73 -24.63
CA ASP D 10 6.97 -3.00 -24.04
C ASP D 10 7.07 -3.51 -22.59
N VAL D 11 6.25 -2.94 -21.72
CA VAL D 11 6.19 -3.42 -20.34
C VAL D 11 5.77 -4.88 -20.35
N ASN D 12 6.33 -5.65 -19.42
CA ASN D 12 6.02 -7.07 -19.32
C ASN D 12 5.86 -7.41 -17.84
N THR D 13 4.82 -8.16 -17.51
CA THR D 13 4.56 -8.61 -16.17
C THR D 13 4.85 -10.09 -16.06
N LEU D 14 4.98 -10.58 -14.83
CA LEU D 14 5.16 -12.01 -14.63
C LEU D 14 3.99 -12.78 -15.25
N THR D 15 2.76 -12.32 -15.00
CA THR D 15 1.58 -12.98 -15.55
C THR D 15 1.64 -13.06 -17.07
N ARG D 16 1.93 -11.94 -17.73
CA ARG D 16 2.01 -11.97 -19.18
C ARG D 16 3.18 -12.83 -19.67
N PHE D 17 4.32 -12.76 -18.99
CA PHE D 17 5.50 -13.52 -19.38
C PHE D 17 5.24 -15.03 -19.31
N VAL D 18 4.69 -15.50 -18.18
CA VAL D 18 4.49 -16.93 -17.99
C VAL D 18 3.49 -17.46 -19.01
N MET D 19 2.39 -16.75 -19.20
CA MET D 19 1.34 -17.16 -20.12
C MET D 19 1.88 -17.23 -21.55
N GLU D 20 2.76 -16.30 -21.92
CA GLU D 20 3.34 -16.36 -23.26
C GLU D 20 4.30 -17.54 -23.39
N GLU D 21 5.04 -17.87 -22.34
CA GLU D 21 5.83 -19.10 -22.39
C GLU D 21 4.95 -20.33 -22.51
N GLY D 22 3.82 -20.34 -21.81
CA GLY D 22 2.92 -21.49 -21.90
C GLY D 22 2.30 -21.65 -23.27
N ARG D 23 1.85 -20.54 -23.88
CA ARG D 23 1.30 -20.59 -25.23
C ARG D 23 2.32 -21.16 -26.21
N LYS D 24 3.56 -20.71 -26.13
CA LYS D 24 4.56 -21.21 -27.06
C LYS D 24 4.82 -22.70 -26.89
N ALA D 25 4.75 -23.20 -25.66
CA ALA D 25 4.96 -24.62 -25.42
C ALA D 25 3.71 -25.46 -25.66
N ARG D 26 2.52 -24.86 -25.62
CA ARG D 26 1.26 -25.58 -25.78
C ARG D 26 1.08 -26.66 -24.71
N GLY D 27 1.45 -26.36 -23.48
CA GLY D 27 1.14 -27.27 -22.40
C GLY D 27 -0.35 -27.19 -22.07
N THR D 28 -0.75 -27.95 -21.06
CA THR D 28 -2.14 -27.97 -20.62
C THR D 28 -2.57 -26.73 -19.84
N GLY D 29 -1.65 -25.83 -19.48
CA GLY D 29 -1.98 -24.68 -18.67
C GLY D 29 -1.80 -24.85 -17.17
N GLU D 30 -1.51 -26.06 -16.68
CA GLU D 30 -1.34 -26.25 -15.24
C GLU D 30 -0.13 -25.50 -14.69
N LEU D 31 1.02 -25.58 -15.36
CA LEU D 31 2.22 -24.92 -14.87
C LEU D 31 2.00 -23.42 -14.76
N THR D 32 1.28 -22.85 -15.73
CA THR D 32 0.93 -21.44 -15.70
C THR D 32 0.08 -21.11 -14.49
N GLN D 33 -0.93 -21.95 -14.19
CA GLN D 33 -1.76 -21.75 -13.01
C GLN D 33 -0.96 -21.91 -11.72
N LEU D 34 -0.04 -22.87 -11.71
CA LEU D 34 0.84 -23.03 -10.56
C LEU D 34 1.65 -21.76 -10.33
N LEU D 35 2.21 -21.19 -11.41
CA LEU D 35 3.05 -20.02 -11.23
C LEU D 35 2.26 -18.79 -10.81
N ASN D 36 1.01 -18.65 -11.31
CA ASN D 36 0.14 -17.56 -10.87
C ASN D 36 -0.16 -17.67 -9.38
N SER D 37 -0.43 -18.88 -8.90
CA SER D 37 -0.72 -19.09 -7.48
C SER D 37 0.48 -18.74 -6.62
N LEU D 38 1.66 -19.16 -7.05
CA LEU D 38 2.89 -18.84 -6.32
C LEU D 38 3.11 -17.34 -6.24
N CYS D 39 2.95 -16.67 -7.37
CA CYS D 39 3.10 -15.22 -7.41
C CYS D 39 2.15 -14.54 -6.44
N THR D 40 0.89 -14.98 -6.38
CA THR D 40 -0.04 -14.41 -5.42
C THR D 40 0.45 -14.67 -3.99
N ALA D 41 0.86 -15.90 -3.70
CA ALA D 41 1.37 -16.21 -2.37
C ALA D 41 2.57 -15.33 -2.02
N VAL D 42 3.47 -15.12 -3.00
CA VAL D 42 4.68 -14.32 -2.77
C VAL D 42 4.32 -12.86 -2.45
N LYS D 43 3.34 -12.29 -3.17
CA LYS D 43 2.92 -10.93 -2.86
C LYS D 43 2.34 -10.84 -1.45
N ALA D 44 1.61 -11.88 -1.03
CA ALA D 44 1.04 -11.88 0.31
C ALA D 44 2.10 -12.05 1.37
N ILE D 45 3.12 -12.86 1.09
CA ILE D 45 4.24 -12.99 2.03
C ILE D 45 4.96 -11.66 2.15
N SER D 46 5.27 -11.03 1.00
CA SER D 46 5.93 -9.73 1.01
C SER D 46 5.16 -8.71 1.85
N SER D 47 3.84 -8.65 1.66
CA SER D 47 3.02 -7.74 2.46
C SER D 47 3.18 -8.02 3.95
N ALA D 48 3.11 -9.30 4.34
CA ALA D 48 3.27 -9.64 5.75
C ALA D 48 4.70 -9.42 6.22
N VAL D 49 5.70 -9.73 5.38
CA VAL D 49 7.09 -9.52 5.79
C VAL D 49 7.35 -8.04 6.05
N ARG D 50 6.81 -7.17 5.21
CA ARG D 50 6.92 -5.72 5.39
C ARG D 50 6.06 -5.20 6.55
N LYS D 51 5.36 -6.09 7.26
CA LYS D 51 4.65 -5.75 8.49
C LYS D 51 3.38 -4.93 8.23
N ALA D 52 2.77 -5.11 7.07
CA ALA D 52 1.45 -4.51 6.84
C ALA D 52 0.49 -4.97 7.92
N GLY D 53 -0.16 -4.01 8.58
CA GLY D 53 -1.13 -4.34 9.62
C GLY D 53 -0.55 -4.55 11.00
N ILE D 54 0.75 -4.35 11.19
CA ILE D 54 1.35 -4.60 12.50
C ILE D 54 0.76 -3.70 13.57
N ALA D 55 0.17 -2.56 13.19
CA ALA D 55 -0.46 -1.69 14.18
C ALA D 55 -1.59 -2.40 14.91
N HIS D 56 -2.33 -3.27 14.22
CA HIS D 56 -3.41 -4.01 14.87
C HIS D 56 -2.89 -4.97 15.91
N LEU D 57 -1.71 -5.55 15.67
CA LEU D 57 -1.11 -6.45 16.64
C LEU D 57 -0.71 -5.70 17.91
N TYR D 58 -0.44 -4.40 17.81
CA TYR D 58 -0.01 -3.58 18.92
C TYR D 58 -1.13 -2.73 19.50
N GLY D 59 -2.39 -3.06 19.19
CA GLY D 59 -3.54 -2.54 19.90
C GLY D 59 -4.18 -1.29 19.35
N ILE D 60 -3.95 -0.95 18.08
CA ILE D 60 -4.50 0.29 17.53
C ILE D 60 -6.03 0.31 17.60
N ALA D 61 -6.68 -0.86 17.54
CA ALA D 61 -8.11 -0.98 17.67
C ALA D 61 -8.53 -1.55 19.02
N GLY D 62 -7.66 -1.44 20.02
CA GLY D 62 -7.89 -2.07 21.30
C GLY D 62 -7.16 -3.40 21.36
N LYS D 73 5.68 -16.98 13.92
CA LYS D 73 4.40 -17.01 13.26
C LYS D 73 4.54 -16.60 11.79
N LEU D 74 5.50 -15.73 11.48
CA LEU D 74 5.61 -15.24 10.10
C LEU D 74 5.96 -16.39 9.15
N ASP D 75 6.78 -17.34 9.60
CA ASP D 75 7.14 -18.43 8.71
C ASP D 75 6.03 -19.48 8.63
N VAL D 76 5.20 -19.60 9.67
CA VAL D 76 3.99 -20.45 9.59
C VAL D 76 2.97 -19.84 8.63
N LEU D 77 2.72 -18.54 8.77
CA LEU D 77 1.81 -17.84 7.87
C LEU D 77 2.28 -17.95 6.42
N SER D 78 3.57 -17.74 6.17
CA SER D 78 4.11 -17.84 4.81
C SER D 78 3.90 -19.24 4.24
N ASN D 79 4.17 -20.28 5.04
CA ASN D 79 3.91 -21.66 4.65
C ASN D 79 2.42 -21.89 4.33
N ASP D 80 1.52 -21.37 5.19
CA ASP D 80 0.09 -21.53 4.93
C ASP D 80 -0.31 -20.81 3.63
N LEU D 81 0.27 -19.64 3.37
CA LEU D 81 -0.01 -18.95 2.11
C LEU D 81 0.41 -19.81 0.92
N VAL D 82 1.65 -20.30 0.93
CA VAL D 82 2.12 -21.12 -0.19
C VAL D 82 1.30 -22.39 -0.31
N MET D 83 1.16 -23.11 0.81
CA MET D 83 0.37 -24.35 0.81
C MET D 83 -1.02 -24.11 0.26
N ASN D 84 -1.71 -23.09 0.76
CA ASN D 84 -3.09 -22.90 0.36
C ASN D 84 -3.19 -22.45 -1.10
N MET D 85 -2.29 -21.57 -1.56
CA MET D 85 -2.34 -21.13 -2.95
C MET D 85 -1.99 -22.27 -3.90
N LEU D 86 -1.01 -23.11 -3.55
CA LEU D 86 -0.62 -24.20 -4.44
C LEU D 86 -1.71 -25.28 -4.49
N LYS D 87 -2.26 -25.66 -3.34
CA LYS D 87 -3.37 -26.61 -3.31
C LYS D 87 -4.52 -26.12 -4.20
N SER D 88 -4.88 -24.84 -4.07
CA SER D 88 -6.02 -24.30 -4.79
C SER D 88 -5.74 -24.06 -6.26
N SER D 89 -4.49 -24.21 -6.71
CA SER D 89 -4.16 -24.08 -8.13
C SER D 89 -4.64 -25.27 -8.96
N PHE D 90 -4.96 -26.39 -8.33
CA PHE D 90 -5.28 -27.65 -9.02
C PHE D 90 -4.14 -28.11 -9.92
N ALA D 91 -2.91 -27.71 -9.64
CA ALA D 91 -1.77 -28.04 -10.46
C ALA D 91 -0.77 -28.93 -9.75
N THR D 92 -0.99 -29.23 -8.47
CA THR D 92 -0.01 -29.93 -7.64
C THR D 92 -0.64 -31.17 -7.03
N CYS D 93 0.22 -32.12 -6.64
CA CYS D 93 -0.24 -33.33 -5.98
C CYS D 93 0.60 -33.63 -4.76
N VAL D 94 1.86 -33.19 -4.73
CA VAL D 94 2.75 -33.42 -3.59
C VAL D 94 3.51 -32.14 -3.28
N LEU D 95 3.51 -31.74 -2.01
CA LEU D 95 4.14 -30.50 -1.59
C LEU D 95 5.12 -30.80 -0.47
N VAL D 96 6.37 -30.39 -0.64
CA VAL D 96 7.40 -30.57 0.38
C VAL D 96 7.83 -29.19 0.86
N SER D 97 7.68 -28.95 2.16
CA SER D 97 8.04 -27.66 2.72
C SER D 97 9.09 -27.85 3.82
N GLU D 98 9.97 -26.88 3.93
CA GLU D 98 10.88 -26.81 5.06
C GLU D 98 10.13 -26.81 6.39
N GLU D 99 8.87 -26.34 6.42
CA GLU D 99 8.10 -26.22 7.66
C GLU D 99 7.37 -27.50 8.06
N ASP D 100 7.35 -28.54 7.24
CA ASP D 100 6.51 -29.70 7.49
C ASP D 100 7.35 -30.96 7.56
N LYS D 101 7.16 -31.73 8.64
CA LYS D 101 7.92 -32.96 8.81
C LYS D 101 7.77 -33.89 7.62
N HIS D 102 6.53 -34.06 7.14
CA HIS D 102 6.24 -34.97 6.05
C HIS D 102 5.81 -34.19 4.82
N ALA D 103 5.94 -34.85 3.65
CA ALA D 103 5.38 -34.28 2.44
C ALA D 103 3.86 -34.20 2.57
N ILE D 104 3.29 -33.12 2.05
CA ILE D 104 1.85 -32.92 2.07
C ILE D 104 1.28 -33.49 0.78
N ILE D 105 0.31 -34.40 0.89
CA ILE D 105 -0.34 -34.99 -0.27
C ILE D 105 -1.60 -34.19 -0.52
N VAL D 106 -1.73 -33.63 -1.72
CA VAL D 106 -2.92 -32.85 -2.06
C VAL D 106 -4.13 -33.77 -2.16
N GLU D 107 -5.27 -33.28 -1.69
CA GLU D 107 -6.49 -34.07 -1.70
C GLU D 107 -6.91 -34.40 -3.14
N PRO D 108 -7.55 -35.55 -3.33
CA PRO D 108 -7.76 -36.08 -4.69
C PRO D 108 -8.42 -35.11 -5.64
N GLU D 109 -9.48 -34.42 -5.22
CA GLU D 109 -10.24 -33.58 -6.13
C GLU D 109 -9.47 -32.34 -6.57
N LYS D 110 -8.28 -32.10 -6.01
CA LYS D 110 -7.48 -30.94 -6.38
C LYS D 110 -6.12 -31.30 -6.96
N ARG D 111 -5.89 -32.57 -7.30
CA ARG D 111 -4.56 -32.98 -7.68
C ARG D 111 -4.24 -32.54 -9.09
N GLY D 112 -3.01 -32.08 -9.28
CA GLY D 112 -2.48 -31.76 -10.59
C GLY D 112 -1.18 -32.51 -10.77
N LYS D 113 -0.41 -32.18 -11.79
CA LYS D 113 0.70 -33.07 -12.15
C LYS D 113 2.04 -32.66 -11.56
N TYR D 114 2.13 -31.57 -10.81
CA TYR D 114 3.43 -31.05 -10.38
C TYR D 114 3.69 -31.30 -8.91
N VAL D 115 4.97 -31.50 -8.60
CA VAL D 115 5.49 -31.60 -7.23
C VAL D 115 6.24 -30.31 -6.93
N VAL D 116 5.96 -29.69 -5.79
CA VAL D 116 6.64 -28.46 -5.42
C VAL D 116 7.38 -28.64 -4.10
N CYS D 117 8.66 -28.32 -4.11
CA CYS D 117 9.49 -28.28 -2.92
C CYS D 117 9.82 -26.83 -2.64
N PHE D 118 9.59 -26.37 -1.42
CA PHE D 118 9.77 -24.96 -1.18
C PHE D 118 10.19 -24.69 0.26
N ASP D 119 10.91 -23.58 0.43
CA ASP D 119 11.16 -23.00 1.73
C ASP D 119 10.41 -21.67 1.79
N PRO D 120 9.29 -21.59 2.53
CA PRO D 120 8.42 -20.41 2.39
C PRO D 120 9.04 -19.12 2.90
N LEU D 121 9.90 -19.19 3.93
CA LEU D 121 10.52 -17.97 4.47
C LEU D 121 11.94 -18.33 4.90
N ASP D 122 12.82 -18.43 3.91
CA ASP D 122 14.22 -18.78 4.19
C ASP D 122 14.95 -17.62 4.86
N GLY D 123 15.75 -17.95 5.86
CA GLY D 123 16.44 -16.95 6.64
C GLY D 123 15.60 -16.37 7.76
N SER D 124 14.37 -16.84 7.96
CA SER D 124 13.45 -16.23 8.92
C SER D 124 13.90 -16.42 10.36
N SER D 125 14.85 -17.33 10.63
CA SER D 125 15.36 -17.49 11.98
C SER D 125 15.94 -16.18 12.51
N ASN D 126 16.56 -15.40 11.62
CA ASN D 126 17.13 -14.11 11.97
C ASN D 126 16.27 -12.93 11.51
N ILE D 127 14.98 -13.16 11.26
CA ILE D 127 14.12 -12.08 10.79
C ILE D 127 13.92 -10.98 11.85
N ASP D 128 14.26 -11.24 13.12
CA ASP D 128 14.13 -10.23 14.15
C ASP D 128 15.08 -9.03 13.98
N CYS D 129 16.15 -9.18 13.19
CA CYS D 129 17.02 -8.05 12.87
C CYS D 129 16.69 -7.41 11.52
N LEU D 130 15.56 -7.79 10.92
CA LEU D 130 15.05 -7.21 9.68
C LEU D 130 16.00 -7.44 8.51
N VAL D 131 16.87 -8.44 8.63
CA VAL D 131 17.68 -8.89 7.53
C VAL D 131 16.78 -9.39 6.39
N SER D 132 17.24 -9.21 5.15
CA SER D 132 16.56 -9.79 4.00
C SER D 132 16.19 -11.25 4.24
N VAL D 133 14.96 -11.61 3.88
CA VAL D 133 14.48 -12.98 3.89
C VAL D 133 13.95 -13.32 2.50
N GLY D 134 13.61 -14.59 2.30
CA GLY D 134 13.16 -14.99 0.97
C GLY D 134 12.33 -16.26 0.97
N THR D 135 11.76 -16.54 -0.19
CA THR D 135 11.04 -17.77 -0.49
C THR D 135 11.76 -18.47 -1.62
N ILE D 136 12.01 -19.77 -1.46
CA ILE D 136 12.69 -20.61 -2.47
C ILE D 136 11.75 -21.72 -2.90
N PHE D 137 11.73 -22.01 -4.21
CA PHE D 137 10.84 -23.04 -4.73
C PHE D 137 11.49 -23.78 -5.89
N GLY D 138 11.14 -25.05 -6.01
CA GLY D 138 11.51 -25.87 -7.14
C GLY D 138 10.33 -26.73 -7.55
N ILE D 139 10.07 -26.81 -8.86
CA ILE D 139 8.87 -27.44 -9.40
C ILE D 139 9.30 -28.61 -10.27
N TYR D 140 8.75 -29.79 -9.97
CA TYR D 140 8.97 -31.01 -10.71
C TYR D 140 7.66 -31.51 -11.30
N ARG D 141 7.76 -32.27 -12.38
CA ARG D 141 6.62 -33.06 -12.84
C ARG D 141 6.64 -34.38 -12.10
N LYS D 142 5.48 -34.81 -11.62
CA LYS D 142 5.37 -36.16 -11.07
C LYS D 142 5.65 -37.15 -12.19
N LYS D 143 6.49 -38.15 -11.92
CA LYS D 143 6.96 -39.04 -12.97
C LYS D 143 6.13 -40.30 -13.10
N SER D 144 5.62 -40.84 -12.01
CA SER D 144 4.85 -42.07 -12.06
C SER D 144 3.35 -41.78 -11.89
N THR D 145 2.54 -42.75 -12.30
CA THR D 145 1.11 -42.67 -12.07
C THR D 145 0.71 -43.27 -10.73
N ASP D 146 1.66 -43.72 -9.92
CA ASP D 146 1.34 -44.27 -8.62
C ASP D 146 0.60 -43.24 -7.78
N GLU D 147 -0.04 -43.73 -6.73
CA GLU D 147 -0.65 -42.84 -5.76
C GLU D 147 0.41 -41.86 -5.26
N PRO D 148 0.09 -40.57 -5.17
CA PRO D 148 1.13 -39.59 -4.85
C PRO D 148 1.69 -39.83 -3.45
N SER D 149 2.99 -39.62 -3.31
CA SER D 149 3.65 -39.91 -2.05
C SER D 149 4.96 -39.14 -2.01
N GLU D 150 5.62 -39.17 -0.85
CA GLU D 150 6.88 -38.45 -0.69
C GLU D 150 7.88 -38.84 -1.76
N LYS D 151 7.84 -40.08 -2.23
CA LYS D 151 8.82 -40.50 -3.22
C LYS D 151 8.73 -39.68 -4.50
N ASP D 152 7.58 -39.08 -4.79
CA ASP D 152 7.45 -38.28 -6.01
C ASP D 152 8.31 -37.03 -5.97
N ALA D 153 8.73 -36.60 -4.77
CA ALA D 153 9.65 -35.48 -4.61
C ALA D 153 11.11 -35.92 -4.61
N LEU D 154 11.39 -37.23 -4.61
CA LEU D 154 12.78 -37.71 -4.56
C LEU D 154 13.40 -37.78 -5.96
N GLN D 155 13.48 -36.62 -6.58
CA GLN D 155 14.03 -36.50 -7.92
C GLN D 155 15.30 -35.66 -7.90
N PRO D 156 16.28 -35.95 -8.75
CA PRO D 156 17.44 -35.06 -8.86
C PRO D 156 17.02 -33.72 -9.44
N GLY D 157 17.75 -32.67 -9.02
CA GLY D 157 17.46 -31.32 -9.46
C GLY D 157 17.50 -31.14 -10.97
N ARG D 158 18.23 -32.00 -11.68
CA ARG D 158 18.22 -31.92 -13.14
C ARG D 158 16.82 -32.14 -13.70
N ASN D 159 15.92 -32.74 -12.94
CA ASN D 159 14.55 -32.95 -13.40
C ASN D 159 13.67 -31.74 -13.23
N LEU D 160 14.20 -30.64 -12.70
CA LEU D 160 13.37 -29.48 -12.40
C LEU D 160 12.79 -28.90 -13.68
N VAL D 161 11.51 -28.55 -13.61
CA VAL D 161 10.81 -27.84 -14.67
C VAL D 161 10.95 -26.33 -14.51
N ALA D 162 11.03 -25.86 -13.27
CA ALA D 162 11.15 -24.45 -13.01
C ALA D 162 11.61 -24.30 -11.57
N ALA D 163 12.34 -23.24 -11.30
CA ALA D 163 12.77 -22.98 -9.94
C ALA D 163 13.08 -21.50 -9.80
N GLY D 164 13.21 -21.07 -8.56
CA GLY D 164 13.61 -19.70 -8.34
C GLY D 164 13.34 -19.30 -6.90
N TYR D 165 13.30 -17.99 -6.70
CA TYR D 165 13.14 -17.47 -5.37
C TYR D 165 12.54 -16.08 -5.44
N ALA D 166 11.96 -15.67 -4.31
CA ALA D 166 11.59 -14.28 -4.07
C ALA D 166 12.49 -13.75 -2.96
N LEU D 167 13.01 -12.56 -3.16
CA LEU D 167 13.83 -11.89 -2.18
C LEU D 167 13.01 -10.75 -1.62
N TYR D 168 12.80 -10.74 -0.31
CA TYR D 168 12.17 -9.62 0.39
C TYR D 168 13.30 -8.79 1.00
N GLY D 169 13.94 -8.01 0.15
CA GLY D 169 15.03 -7.13 0.53
C GLY D 169 14.59 -5.69 0.60
N SER D 170 15.46 -4.78 0.16
CA SER D 170 15.06 -3.39 0.08
C SER D 170 13.83 -3.22 -0.80
N ALA D 171 13.72 -4.04 -1.85
CA ALA D 171 12.50 -4.22 -2.62
C ALA D 171 12.26 -5.72 -2.77
N THR D 172 11.08 -6.10 -3.26
CA THR D 172 10.78 -7.51 -3.46
C THR D 172 10.99 -7.88 -4.91
N MET D 173 11.80 -8.91 -5.13
CA MET D 173 12.10 -9.38 -6.47
C MET D 173 11.88 -10.88 -6.55
N LEU D 174 11.26 -11.31 -7.64
CA LEU D 174 11.10 -12.72 -7.94
C LEU D 174 12.06 -13.09 -9.07
N VAL D 175 12.92 -14.08 -8.83
CA VAL D 175 13.81 -14.60 -9.86
C VAL D 175 13.30 -15.96 -10.30
N LEU D 176 13.01 -16.10 -11.59
CA LEU D 176 12.38 -17.30 -12.13
C LEU D 176 13.28 -17.94 -13.19
N ALA D 177 13.69 -19.18 -12.94
CA ALA D 177 14.52 -19.91 -13.87
C ALA D 177 13.68 -21.03 -14.51
N MET D 178 13.70 -21.07 -15.84
CA MET D 178 13.09 -22.16 -16.59
C MET D 178 14.08 -22.53 -17.70
N ASP D 179 13.66 -23.44 -18.55
CA ASP D 179 14.50 -23.85 -19.67
C ASP D 179 14.92 -22.67 -20.54
N CYS D 180 14.05 -21.65 -20.67
CA CYS D 180 14.34 -20.43 -21.44
C CYS D 180 15.37 -19.52 -20.76
N GLY D 181 15.87 -19.85 -19.58
CA GLY D 181 16.82 -19.00 -18.90
C GLY D 181 16.24 -18.39 -17.63
N VAL D 182 16.92 -17.35 -17.16
CA VAL D 182 16.63 -16.71 -15.87
C VAL D 182 16.10 -15.31 -16.12
N ASN D 183 14.98 -14.99 -15.48
CA ASN D 183 14.36 -13.68 -15.59
C ASN D 183 14.00 -13.16 -14.21
N CYS D 184 14.20 -11.87 -14.01
CA CYS D 184 14.00 -11.20 -12.72
C CYS D 184 12.85 -10.23 -12.82
N PHE D 185 11.94 -10.30 -11.86
CA PHE D 185 10.75 -9.47 -11.83
C PHE D 185 10.73 -8.67 -10.55
N MET D 186 10.56 -7.36 -10.66
CA MET D 186 10.46 -6.50 -9.49
C MET D 186 8.99 -6.31 -9.12
N LEU D 187 8.66 -6.54 -7.85
CA LEU D 187 7.30 -6.30 -7.39
C LEU D 187 7.08 -4.80 -7.24
N ASP D 188 6.10 -4.28 -7.98
CA ASP D 188 5.62 -2.91 -7.77
C ASP D 188 4.48 -2.99 -6.77
N PRO D 189 4.73 -2.64 -5.50
CA PRO D 189 3.68 -2.79 -4.48
C PRO D 189 2.53 -1.82 -4.64
N ALA D 190 2.69 -0.74 -5.42
CA ALA D 190 1.55 0.15 -5.63
C ALA D 190 0.42 -0.54 -6.40
N ILE D 191 0.74 -1.54 -7.23
CA ILE D 191 -0.27 -2.22 -8.04
C ILE D 191 -0.22 -3.74 -7.93
N GLY D 192 0.67 -4.29 -7.12
CA GLY D 192 0.78 -5.74 -7.00
C GLY D 192 1.08 -6.45 -8.30
N GLU D 193 2.06 -5.95 -9.04
CA GLU D 193 2.50 -6.59 -10.27
C GLU D 193 4.00 -6.80 -10.22
N PHE D 194 4.42 -7.97 -10.65
CA PHE D 194 5.84 -8.25 -10.86
C PHE D 194 6.23 -7.76 -12.25
N ILE D 195 7.11 -6.78 -12.31
CA ILE D 195 7.52 -6.15 -13.57
C ILE D 195 8.84 -6.75 -14.00
N LEU D 196 8.90 -7.24 -15.24
CA LEU D 196 10.13 -7.79 -15.79
C LEU D 196 11.17 -6.68 -15.93
N VAL D 197 12.30 -6.82 -15.22
CA VAL D 197 13.33 -5.78 -15.22
C VAL D 197 14.68 -6.29 -15.70
N ASP D 198 14.94 -7.60 -15.69
CA ASP D 198 16.20 -8.16 -16.17
C ASP D 198 15.88 -9.46 -16.92
N LYS D 199 16.11 -9.47 -18.22
CA LYS D 199 15.78 -10.61 -19.06
C LYS D 199 17.03 -11.47 -19.28
N ASP D 200 16.83 -12.78 -19.24
CA ASP D 200 17.84 -13.77 -19.64
C ASP D 200 19.18 -13.49 -18.98
N VAL D 201 19.16 -13.37 -17.66
CA VAL D 201 20.36 -12.90 -16.95
C VAL D 201 21.43 -13.99 -16.93
N LYS D 202 22.68 -13.56 -17.02
CA LYS D 202 23.84 -14.43 -16.95
C LYS D 202 24.82 -13.91 -15.92
N ILE D 203 25.39 -14.82 -15.15
CA ILE D 203 26.35 -14.47 -14.13
C ILE D 203 27.71 -14.22 -14.78
N LYS D 204 28.50 -13.31 -14.20
CA LYS D 204 29.89 -13.11 -14.58
C LYS D 204 30.66 -14.41 -14.56
N LYS D 205 31.59 -14.55 -15.51
CA LYS D 205 32.47 -15.71 -15.55
C LYS D 205 33.28 -15.84 -14.27
N LYS D 206 33.68 -14.71 -13.69
CA LYS D 206 34.49 -14.69 -12.49
C LYS D 206 34.12 -13.45 -11.69
N GLY D 207 33.92 -13.60 -10.39
CA GLY D 207 33.55 -12.52 -9.52
C GLY D 207 34.71 -12.09 -8.63
N LYS D 208 34.38 -11.26 -7.64
CA LYS D 208 35.38 -10.69 -6.74
C LYS D 208 34.90 -10.71 -5.29
N ILE D 209 33.92 -11.55 -4.98
CA ILE D 209 33.38 -11.64 -3.64
C ILE D 209 33.24 -13.11 -3.26
N TYR D 210 33.62 -13.44 -2.03
CA TYR D 210 33.36 -14.76 -1.49
C TYR D 210 32.42 -14.61 -0.31
N SER D 211 31.62 -15.64 -0.09
CA SER D 211 30.52 -15.55 0.85
C SER D 211 30.42 -16.87 1.60
N LEU D 212 30.80 -16.84 2.87
CA LEU D 212 30.61 -17.99 3.74
C LEU D 212 30.74 -17.50 5.18
N ASN D 213 30.26 -18.30 6.12
CA ASN D 213 30.37 -17.99 7.54
C ASN D 213 31.76 -18.36 8.03
N GLU D 214 32.65 -17.38 8.11
CA GLU D 214 34.00 -17.65 8.54
C GLU D 214 34.14 -17.79 10.05
N GLY D 215 33.08 -17.53 10.81
CA GLY D 215 33.15 -17.75 12.24
C GLY D 215 33.40 -19.20 12.59
N TYR D 216 32.99 -20.11 11.73
CA TYR D 216 33.22 -21.53 11.95
C TYR D 216 34.49 -22.04 11.28
N ALA D 217 35.50 -21.17 11.10
CA ALA D 217 36.72 -21.55 10.39
C ALA D 217 37.45 -22.72 11.06
N LYS D 218 37.35 -22.85 12.39
CA LYS D 218 38.07 -23.93 13.06
C LYS D 218 37.56 -25.30 12.64
N ASP D 219 36.36 -25.37 12.07
CA ASP D 219 35.81 -26.65 11.63
C ASP D 219 35.95 -26.84 10.13
N PHE D 220 36.53 -25.87 9.42
CA PHE D 220 36.62 -25.96 7.96
C PHE D 220 37.33 -27.23 7.51
N ASP D 221 36.85 -27.79 6.42
CA ASP D 221 37.64 -28.75 5.66
C ASP D 221 38.94 -28.06 5.23
N PRO D 222 40.08 -28.75 5.29
CA PRO D 222 41.34 -28.10 4.89
C PRO D 222 41.31 -27.45 3.50
N ALA D 223 40.54 -28.00 2.56
CA ALA D 223 40.42 -27.39 1.24
C ALA D 223 39.71 -26.03 1.30
N VAL D 224 38.65 -25.93 2.11
CA VAL D 224 37.95 -24.66 2.28
C VAL D 224 38.90 -23.62 2.88
N THR D 225 39.65 -24.02 3.92
CA THR D 225 40.63 -23.12 4.52
C THR D 225 41.60 -22.60 3.48
N GLU D 226 42.12 -23.48 2.62
CA GLU D 226 43.12 -23.02 1.66
C GLU D 226 42.49 -22.11 0.60
N TYR D 227 41.31 -22.48 0.08
CA TYR D 227 40.68 -21.65 -0.94
C TYR D 227 40.40 -20.23 -0.41
N ILE D 228 39.83 -20.13 0.80
CA ILE D 228 39.53 -18.83 1.37
C ILE D 228 40.81 -18.03 1.60
N GLN D 229 41.88 -18.71 2.03
CA GLN D 229 43.16 -18.02 2.21
C GLN D 229 43.67 -17.46 0.90
N ARG D 230 43.46 -18.18 -0.21
CA ARG D 230 43.85 -17.62 -1.52
C ARG D 230 43.01 -16.42 -1.93
N LYS D 231 41.75 -16.35 -1.47
CA LYS D 231 40.94 -15.16 -1.77
C LYS D 231 41.41 -13.95 -0.97
N LYS D 232 41.95 -14.16 0.23
CA LYS D 232 42.41 -13.06 1.08
C LYS D 232 43.86 -12.71 0.84
N PHE D 233 44.68 -13.69 0.47
CA PHE D 233 46.11 -13.52 0.25
C PHE D 233 46.46 -14.11 -1.11
N PRO D 234 46.07 -13.45 -2.20
CA PRO D 234 46.27 -14.05 -3.52
C PRO D 234 47.75 -14.26 -3.76
N PRO D 235 48.16 -15.39 -4.34
CA PRO D 235 49.59 -15.62 -4.54
C PRO D 235 50.17 -14.77 -5.65
N ASP D 236 49.34 -14.26 -6.54
CA ASP D 236 49.81 -13.42 -7.63
C ASP D 236 49.77 -11.96 -7.19
N ASN D 237 49.56 -11.04 -8.12
CA ASN D 237 49.49 -9.62 -7.81
C ASN D 237 48.06 -9.09 -7.96
N SER D 238 47.05 -9.94 -7.76
CA SER D 238 45.69 -9.43 -7.83
C SER D 238 45.15 -9.00 -6.46
N ALA D 239 44.05 -8.29 -6.53
CA ALA D 239 43.40 -7.77 -5.33
C ALA D 239 42.72 -8.89 -4.57
N PRO D 240 42.80 -8.88 -3.24
CA PRO D 240 41.97 -9.82 -2.47
C PRO D 240 40.51 -9.63 -2.82
N TYR D 241 39.74 -10.72 -2.76
CA TYR D 241 38.29 -10.63 -2.90
C TYR D 241 37.66 -9.93 -1.69
N GLY D 242 36.54 -9.27 -1.92
CA GLY D 242 35.74 -8.81 -0.80
C GLY D 242 34.95 -9.94 -0.15
N ALA D 243 34.55 -9.75 1.10
CA ALA D 243 33.73 -10.73 1.80
C ALA D 243 32.35 -10.14 2.08
N ARG D 244 31.32 -10.96 1.90
CA ARG D 244 29.94 -10.62 2.26
C ARG D 244 29.28 -11.90 2.74
N TYR D 245 28.55 -11.83 3.85
CA TYR D 245 27.78 -12.97 4.30
C TYR D 245 26.56 -12.45 5.06
N VAL D 246 25.42 -12.43 4.38
CA VAL D 246 24.20 -11.97 5.01
C VAL D 246 23.70 -12.98 6.03
N GLY D 247 23.93 -14.27 5.78
CA GLY D 247 23.35 -15.32 6.60
C GLY D 247 21.97 -15.75 6.17
N SER D 248 21.43 -15.16 5.13
CA SER D 248 20.16 -15.56 4.55
C SER D 248 20.45 -15.99 3.11
N MET D 249 20.16 -17.26 2.80
CA MET D 249 20.68 -17.85 1.56
C MET D 249 20.20 -17.10 0.32
N VAL D 250 18.93 -16.68 0.32
CA VAL D 250 18.40 -15.97 -0.84
C VAL D 250 19.15 -14.67 -1.08
N ALA D 251 19.44 -13.93 -0.02
CA ALA D 251 20.17 -12.69 -0.19
C ALA D 251 21.58 -12.95 -0.74
N ASP D 252 22.28 -13.92 -0.15
CA ASP D 252 23.66 -14.19 -0.57
C ASP D 252 23.71 -14.76 -1.98
N VAL D 253 22.76 -15.62 -2.34
CA VAL D 253 22.74 -16.17 -3.69
C VAL D 253 22.38 -15.08 -4.71
N HIS D 254 21.40 -14.24 -4.39
CA HIS D 254 21.02 -13.21 -5.35
C HIS D 254 22.16 -12.23 -5.59
N ARG D 255 22.87 -11.82 -4.54
CA ARG D 255 24.05 -10.99 -4.71
C ARG D 255 25.08 -11.69 -5.60
N THR D 256 25.28 -13.00 -5.39
CA THR D 256 26.21 -13.77 -6.21
C THR D 256 25.76 -13.75 -7.67
N LEU D 257 24.45 -13.90 -7.90
CA LEU D 257 23.92 -13.84 -9.26
C LEU D 257 24.16 -12.48 -9.89
N VAL D 258 23.94 -11.41 -9.14
CA VAL D 258 23.98 -10.07 -9.71
C VAL D 258 25.42 -9.58 -9.88
N TYR D 259 26.30 -9.87 -8.92
CA TYR D 259 27.65 -9.33 -8.94
C TYR D 259 28.72 -10.36 -9.28
N GLY D 260 28.38 -11.64 -9.30
CA GLY D 260 29.36 -12.67 -9.47
C GLY D 260 30.09 -13.00 -8.18
N GLY D 261 30.91 -14.04 -8.25
CA GLY D 261 31.62 -14.52 -7.10
C GLY D 261 31.18 -15.92 -6.73
N ILE D 262 31.33 -16.26 -5.47
CA ILE D 262 31.15 -17.63 -5.02
C ILE D 262 30.48 -17.60 -3.67
N PHE D 263 29.55 -18.52 -3.47
CA PHE D 263 28.85 -18.72 -2.20
C PHE D 263 29.13 -20.14 -1.73
N LEU D 264 29.48 -20.30 -0.45
CA LEU D 264 29.84 -21.61 0.08
C LEU D 264 29.07 -21.93 1.36
N TYR D 265 28.46 -23.11 1.40
CA TYR D 265 28.05 -23.74 2.65
C TYR D 265 28.53 -25.17 2.53
N PRO D 266 29.83 -25.40 2.73
CA PRO D 266 30.45 -26.68 2.38
C PRO D 266 30.34 -27.72 3.49
N ALA D 267 30.73 -28.93 3.13
CA ALA D 267 30.81 -30.03 4.09
C ALA D 267 32.04 -29.89 4.97
N ASN D 268 31.97 -30.48 6.15
CA ASN D 268 33.16 -30.69 6.98
C ASN D 268 32.98 -32.00 7.75
N LYS D 269 33.93 -32.28 8.66
CA LYS D 269 33.91 -33.54 9.41
C LYS D 269 32.68 -33.64 10.31
N LYS D 270 32.31 -32.52 10.96
CA LYS D 270 31.12 -32.53 11.80
C LYS D 270 29.84 -32.58 10.99
N SER D 271 29.86 -32.05 9.76
CA SER D 271 28.67 -31.96 8.91
C SER D 271 29.02 -32.46 7.52
N PRO D 272 29.21 -33.76 7.36
CA PRO D 272 29.70 -34.29 6.08
C PRO D 272 28.73 -34.11 4.92
N ASN D 273 27.45 -33.82 5.19
CA ASN D 273 26.51 -33.52 4.12
C ASN D 273 26.17 -32.03 4.06
N GLY D 274 26.95 -31.17 4.71
CA GLY D 274 26.56 -29.77 4.74
C GLY D 274 25.41 -29.57 5.72
N LYS D 275 24.87 -28.35 5.71
CA LYS D 275 23.71 -27.99 6.51
C LYS D 275 22.49 -27.56 5.72
N LEU D 276 22.66 -26.97 4.55
CA LEU D 276 21.50 -26.57 3.77
C LEU D 276 20.78 -27.79 3.23
N ARG D 277 19.50 -27.61 2.94
CA ARG D 277 18.63 -28.70 2.51
C ARG D 277 18.58 -28.81 0.99
N LEU D 278 18.72 -30.04 0.48
CA LEU D 278 18.86 -30.27 -0.95
C LEU D 278 17.61 -29.88 -1.73
N LEU D 279 16.44 -30.30 -1.24
CA LEU D 279 15.23 -30.27 -2.08
C LEU D 279 14.73 -28.84 -2.30
N TYR D 280 14.78 -28.00 -1.26
CA TYR D 280 14.15 -26.68 -1.34
C TYR D 280 15.12 -25.54 -1.02
N GLU D 281 16.43 -25.82 -0.93
CA GLU D 281 17.42 -24.74 -0.91
C GLU D 281 18.47 -24.93 -1.99
N CYS D 282 19.20 -26.05 -1.94
CA CYS D 282 20.34 -26.25 -2.83
C CYS D 282 19.90 -26.43 -4.28
N ASN D 283 18.95 -27.34 -4.53
CA ASN D 283 18.54 -27.63 -5.90
C ASN D 283 17.96 -26.44 -6.63
N PRO D 284 16.98 -25.70 -6.09
CA PRO D 284 16.48 -24.52 -6.81
C PRO D 284 17.56 -23.50 -7.10
N MET D 285 18.44 -23.23 -6.12
CA MET D 285 19.54 -22.30 -6.35
C MET D 285 20.55 -22.86 -7.34
N ALA D 286 20.79 -24.16 -7.29
CA ALA D 286 21.70 -24.76 -8.27
C ALA D 286 21.12 -24.63 -9.66
N TYR D 287 19.80 -24.78 -9.78
CA TYR D 287 19.13 -24.68 -11.07
C TYR D 287 19.19 -23.25 -11.59
N VAL D 288 18.92 -22.27 -10.73
CA VAL D 288 19.04 -20.87 -11.14
C VAL D 288 20.45 -20.59 -11.62
N MET D 289 21.45 -21.05 -10.86
CA MET D 289 22.83 -20.79 -11.22
C MET D 289 23.17 -21.37 -12.58
N GLU D 290 22.82 -22.64 -12.81
CA GLU D 290 23.20 -23.24 -14.08
C GLU D 290 22.46 -22.59 -15.23
N LYS D 291 21.20 -22.21 -15.03
CA LYS D 291 20.50 -21.53 -16.11
C LYS D 291 21.09 -20.17 -16.40
N ALA D 292 21.80 -19.57 -15.43
CA ALA D 292 22.48 -18.30 -15.65
C ALA D 292 23.92 -18.48 -16.10
N GLY D 293 24.31 -19.70 -16.44
CA GLY D 293 25.69 -19.97 -16.81
C GLY D 293 26.64 -20.10 -15.63
N GLY D 294 26.12 -20.31 -14.43
CA GLY D 294 26.92 -20.59 -13.27
C GLY D 294 27.05 -22.07 -12.99
N MET D 295 27.63 -22.36 -11.82
CA MET D 295 27.89 -23.73 -11.40
C MET D 295 27.47 -23.89 -9.94
N ALA D 296 27.16 -25.14 -9.60
CA ALA D 296 26.78 -25.48 -8.24
C ALA D 296 27.20 -26.91 -7.98
N THR D 297 28.13 -27.08 -7.04
CA THR D 297 28.76 -28.37 -6.78
C THR D 297 28.65 -28.69 -5.30
N THR D 298 28.61 -29.98 -4.98
CA THR D 298 28.79 -30.40 -3.60
C THR D 298 30.26 -30.51 -3.23
N GLY D 299 31.16 -30.32 -4.20
CA GLY D 299 32.55 -30.71 -4.02
C GLY D 299 32.84 -32.00 -4.74
N LYS D 300 31.91 -32.96 -4.64
CA LYS D 300 32.05 -34.27 -5.25
C LYS D 300 31.26 -34.44 -6.54
N GLU D 301 30.14 -33.72 -6.68
CA GLU D 301 29.33 -33.81 -7.88
C GLU D 301 28.52 -32.53 -8.00
N ALA D 302 27.91 -32.36 -9.17
CA ALA D 302 26.94 -31.29 -9.33
C ALA D 302 25.76 -31.53 -8.40
N VAL D 303 25.33 -30.46 -7.75
CA VAL D 303 24.16 -30.51 -6.86
C VAL D 303 22.96 -31.09 -7.59
N LEU D 304 22.74 -30.68 -8.82
CA LEU D 304 21.57 -31.12 -9.56
C LEU D 304 21.59 -32.61 -9.90
N ASP D 305 22.75 -33.28 -9.75
CA ASP D 305 22.89 -34.72 -10.00
C ASP D 305 22.73 -35.58 -8.76
N VAL D 306 22.68 -34.99 -7.56
CA VAL D 306 22.44 -35.79 -6.36
C VAL D 306 21.03 -36.38 -6.44
N ILE D 307 20.92 -37.69 -6.24
CA ILE D 307 19.61 -38.33 -6.20
C ILE D 307 19.22 -38.42 -4.72
N PRO D 308 18.17 -37.72 -4.29
CA PRO D 308 17.83 -37.72 -2.86
C PRO D 308 17.12 -39.00 -2.45
N THR D 309 17.33 -39.39 -1.19
CA THR D 309 16.63 -40.49 -0.55
C THR D 309 15.75 -40.03 0.60
N ASP D 310 15.85 -38.77 1.00
CA ASP D 310 15.13 -38.21 2.13
C ASP D 310 14.69 -36.81 1.77
N ILE D 311 13.42 -36.47 2.01
CA ILE D 311 12.94 -35.16 1.56
C ILE D 311 13.62 -34.01 2.30
N HIS D 312 14.16 -34.24 3.49
CA HIS D 312 14.85 -33.18 4.24
C HIS D 312 16.36 -33.35 4.25
N GLN D 313 16.93 -34.12 3.31
CA GLN D 313 18.36 -34.37 3.39
C GLN D 313 19.17 -33.11 3.09
N ARG D 314 20.35 -33.04 3.68
CA ARG D 314 21.23 -31.90 3.49
C ARG D 314 22.19 -32.16 2.33
N ALA D 315 22.74 -31.08 1.79
CA ALA D 315 23.73 -31.21 0.77
C ALA D 315 24.70 -30.06 0.95
N PRO D 316 25.99 -30.28 0.76
CA PRO D 316 26.92 -29.16 0.67
C PRO D 316 26.69 -28.45 -0.65
N VAL D 317 26.94 -27.14 -0.65
CA VAL D 317 26.75 -26.35 -1.85
C VAL D 317 27.83 -25.29 -1.92
N ILE D 318 28.48 -25.22 -3.08
CA ILE D 318 29.42 -24.18 -3.46
C ILE D 318 28.97 -23.72 -4.85
N LEU D 319 28.57 -22.46 -4.98
CA LEU D 319 27.96 -22.04 -6.23
C LEU D 319 28.39 -20.63 -6.58
N GLY D 320 28.12 -20.26 -7.83
CA GLY D 320 28.42 -18.94 -8.34
C GLY D 320 29.11 -18.96 -9.69
N SER D 321 30.00 -17.99 -9.90
CA SER D 321 30.68 -17.85 -11.18
C SER D 321 31.50 -19.10 -11.48
N PRO D 322 31.47 -19.59 -12.73
CA PRO D 322 32.12 -20.88 -13.05
C PRO D 322 33.62 -20.88 -12.79
N ASP D 323 34.33 -19.83 -13.16
CA ASP D 323 35.76 -19.77 -12.89
C ASP D 323 36.05 -19.89 -11.40
N ASP D 324 35.23 -19.25 -10.55
CA ASP D 324 35.45 -19.33 -9.11
C ASP D 324 35.16 -20.73 -8.59
N VAL D 325 34.03 -21.31 -9.02
CA VAL D 325 33.70 -22.67 -8.57
C VAL D 325 34.74 -23.68 -9.07
N LEU D 326 35.19 -23.51 -10.32
CA LEU D 326 36.22 -24.42 -10.83
C LEU D 326 37.52 -24.32 -10.04
N GLU D 327 37.89 -23.10 -9.67
CA GLU D 327 39.06 -22.91 -8.84
C GLU D 327 38.87 -23.60 -7.49
N PHE D 328 37.69 -23.47 -6.90
CA PHE D 328 37.43 -24.17 -5.65
C PHE D 328 37.59 -25.66 -5.84
N LEU D 329 37.08 -26.20 -6.95
CA LEU D 329 37.18 -27.62 -7.21
C LEU D 329 38.63 -28.04 -7.39
N LYS D 330 39.46 -27.18 -7.98
CA LYS D 330 40.89 -27.46 -8.09
C LYS D 330 41.51 -27.61 -6.72
N VAL D 331 41.22 -26.69 -5.80
CA VAL D 331 41.75 -26.80 -4.45
C VAL D 331 41.15 -28.00 -3.74
N TYR D 332 39.85 -28.23 -3.96
CA TYR D 332 39.19 -29.35 -3.32
C TYR D 332 39.87 -30.66 -3.70
N GLU D 333 40.15 -30.83 -5.00
CA GLU D 333 40.82 -32.06 -5.44
C GLU D 333 42.21 -32.18 -4.83
N LYS D 334 42.92 -31.04 -4.71
CA LYS D 334 44.26 -31.08 -4.15
C LYS D 334 44.26 -31.76 -2.78
N HIS D 335 43.22 -31.55 -1.98
CA HIS D 335 43.10 -32.21 -0.69
C HIS D 335 42.32 -33.52 -0.73
N SER D 336 42.04 -34.08 -1.89
CA SER D 336 41.24 -35.31 -1.94
C SER D 336 42.05 -36.59 -2.06
C6 96J E . -0.40 23.21 21.46
C9 96J E . 4.24 23.90 21.17
C10 96J E . -3.69 23.63 20.31
C3 96J E . 3.11 24.25 21.91
C2 96J E . 1.96 23.68 21.43
C14 96J E . -3.71 22.88 19.14
C16 96J E . -4.21 23.43 17.96
C17 96J E . 5.65 24.31 21.37
C18 96J E . -4.16 24.93 20.34
C19 96J E . -4.64 25.49 19.16
C20 96J E . -4.67 24.74 18.00
C21 96J E . -4.24 22.64 16.69
N4 96J E . -1.58 23.47 22.10
N5 96J E . 0.71 23.86 21.98
N8 96J E . 3.99 23.07 20.13
O11 96J E . -2.97 21.48 21.54
O12 96J E . -3.88 23.36 22.88
O13 96J E . -0.35 22.46 20.49
S1 96J E . -3.08 22.88 21.78
S7 96J E . 2.38 22.72 20.06
BR15 96J E . 3.14 25.39 23.41
C6 96J F . -7.68 -19.40 -23.73
C9 96J F . -4.95 -22.84 -22.08
C10 96J F . -10.61 -17.53 -23.69
C3 96J F . -5.73 -22.47 -23.18
C2 96J F . -6.32 -21.24 -23.02
C14 96J F . -10.55 -16.80 -22.51
C16 96J F . -11.61 -16.79 -21.62
C17 96J F . -4.17 -24.10 -21.90
C18 96J F . -11.76 -18.24 -24.02
C19 96J F . -12.83 -18.23 -23.14
C20 96J F . -12.75 -17.51 -21.95
C21 96J F . -11.54 -16.01 -20.34
N4 96J F . -8.47 -18.92 -24.72
N5 96J F . -7.13 -20.65 -23.95
N8 96J F . -4.92 -21.96 -21.10
O11 96J F . -8.32 -16.52 -24.33
O12 96J F . -9.76 -17.43 -26.13
O13 96J F . -7.51 -18.74 -22.70
S1 96J F . -9.25 -17.51 -24.79
S7 96J F . -5.85 -20.64 -21.48
BR15 96J F . -5.95 -23.52 -24.70
C6 96J G . 8.60 20.70 22.32
C9 96J G . 4.15 21.18 23.82
C10 96J G . 11.66 18.99 22.18
C3 96J G . 5.44 21.69 23.98
C2 96J G . 6.36 21.03 23.20
C14 96J G . 11.39 17.83 21.49
C16 96J G . 11.78 16.59 21.99
C17 96J G . 2.89 21.63 24.49
C18 96J G . 12.35 18.97 23.38
C19 96J G . 12.75 17.73 23.88
C20 96J G . 12.46 16.57 23.20
C21 96J G . 11.47 15.32 21.24
N4 96J G . 9.90 21.10 22.38
N5 96J G . 7.72 21.36 23.18
N8 96J G . 4.05 20.15 22.96
O11 96J G . 10.69 20.31 20.16
O12 96J G . 12.19 21.50 21.73
O13 96J G . 8.27 19.82 21.54
S1 96J G . 11.15 20.53 21.50
S7 96J G . 5.54 19.81 22.32
BR15 96J G . 5.89 23.13 25.12
C6 96J H . 0.28 -23.49 -21.07
C9 96J H . -2.49 -21.10 -24.05
C10 96J H . 3.38 -24.24 -19.59
C3 96J H . -1.85 -22.33 -23.85
C2 96J H . -1.08 -22.34 -22.72
C14 96J H . 3.66 -23.12 -18.82
C16 96J H . 4.91 -22.51 -18.90
C17 96J H . -3.40 -20.71 -25.16
C18 96J H . 4.32 -24.79 -20.43
C19 96J H . 5.57 -24.20 -20.52
C20 96J H . 5.86 -23.07 -19.76
C21 96J H . 5.23 -21.28 -18.08
N4 96J H . 0.96 -24.63 -20.81
N5 96J H . -0.36 -23.44 -22.30
N8 96J H . -2.22 -20.18 -23.14
O11 96J H . 1.09 -24.41 -18.35
O12 96J H . 1.96 -26.41 -19.51
O13 96J H . 0.26 -22.56 -20.26
S1 96J H . 1.79 -25.00 -19.46
S7 96J H . -1.19 -20.79 -21.99
BR15 96J H . -2.03 -23.82 -24.96
#